data_3UWX
#
_entry.id   3UWX
#
_cell.length_a   216.823
_cell.length_b   216.823
_cell.length_c   116.802
_cell.angle_alpha   90.000
_cell.angle_beta   90.000
_cell.angle_gamma   90.000
#
_symmetry.space_group_name_H-M   'P 42 21 2'
#
loop_
_entity.id
_entity.type
_entity.pdbx_description
1 polymer 'Excinuclease ABC, A subunit'
2 polymer 'UvrABC system protein B'
3 non-polymer 'ZINC ION'
#
loop_
_entity_poly.entity_id
_entity_poly.type
_entity_poly.pdbx_seq_one_letter_code
_entity_poly.pdbx_strand_id
1 'polypeptide(L)'
;MGSSHHHHHHSSGLVPRGSHMDKIIVKGARAHNLKNIDVEIPRGKLVVLTGLSGSGKSSLAFDTIYAEGQRRYVESLSAY
ARQFLGQMEKPDVDAIEGLSPAISIDQKTTSRNPRSTVGTVTEIYDYLRLLFARIGRPICPTHGIEIQSQTIEQMVDRLL
SYPERTKMQILAPIVSGKKGTHAKTLEDIRKQGYVRVRIDREMRELTGDIELEKNKKHSIDVVVDRIIIKDGIAARLADS
LETALKLADGKVVVDVIGEGELLFSEKHACPYCGFSIGELEPRLFSFNSPFGACPDCDGLGAKLEVDLDLVIPNDELTLK
EHAIAPWEPQSSQYYPQLLEAVCRHYGIPMDVPVKDLPKEQLDKILYGSGGEPIYFRYTNDFGQVREQYIAFEGVIPNVE
RRYRETSSDYIREQMEKYMAEQPCPTCQGYRLKKESLAVLVGGKHIGEVTAMSVTEALAFFDGLELTEKEAQIARLILRE
IRDRLGFLQNVGLDYLTLSRSAGTLSGGEAQRIRLATQIGSRLTGVLYVLDEPSIGLHQRDNDRLIATLKSMRDLGNTLI
VVEHDEDTMLAADYLIDIGPGAGIHGGEVVAAGTPEEVMNDPNSLTGQYLSGKKFIPIPAERRRPDGRWLEVVGAREHNL
KNVSVKIPLGTFVAVTGVSGSGKSTLVNEVLYKALAQKLHRAKAKPGEHRDIRGLEHLDKVIDIDQSPIGRTPRSNPATY
TGVFDDIRDVFASTNEAKVRGYKKGRFSFNVKGGRCEACHGDGIIKIEMHFLPDVYVPCEVCHGKRYNRETLEVTYKGKN
IAEVLDMTVEDALDFFASIPKIKRKLETLYDVGLGYMKLGQPATTLSGGEAQRVKLAAELHRRSNGRTLYILDEPTTGLH
VDDIARLLDVLHRLVDNGDTVLVIEHNLDVIKTADYIIDLGPEGGDRGGQIVAVGTPEEVAEVKESHTGRYLKPILERDR
ARMQARYEAAKA
;
A
2 'polypeptide(L)'
;MGSSHHHHHHSSGLVPRGSHMGPKKVEGRFQLVSPYEPQGDQPQAIAKLVDGLRLGVKHQTLLGATGTGKTFTISNVIAQ
VNKPTLVIAHNKTLAGQLHSELKEFFPHNAVEYFVSYYDYYQPEAYVPQTDTYIEKDAKINDEIDKLRHSATSALFERRD
VIIVASVSCIYGLGSPEEYRELVVSLRVGMEIERNALLRRLVDIQYDRNDIDFRRGTFRVRGDVVEIFPASRDEHCIRVE
FFGDEIERIREVDALTGEVLGEREHVAIFPASHFVTREEKMRLAIQNIEQELEERLAELRAQGKLLEAQRLEQRTRYDLE
MMREMGFCSGIENYSRHLALRPPGSTPYTLLDYFPDDFLIIVDESHVTLPQLRGMYNGDRARKQVLVDHGFRLPSALDNR
PLTFEEFEQKINQIIYISATPGPYELEHSPGVVEQIIRPTGLLDPTIDVRPTKGQIDDLIGEIHERVERNERTLVTTLTK
KMAEDLTDYLKEAGIKVAYLHSEIKTLERIEIIRDLRLGKYDVLVGINLLREGLDIPEVSLVAILDADKEGFLRSERSLI
QTIGRAARNANGHVIMYADTITKSMEIAIQETKRRRAIQEEYNRKHGIVPRTVKKEIRDVIRATYAAEETEMYEAKPAAA
MTKQEREELIRKLEAEMKEAAKALDFERAAQLRDIIFELKAEG
;
B
#
# COMPACT_ATOMS: atom_id res chain seq x y z
N MET A 21 -39.64 37.48 10.80
CA MET A 21 -39.40 38.69 11.58
C MET A 21 -38.72 38.38 12.91
N ASP A 22 -39.28 38.88 14.01
CA ASP A 22 -38.70 38.66 15.32
C ASP A 22 -39.55 37.75 16.21
N LYS A 23 -40.49 37.05 15.60
CA LYS A 23 -41.36 36.14 16.35
C LYS A 23 -42.08 35.17 15.43
N ILE A 24 -42.28 33.95 15.91
CA ILE A 24 -42.98 32.92 15.14
C ILE A 24 -44.46 32.84 15.54
N ILE A 25 -45.34 33.00 14.57
CA ILE A 25 -46.77 33.05 14.83
C ILE A 25 -47.50 31.84 14.23
N VAL A 26 -48.32 31.18 15.04
CA VAL A 26 -49.12 30.07 14.54
C VAL A 26 -50.62 30.32 14.67
N LYS A 27 -51.34 30.15 13.57
CA LYS A 27 -52.76 30.48 13.51
C LYS A 27 -53.65 29.25 13.41
N GLY A 28 -54.58 29.12 14.35
CA GLY A 28 -55.63 28.11 14.28
C GLY A 28 -55.20 26.66 14.24
N ALA A 29 -54.38 26.25 15.20
CA ALA A 29 -53.95 24.86 15.30
C ALA A 29 -55.01 23.99 15.98
N ARG A 30 -55.20 22.79 15.45
CA ARG A 30 -56.17 21.85 16.02
C ARG A 30 -55.64 20.42 16.00
N ALA A 31 -54.36 20.28 16.30
CA ALA A 31 -53.65 19.00 16.20
C ALA A 31 -54.46 17.81 16.68
N HIS A 32 -54.59 17.70 17.98
CA HIS A 32 -55.44 16.66 18.56
C HIS A 32 -56.61 17.32 19.27
N ASN A 33 -56.35 17.78 20.49
CA ASN A 33 -57.39 18.38 21.31
C ASN A 33 -57.37 19.91 21.26
N LEU A 34 -56.47 20.46 20.45
CA LEU A 34 -56.34 21.92 20.33
C LEU A 34 -57.61 22.56 19.76
N LYS A 35 -58.00 23.69 20.35
CA LYS A 35 -59.28 24.33 20.05
C LYS A 35 -59.16 25.48 19.05
N ASN A 36 -58.58 25.21 17.89
CA ASN A 36 -58.39 26.23 16.85
C ASN A 36 -57.69 27.47 17.39
N ILE A 37 -56.60 27.25 18.11
CA ILE A 37 -55.95 28.30 18.85
C ILE A 37 -54.90 29.08 18.05
N ASP A 38 -54.78 30.36 18.37
CA ASP A 38 -53.71 31.18 17.83
C ASP A 38 -52.70 31.42 18.94
N VAL A 39 -51.42 31.38 18.59
CA VAL A 39 -50.39 31.65 19.58
C VAL A 39 -49.09 32.22 18.97
N GLU A 40 -48.57 33.26 19.62
CA GLU A 40 -47.32 33.87 19.24
C GLU A 40 -46.19 33.38 20.14
N ILE A 41 -45.05 33.08 19.54
CA ILE A 41 -43.89 32.60 20.28
C ILE A 41 -42.68 33.45 19.93
N PRO A 42 -42.02 34.01 20.95
CA PRO A 42 -40.87 34.91 20.74
C PRO A 42 -39.67 34.19 20.13
N ARG A 43 -39.13 34.76 19.06
CA ARG A 43 -38.00 34.17 18.35
C ARG A 43 -36.72 34.24 19.20
N GLY A 44 -35.88 33.22 19.08
CA GLY A 44 -34.56 33.22 19.70
C GLY A 44 -34.52 33.37 21.20
N LYS A 45 -35.59 32.96 21.88
CA LYS A 45 -35.64 33.01 23.33
C LYS A 45 -36.09 31.68 23.92
N LEU A 46 -35.67 31.41 25.15
CA LEU A 46 -36.02 30.16 25.82
C LEU A 46 -37.51 30.12 26.12
N VAL A 47 -38.28 29.54 25.20
CA VAL A 47 -39.71 29.43 25.40
C VAL A 47 -40.04 28.12 26.09
N VAL A 48 -40.89 28.16 27.11
CA VAL A 48 -41.26 26.95 27.84
C VAL A 48 -42.76 26.67 27.85
N LEU A 49 -43.14 25.51 27.31
CA LEU A 49 -44.53 25.08 27.32
C LEU A 49 -44.82 24.23 28.54
N THR A 50 -45.93 24.52 29.23
CA THR A 50 -46.32 23.81 30.43
C THR A 50 -47.83 23.64 30.53
N GLY A 51 -48.24 22.79 31.45
CA GLY A 51 -49.65 22.50 31.66
C GLY A 51 -49.82 21.14 32.29
N LEU A 52 -51.06 20.71 32.43
CA LEU A 52 -51.38 19.40 33.00
C LEU A 52 -51.07 18.29 32.02
N SER A 53 -51.06 17.05 32.50
CA SER A 53 -50.76 15.90 31.66
C SER A 53 -51.84 15.65 30.60
N GLY A 54 -51.48 15.95 29.36
CA GLY A 54 -52.37 15.73 28.23
C GLY A 54 -53.18 16.96 27.84
N SER A 55 -52.71 18.12 28.28
CA SER A 55 -53.39 19.37 27.98
C SER A 55 -53.18 19.77 26.53
N GLY A 56 -52.21 19.13 25.90
CA GLY A 56 -51.92 19.36 24.49
C GLY A 56 -50.59 20.02 24.26
N LYS A 57 -49.61 19.71 25.11
CA LYS A 57 -48.28 20.30 24.97
C LYS A 57 -47.55 19.71 23.77
N SER A 58 -47.61 18.39 23.65
CA SER A 58 -46.95 17.69 22.55
C SER A 58 -47.67 17.96 21.23
N SER A 59 -48.99 18.09 21.31
CA SER A 59 -49.81 18.38 20.14
C SER A 59 -49.42 19.71 19.49
N LEU A 60 -49.02 20.67 20.30
CA LEU A 60 -48.59 21.97 19.79
C LEU A 60 -47.12 21.93 19.42
N ALA A 61 -46.28 21.64 20.40
CA ALA A 61 -44.83 21.69 20.22
C ALA A 61 -44.32 20.73 19.16
N PHE A 62 -44.76 19.48 19.23
CA PHE A 62 -44.22 18.44 18.37
C PHE A 62 -45.09 18.09 17.18
N ASP A 63 -46.38 17.87 17.42
CA ASP A 63 -47.28 17.43 16.36
C ASP A 63 -47.70 18.57 15.43
N THR A 64 -47.31 19.80 15.76
CA THR A 64 -47.68 20.95 14.96
C THR A 64 -46.48 21.75 14.48
N ILE A 65 -45.76 22.38 15.40
CA ILE A 65 -44.66 23.28 15.05
C ILE A 65 -43.46 22.52 14.47
N TYR A 66 -42.98 21.52 15.19
CA TYR A 66 -41.83 20.75 14.74
C TYR A 66 -42.12 19.94 13.48
N ALA A 67 -43.36 19.48 13.34
CA ALA A 67 -43.78 18.71 12.17
C ALA A 67 -43.67 19.55 10.91
N GLU A 68 -44.28 20.74 10.95
CA GLU A 68 -44.19 21.69 9.85
C GLU A 68 -42.76 22.12 9.59
N GLY A 69 -42.00 22.34 10.66
CA GLY A 69 -40.63 22.81 10.54
C GLY A 69 -39.70 21.81 9.87
N GLN A 70 -39.85 20.54 10.23
CA GLN A 70 -39.09 19.48 9.59
C GLN A 70 -39.58 19.27 8.15
N ARG A 71 -40.89 19.20 8.00
CA ARG A 71 -41.46 18.90 6.68
C ARG A 71 -41.08 19.95 5.65
N ARG A 72 -41.36 21.22 5.91
CA ARG A 72 -41.01 22.30 4.99
C ARG A 72 -39.55 22.29 4.50
N TYR A 73 -38.63 21.86 5.36
CA TYR A 73 -37.22 21.79 4.95
C TYR A 73 -36.94 20.53 4.14
N VAL A 74 -37.31 19.37 4.67
CA VAL A 74 -37.00 18.10 4.01
C VAL A 74 -37.69 17.98 2.65
N GLU A 75 -38.83 18.65 2.54
CA GLU A 75 -39.64 18.69 1.34
C GLU A 75 -38.98 19.51 0.23
N SER A 76 -37.91 20.21 0.57
CA SER A 76 -37.20 21.05 -0.39
C SER A 76 -35.82 20.52 -0.71
N LEU A 77 -35.50 19.34 -0.16
CA LEU A 77 -34.21 18.71 -0.38
C LEU A 77 -34.10 18.18 -1.81
N SER A 78 -35.25 17.82 -2.39
CA SER A 78 -35.31 17.37 -3.79
C SER A 78 -36.75 17.42 -4.31
N ALA A 79 -36.96 16.92 -5.52
CA ALA A 79 -38.28 16.89 -6.13
C ALA A 79 -39.05 15.65 -5.69
N TYR A 80 -38.37 14.50 -5.69
CA TYR A 80 -38.98 13.25 -5.26
C TYR A 80 -39.35 13.33 -3.79
N ALA A 81 -38.59 14.11 -3.02
CA ALA A 81 -38.89 14.33 -1.61
C ALA A 81 -40.19 15.09 -1.45
N ARG A 82 -40.38 16.11 -2.29
CA ARG A 82 -41.60 16.93 -2.24
C ARG A 82 -42.80 16.11 -2.72
N GLN A 83 -42.55 15.19 -3.65
CA GLN A 83 -43.59 14.33 -4.18
C GLN A 83 -44.02 13.30 -3.15
N PHE A 84 -43.05 12.79 -2.40
CA PHE A 84 -43.29 11.75 -1.42
C PHE A 84 -43.90 12.32 -0.15
N LEU A 85 -43.48 13.52 0.23
CA LEU A 85 -43.94 14.16 1.46
C LEU A 85 -45.26 14.90 1.29
N GLY A 86 -45.41 15.62 0.18
CA GLY A 86 -46.60 16.41 -0.06
C GLY A 86 -47.88 15.61 -0.27
N GLN A 87 -47.75 14.32 -0.49
CA GLN A 87 -48.91 13.47 -0.78
C GLN A 87 -49.44 12.80 0.50
N MET A 88 -48.66 12.86 1.57
CA MET A 88 -49.07 12.28 2.85
C MET A 88 -50.01 13.20 3.62
N GLU A 89 -49.99 13.10 4.94
CA GLU A 89 -50.86 13.90 5.77
C GLU A 89 -50.09 14.99 6.52
N LYS A 90 -50.39 16.24 6.19
CA LYS A 90 -49.76 17.40 6.80
C LYS A 90 -50.51 17.79 8.07
N PRO A 91 -49.83 18.45 9.02
CA PRO A 91 -50.44 18.86 10.28
C PRO A 91 -51.74 19.67 10.09
N ASP A 92 -52.62 19.62 11.09
CA ASP A 92 -53.91 20.28 11.01
C ASP A 92 -53.78 21.74 11.45
N VAL A 93 -53.20 22.55 10.57
CA VAL A 93 -53.00 23.96 10.87
C VAL A 93 -53.36 24.83 9.67
N ASP A 94 -53.97 25.99 9.96
CA ASP A 94 -54.22 27.01 8.97
C ASP A 94 -52.91 27.45 8.34
N ALA A 95 -52.21 28.34 9.03
CA ALA A 95 -50.91 28.81 8.59
C ALA A 95 -50.03 28.99 9.82
N ILE A 96 -48.72 28.89 9.61
CA ILE A 96 -47.77 29.07 10.70
C ILE A 96 -46.50 29.73 10.17
N GLU A 97 -46.44 31.05 10.31
CA GLU A 97 -45.39 31.84 9.67
C GLU A 97 -44.29 32.26 10.64
N GLY A 98 -43.08 32.41 10.11
CA GLY A 98 -41.92 32.74 10.94
C GLY A 98 -41.19 31.47 11.33
N LEU A 99 -41.46 30.39 10.58
CA LEU A 99 -40.89 29.09 10.87
C LEU A 99 -39.38 29.06 10.65
N SER A 100 -38.74 28.07 11.24
CA SER A 100 -37.34 27.78 10.97
C SER A 100 -37.22 26.27 10.84
N PRO A 101 -36.16 25.80 10.17
CA PRO A 101 -35.89 24.35 10.10
C PRO A 101 -35.84 23.78 11.51
N ALA A 102 -36.55 22.67 11.73
CA ALA A 102 -36.78 22.18 13.08
C ALA A 102 -36.05 20.89 13.41
N ILE A 103 -35.57 20.80 14.64
CA ILE A 103 -34.86 19.61 15.13
C ILE A 103 -35.37 19.25 16.52
N SER A 104 -35.91 18.04 16.65
CA SER A 104 -36.50 17.60 17.90
C SER A 104 -35.52 16.81 18.76
N ILE A 105 -35.55 17.06 20.06
CA ILE A 105 -34.73 16.31 21.00
C ILE A 105 -35.61 15.62 22.03
N ASP A 106 -35.90 14.35 21.79
CA ASP A 106 -36.71 13.57 22.71
C ASP A 106 -36.19 12.14 22.77
N GLN A 107 -37.01 11.25 23.32
CA GLN A 107 -36.64 9.85 23.41
C GLN A 107 -37.07 9.12 22.14
N LYS A 108 -37.89 9.76 21.33
CA LYS A 108 -38.44 9.14 20.12
C LYS A 108 -37.39 8.98 19.02
N THR A 109 -36.36 9.82 19.06
CA THR A 109 -35.34 9.82 18.01
C THR A 109 -33.95 9.44 18.53
N THR A 110 -33.90 8.60 19.57
CA THR A 110 -32.62 8.09 20.08
C THR A 110 -32.44 6.61 19.74
N SER A 111 -31.23 6.22 19.34
CA SER A 111 -30.95 4.86 18.89
C SER A 111 -30.92 3.82 20.02
N ARG A 112 -31.78 2.80 19.91
CA ARG A 112 -31.79 1.69 20.86
C ARG A 112 -31.39 0.41 20.14
N ASN A 113 -30.87 0.59 18.92
CA ASN A 113 -30.50 -0.52 18.06
C ASN A 113 -29.03 -0.88 18.23
N PRO A 114 -28.75 -2.19 18.43
CA PRO A 114 -27.43 -2.75 18.71
C PRO A 114 -26.33 -2.34 17.74
N ARG A 115 -25.08 -2.64 18.13
CA ARG A 115 -23.87 -2.25 17.43
C ARG A 115 -23.53 -0.76 17.62
N SER A 116 -24.49 0.02 18.08
CA SER A 116 -24.26 1.45 18.33
C SER A 116 -23.77 1.70 19.75
N THR A 117 -22.87 2.67 19.90
CA THR A 117 -22.34 3.03 21.21
C THR A 117 -22.53 4.51 21.52
N VAL A 118 -22.19 4.90 22.74
CA VAL A 118 -22.24 6.31 23.16
C VAL A 118 -21.26 7.12 22.32
N GLY A 119 -20.09 6.53 22.06
CA GLY A 119 -19.10 7.17 21.23
C GLY A 119 -19.58 7.39 19.82
N THR A 120 -20.40 6.48 19.30
CA THR A 120 -20.88 6.57 17.93
C THR A 120 -22.03 7.56 17.79
N VAL A 121 -22.93 7.55 18.77
CA VAL A 121 -24.09 8.43 18.75
C VAL A 121 -23.68 9.89 18.97
N THR A 122 -22.77 10.12 19.91
CA THR A 122 -22.30 11.47 20.20
C THR A 122 -21.27 11.95 19.17
N GLU A 123 -21.00 11.09 18.19
CA GLU A 123 -20.09 11.40 17.07
C GLU A 123 -18.62 11.50 17.51
N ILE A 124 -18.39 11.37 18.81
CA ILE A 124 -17.07 11.50 19.41
C ILE A 124 -16.09 10.43 18.90
N TYR A 125 -16.57 9.20 18.80
CA TYR A 125 -15.72 8.08 18.41
C TYR A 125 -15.13 8.27 17.01
N ASP A 126 -15.90 8.86 16.10
CA ASP A 126 -15.43 9.14 14.75
C ASP A 126 -14.25 10.11 14.80
N TYR A 127 -14.39 11.15 15.61
CA TYR A 127 -13.31 12.10 15.86
C TYR A 127 -12.10 11.40 16.46
N LEU A 128 -12.35 10.40 17.29
CA LEU A 128 -11.25 9.59 17.83
C LEU A 128 -10.53 8.84 16.70
N ARG A 129 -11.29 8.30 15.77
CA ARG A 129 -10.72 7.59 14.63
C ARG A 129 -9.85 8.54 13.81
N LEU A 130 -10.36 9.73 13.57
CA LEU A 130 -9.64 10.78 12.85
C LEU A 130 -8.31 11.10 13.55
N LEU A 131 -8.39 11.26 14.87
CA LEU A 131 -7.21 11.57 15.67
C LEU A 131 -6.15 10.49 15.56
N PHE A 132 -6.57 9.24 15.72
CA PHE A 132 -5.64 8.10 15.62
C PHE A 132 -5.09 7.95 14.21
N ALA A 133 -5.85 8.42 13.22
CA ALA A 133 -5.41 8.35 11.83
C ALA A 133 -4.32 9.39 11.58
N ARG A 134 -4.54 10.61 12.07
CA ARG A 134 -3.60 11.70 11.84
C ARG A 134 -2.26 11.55 12.56
N ILE A 135 -2.29 11.47 13.89
CA ILE A 135 -1.07 11.56 14.69
C ILE A 135 -0.70 10.25 15.38
N GLY A 136 -1.46 9.20 15.10
CA GLY A 136 -1.25 7.91 15.75
C GLY A 136 0.05 7.24 15.34
N ARG A 137 0.78 6.79 16.34
CA ARG A 137 2.06 6.11 16.14
C ARG A 137 1.85 4.59 16.19
N PRO A 138 1.90 3.93 15.01
CA PRO A 138 1.67 2.48 14.96
C PRO A 138 2.91 1.74 15.45
N ILE A 139 2.69 0.72 16.29
CA ILE A 139 3.80 -0.07 16.80
C ILE A 139 3.63 -1.56 16.52
N CYS A 140 4.76 -2.25 16.43
CA CYS A 140 4.78 -3.69 16.25
C CYS A 140 4.34 -4.37 17.54
N PRO A 141 3.40 -5.32 17.45
CA PRO A 141 2.94 -6.02 18.64
C PRO A 141 4.04 -6.84 19.29
N THR A 142 4.78 -7.57 18.45
CA THR A 142 5.86 -8.43 18.91
C THR A 142 7.03 -7.63 19.47
N HIS A 143 7.42 -6.56 18.78
CA HIS A 143 8.65 -5.86 19.12
C HIS A 143 8.46 -4.53 19.84
N GLY A 144 7.26 -3.97 19.77
CA GLY A 144 6.94 -2.74 20.47
C GLY A 144 7.69 -1.51 20.00
N ILE A 145 8.16 -1.55 18.74
CA ILE A 145 8.85 -0.40 18.16
C ILE A 145 7.97 0.33 17.15
N GLU A 146 7.98 1.66 17.20
CA GLU A 146 7.20 2.46 16.27
C GLU A 146 7.66 2.24 14.83
N ILE A 147 6.88 1.43 14.10
CA ILE A 147 7.18 1.16 12.71
C ILE A 147 6.96 2.41 11.86
N GLN A 148 8.00 2.79 11.11
CA GLN A 148 8.02 4.06 10.40
C GLN A 148 7.99 3.92 8.88
N SER A 149 7.56 4.99 8.21
CA SER A 149 7.49 5.01 6.75
C SER A 149 8.19 6.25 6.22
N GLN A 150 9.11 6.06 5.27
CA GLN A 150 9.87 7.18 4.72
C GLN A 150 10.10 7.09 3.22
N THR A 151 10.41 8.25 2.64
CA THR A 151 11.09 8.31 1.36
C THR A 151 12.54 8.56 1.75
N ILE A 152 13.43 8.63 0.77
CA ILE A 152 14.84 8.78 1.08
C ILE A 152 15.15 10.16 1.68
N GLU A 153 14.44 11.17 1.20
CA GLU A 153 14.49 12.52 1.74
C GLU A 153 14.55 12.55 3.28
N GLN A 154 13.51 12.00 3.89
CA GLN A 154 13.31 12.08 5.34
C GLN A 154 14.36 11.23 6.03
N MET A 155 14.90 10.27 5.28
CA MET A 155 16.00 9.49 5.79
C MET A 155 17.24 10.36 5.90
N VAL A 156 17.62 11.01 4.80
CA VAL A 156 18.83 11.83 4.77
C VAL A 156 18.77 12.94 5.83
N ASP A 157 17.62 13.60 5.94
CA ASP A 157 17.45 14.71 6.87
C ASP A 157 17.88 14.41 8.32
N ARG A 158 17.32 13.34 8.89
CA ARG A 158 17.64 12.93 10.26
C ARG A 158 19.14 12.65 10.42
N LEU A 159 19.73 12.03 9.40
CA LEU A 159 21.17 11.80 9.39
C LEU A 159 21.94 13.12 9.34
N LEU A 160 21.30 14.15 8.80
CA LEU A 160 21.93 15.47 8.71
C LEU A 160 21.75 16.28 10.00
N SER A 161 20.80 15.86 10.83
CA SER A 161 20.54 16.54 12.11
C SER A 161 21.79 16.66 12.99
N TYR A 162 22.57 15.60 13.05
CA TYR A 162 23.78 15.55 13.86
C TYR A 162 24.78 16.58 13.36
N PRO A 163 25.50 17.23 14.30
CA PRO A 163 26.39 18.37 14.02
C PRO A 163 27.48 18.08 13.00
N GLU A 164 28.19 19.13 12.58
CA GLU A 164 29.31 19.00 11.66
C GLU A 164 30.33 17.99 12.17
N ARG A 165 30.95 17.27 11.24
CA ARG A 165 31.99 16.29 11.56
C ARG A 165 31.51 15.11 12.40
N THR A 166 30.32 14.60 12.07
CA THR A 166 29.78 13.41 12.72
C THR A 166 29.99 12.18 11.82
N LYS A 167 30.35 11.05 12.41
CA LYS A 167 30.65 9.85 11.63
C LYS A 167 29.67 8.72 11.91
N MET A 168 29.54 7.81 10.96
CA MET A 168 28.67 6.65 11.09
C MET A 168 29.23 5.44 10.36
N GLN A 169 28.40 4.42 10.21
CA GLN A 169 28.77 3.23 9.44
C GLN A 169 27.52 2.57 8.87
N ILE A 170 27.24 2.86 7.60
CA ILE A 170 26.05 2.33 6.94
C ILE A 170 26.13 0.81 6.79
N LEU A 171 25.20 0.12 7.43
CA LEU A 171 25.15 -1.33 7.37
C LEU A 171 23.85 -1.80 6.73
N ALA A 172 23.98 -2.61 5.68
CA ALA A 172 22.82 -3.24 5.08
C ALA A 172 22.60 -4.60 5.75
N PRO A 173 21.63 -4.68 6.67
CA PRO A 173 21.41 -5.91 7.43
C PRO A 173 20.97 -7.05 6.53
N ILE A 174 21.90 -7.63 5.78
CA ILE A 174 21.56 -8.70 4.84
C ILE A 174 21.06 -9.94 5.56
N VAL A 175 21.72 -10.32 6.66
CA VAL A 175 21.29 -11.48 7.42
C VAL A 175 21.22 -11.18 8.91
N SER A 176 20.16 -11.64 9.56
CA SER A 176 19.90 -11.29 10.95
C SER A 176 19.75 -12.51 11.86
N GLY A 177 20.87 -13.16 12.16
CA GLY A 177 20.90 -14.23 13.14
C GLY A 177 20.41 -15.57 12.65
N LYS A 178 20.58 -15.83 11.36
CA LYS A 178 20.11 -17.07 10.77
C LYS A 178 21.15 -18.19 10.85
N LYS A 179 20.75 -19.34 11.36
CA LYS A 179 21.62 -20.50 11.34
C LYS A 179 21.80 -20.98 9.91
N GLY A 180 23.04 -21.24 9.53
CA GLY A 180 23.36 -21.63 8.18
C GLY A 180 24.66 -20.98 7.73
N THR A 181 25.42 -21.68 6.89
CA THR A 181 26.75 -21.22 6.48
C THR A 181 26.76 -19.88 5.76
N HIS A 182 25.73 -19.64 4.96
CA HIS A 182 25.68 -18.49 4.05
C HIS A 182 26.88 -18.50 3.10
N ALA A 183 27.18 -19.67 2.54
CA ALA A 183 28.25 -19.81 1.55
C ALA A 183 27.72 -19.35 0.19
N LYS A 184 26.43 -19.54 -0.02
CA LYS A 184 25.77 -19.06 -1.23
C LYS A 184 25.78 -17.54 -1.27
N THR A 185 25.86 -16.94 -0.09
CA THR A 185 25.89 -15.49 0.04
C THR A 185 27.29 -14.91 -0.14
N LEU A 186 28.19 -15.30 0.76
CA LEU A 186 29.53 -14.71 0.85
C LEU A 186 30.33 -14.74 -0.45
N GLU A 187 29.93 -15.60 -1.37
CA GLU A 187 30.54 -15.63 -2.70
C GLU A 187 30.00 -14.49 -3.55
N ASP A 188 28.76 -14.08 -3.28
CA ASP A 188 28.04 -13.20 -4.19
C ASP A 188 28.11 -11.71 -3.88
N ILE A 189 28.28 -11.35 -2.61
CA ILE A 189 28.62 -9.98 -2.26
C ILE A 189 30.11 -9.81 -2.50
N ARG A 190 30.74 -10.91 -2.86
CA ARG A 190 32.15 -10.95 -3.25
C ARG A 190 32.20 -11.03 -4.77
N LYS A 191 31.17 -11.61 -5.36
CA LYS A 191 31.01 -11.66 -6.80
C LYS A 191 30.72 -10.28 -7.34
N GLN A 192 29.81 -9.57 -6.67
CA GLN A 192 29.56 -8.19 -7.01
C GLN A 192 30.86 -7.44 -6.80
N GLY A 193 31.42 -7.53 -5.59
CA GLY A 193 32.71 -6.94 -5.31
C GLY A 193 32.77 -6.09 -4.07
N TYR A 194 31.92 -6.39 -3.09
CA TYR A 194 32.02 -5.74 -1.79
C TYR A 194 33.26 -6.23 -1.07
N VAL A 195 33.55 -5.58 0.06
CA VAL A 195 34.77 -5.84 0.82
C VAL A 195 34.51 -5.77 2.32
N ARG A 196 33.67 -4.83 2.73
CA ARG A 196 33.41 -4.59 4.14
C ARG A 196 32.08 -5.19 4.61
N VAL A 197 32.17 -6.18 5.49
CA VAL A 197 30.99 -6.80 6.08
C VAL A 197 31.10 -6.80 7.60
N ARG A 198 30.04 -7.27 8.26
CA ARG A 198 30.03 -7.42 9.71
C ARG A 198 29.29 -8.70 10.11
N ILE A 199 30.05 -9.70 10.54
CA ILE A 199 29.49 -11.02 10.81
C ILE A 199 29.60 -11.42 12.28
N ASP A 200 28.47 -11.78 12.89
CA ASP A 200 28.42 -12.12 14.31
C ASP A 200 29.08 -11.06 15.16
N ARG A 201 28.71 -9.80 14.90
CA ARG A 201 29.24 -8.62 15.59
C ARG A 201 30.66 -8.23 15.16
N GLU A 202 31.50 -9.21 14.82
CA GLU A 202 32.84 -8.91 14.35
C GLU A 202 32.87 -8.63 12.85
N MET A 203 33.44 -7.48 12.47
CA MET A 203 33.55 -7.11 11.06
C MET A 203 34.76 -7.82 10.45
N ARG A 204 34.64 -8.19 9.17
CA ARG A 204 35.71 -8.92 8.49
C ARG A 204 35.89 -8.49 7.03
N GLU A 205 37.10 -8.71 6.51
CA GLU A 205 37.39 -8.46 5.10
C GLU A 205 36.95 -9.62 4.23
N LEU A 206 36.24 -9.32 3.15
CA LEU A 206 35.88 -10.34 2.17
C LEU A 206 37.14 -10.90 1.52
N THR A 207 37.00 -12.10 0.97
CA THR A 207 38.14 -12.88 0.46
C THR A 207 39.14 -13.14 1.59
N GLY A 208 38.60 -13.30 2.80
CA GLY A 208 39.39 -13.62 3.96
C GLY A 208 39.16 -15.05 4.41
N ASP A 209 38.70 -15.87 3.46
CA ASP A 209 38.42 -17.29 3.71
C ASP A 209 37.41 -17.44 4.86
N ILE A 210 36.30 -16.74 4.75
CA ILE A 210 35.29 -16.70 5.80
C ILE A 210 34.38 -17.92 5.76
N GLU A 211 34.25 -18.60 6.90
CA GLU A 211 33.36 -19.75 7.03
C GLU A 211 32.58 -19.68 8.34
N LEU A 212 31.28 -19.93 8.25
CA LEU A 212 30.41 -19.85 9.42
C LEU A 212 29.84 -21.22 9.80
N GLU A 213 29.75 -21.48 11.09
CA GLU A 213 29.32 -22.78 11.59
C GLU A 213 27.83 -23.05 11.37
N LYS A 214 27.55 -24.17 10.72
CA LYS A 214 26.21 -24.58 10.31
C LYS A 214 25.12 -24.39 11.36
N ASN A 215 25.29 -25.04 12.51
CA ASN A 215 24.27 -25.03 13.55
C ASN A 215 24.41 -23.86 14.51
N LYS A 216 25.05 -22.79 14.05
CA LYS A 216 25.25 -21.60 14.86
C LYS A 216 24.63 -20.40 14.15
N LYS A 217 24.11 -19.45 14.92
CA LYS A 217 23.48 -18.26 14.36
C LYS A 217 24.52 -17.23 13.93
N HIS A 218 24.23 -16.50 12.86
CA HIS A 218 25.18 -15.53 12.33
C HIS A 218 24.50 -14.21 11.95
N SER A 219 25.11 -13.09 12.34
CA SER A 219 24.54 -11.78 12.09
C SER A 219 25.37 -10.99 11.08
N ILE A 220 24.92 -10.97 9.83
CA ILE A 220 25.69 -10.33 8.76
C ILE A 220 25.14 -8.96 8.33
N ASP A 221 25.94 -7.93 8.56
CA ASP A 221 25.59 -6.53 8.27
C ASP A 221 26.65 -5.89 7.36
N VAL A 222 26.43 -5.93 6.05
CA VAL A 222 27.38 -5.39 5.06
C VAL A 222 27.63 -3.88 5.22
N VAL A 223 28.91 -3.50 5.24
CA VAL A 223 29.33 -2.12 5.51
C VAL A 223 29.55 -1.31 4.21
N VAL A 224 28.47 -0.70 3.71
CA VAL A 224 28.49 -0.04 2.41
C VAL A 224 29.43 1.15 2.35
N ASP A 225 29.00 2.30 2.88
CA ASP A 225 29.82 3.51 2.84
C ASP A 225 29.99 4.11 4.24
N ARG A 226 31.05 4.89 4.41
CA ARG A 226 31.39 5.47 5.70
C ARG A 226 31.81 6.92 5.50
N ILE A 227 31.06 7.85 6.09
CA ILE A 227 31.19 9.27 5.77
C ILE A 227 31.56 10.19 6.93
N ILE A 228 31.86 11.44 6.58
CA ILE A 228 32.01 12.53 7.52
C ILE A 228 30.89 13.53 7.25
N ILE A 229 30.31 14.09 8.30
CA ILE A 229 29.28 15.11 8.13
C ILE A 229 29.90 16.45 7.74
N LYS A 230 29.69 16.85 6.48
CA LYS A 230 30.20 18.11 5.98
C LYS A 230 29.11 18.86 5.21
N ASP A 231 29.52 19.74 4.32
CA ASP A 231 28.58 20.41 3.43
C ASP A 231 28.12 19.42 2.36
N GLY A 232 27.04 19.76 1.67
CA GLY A 232 26.50 19.02 0.54
C GLY A 232 26.80 17.54 0.44
N ILE A 233 26.79 16.86 1.58
CA ILE A 233 27.13 15.45 1.65
C ILE A 233 25.95 14.61 1.18
N ALA A 234 24.86 15.29 0.84
CA ALA A 234 23.59 14.67 0.47
C ALA A 234 23.73 13.54 -0.54
N ALA A 235 24.04 13.88 -1.79
CA ALA A 235 24.08 12.92 -2.90
C ALA A 235 24.86 11.62 -2.60
N ARG A 236 25.97 11.75 -1.86
CA ARG A 236 26.76 10.58 -1.49
C ARG A 236 26.03 9.69 -0.49
N LEU A 237 25.56 10.32 0.60
CA LEU A 237 24.71 9.64 1.59
C LEU A 237 23.62 8.92 0.85
N ALA A 238 22.71 9.71 0.28
CA ALA A 238 21.70 9.28 -0.69
C ALA A 238 22.03 8.00 -1.44
N ASP A 239 23.02 8.09 -2.33
CA ASP A 239 23.45 6.96 -3.14
C ASP A 239 23.76 5.72 -2.30
N SER A 240 24.54 5.91 -1.24
CA SER A 240 24.91 4.78 -0.37
C SER A 240 23.69 4.16 0.31
N LEU A 241 22.71 4.99 0.65
CA LEU A 241 21.48 4.55 1.26
C LEU A 241 20.67 3.71 0.29
N GLU A 242 20.61 4.15 -0.95
CA GLU A 242 19.89 3.41 -1.98
C GLU A 242 20.56 2.06 -2.20
N THR A 243 21.89 2.06 -2.22
CA THR A 243 22.65 0.83 -2.35
C THR A 243 22.33 -0.15 -1.23
N ALA A 244 22.50 0.31 0.01
CA ALA A 244 22.27 -0.51 1.19
C ALA A 244 20.83 -1.02 1.29
N LEU A 245 19.87 -0.16 0.98
CA LEU A 245 18.46 -0.53 1.02
C LEU A 245 18.10 -1.53 -0.06
N LYS A 246 18.70 -1.37 -1.24
CA LYS A 246 18.48 -2.32 -2.33
C LYS A 246 19.16 -3.64 -2.01
N LEU A 247 20.14 -3.59 -1.10
CA LEU A 247 20.86 -4.79 -0.70
C LEU A 247 20.03 -5.68 0.22
N ALA A 248 19.47 -5.09 1.28
CA ALA A 248 18.72 -5.87 2.27
C ALA A 248 17.21 -5.65 2.19
N ASP A 249 16.69 -5.59 0.97
CA ASP A 249 15.25 -5.40 0.73
C ASP A 249 14.67 -4.21 1.47
N GLY A 250 15.19 -3.01 1.20
CA GLY A 250 14.70 -1.81 1.82
C GLY A 250 14.87 -1.82 3.33
N LYS A 251 16.01 -2.35 3.79
CA LYS A 251 16.37 -2.30 5.20
C LYS A 251 17.80 -1.84 5.35
N VAL A 252 18.04 -0.88 6.23
CA VAL A 252 19.38 -0.33 6.42
C VAL A 252 19.68 -0.03 7.89
N VAL A 253 20.91 -0.27 8.29
CA VAL A 253 21.38 0.10 9.62
C VAL A 253 22.26 1.35 9.53
N VAL A 254 21.92 2.36 10.33
CA VAL A 254 22.74 3.56 10.41
C VAL A 254 23.41 3.62 11.77
N ASP A 255 24.52 2.90 11.89
CA ASP A 255 25.24 2.78 13.15
C ASP A 255 26.04 4.05 13.42
N VAL A 256 25.58 4.83 14.40
CA VAL A 256 26.23 6.07 14.75
C VAL A 256 27.46 5.80 15.63
N ILE A 257 28.44 6.68 15.54
CA ILE A 257 29.64 6.57 16.36
C ILE A 257 29.58 7.56 17.51
N GLY A 258 29.48 7.04 18.73
CA GLY A 258 29.36 7.88 19.91
C GLY A 258 28.03 7.65 20.59
N GLU A 259 26.99 7.47 19.77
CA GLU A 259 25.67 7.15 20.27
C GLU A 259 25.31 5.71 19.96
N GLY A 260 24.08 5.49 19.48
CA GLY A 260 23.59 4.15 19.22
C GLY A 260 23.17 3.92 17.77
N GLU A 261 22.51 2.79 17.53
CA GLU A 261 22.06 2.44 16.19
C GLU A 261 20.75 3.11 15.80
N LEU A 262 20.59 3.36 14.50
CA LEU A 262 19.34 3.86 13.94
C LEU A 262 18.96 3.06 12.70
N LEU A 263 17.68 2.69 12.60
CA LEU A 263 17.23 1.82 11.51
C LEU A 263 16.11 2.43 10.68
N PHE A 264 16.16 2.19 9.37
CA PHE A 264 15.11 2.62 8.44
C PHE A 264 14.57 1.41 7.71
N SER A 265 13.41 1.57 7.07
CA SER A 265 12.86 0.50 6.27
C SER A 265 11.90 0.98 5.18
N GLU A 266 11.30 2.14 5.41
CA GLU A 266 10.27 2.71 4.53
C GLU A 266 9.00 1.85 4.50
N LYS A 267 7.86 2.52 4.29
CA LYS A 267 6.54 1.89 4.32
C LYS A 267 6.21 1.38 5.73
N HIS A 268 4.93 1.37 6.09
CA HIS A 268 4.53 0.90 7.41
C HIS A 268 4.81 -0.60 7.61
N ALA A 269 6.04 -0.90 7.99
CA ALA A 269 6.47 -2.28 8.27
C ALA A 269 7.54 -2.31 9.37
N CYS A 270 7.62 -3.43 10.09
CA CYS A 270 8.61 -3.61 11.14
C CYS A 270 9.92 -4.15 10.58
N PRO A 271 11.05 -3.57 11.00
CA PRO A 271 12.39 -3.96 10.53
C PRO A 271 12.80 -5.37 10.94
N TYR A 272 12.11 -5.96 11.91
CA TYR A 272 12.56 -7.22 12.51
C TYR A 272 11.67 -8.44 12.28
N CYS A 273 10.44 -8.25 11.79
CA CYS A 273 9.50 -9.38 11.66
C CYS A 273 8.58 -9.35 10.44
N GLY A 274 8.61 -8.27 9.68
CA GLY A 274 7.81 -8.16 8.47
C GLY A 274 6.48 -7.44 8.64
N PHE A 275 5.83 -7.71 9.77
CA PHE A 275 4.51 -7.14 10.14
C PHE A 275 4.26 -5.73 9.60
N SER A 276 3.13 -5.55 8.93
CA SER A 276 2.83 -4.30 8.26
C SER A 276 1.44 -3.75 8.59
N ILE A 277 1.26 -2.45 8.37
CA ILE A 277 -0.01 -1.78 8.64
C ILE A 277 -0.36 -0.80 7.51
N GLY A 278 0.55 -0.63 6.58
CA GLY A 278 0.31 0.16 5.38
C GLY A 278 0.12 1.64 5.61
N GLU A 279 -1.12 2.05 5.86
CA GLU A 279 -1.45 3.47 6.05
C GLU A 279 -2.50 3.68 7.13
N LEU A 280 -2.42 4.84 7.79
CA LEU A 280 -3.36 5.19 8.84
C LEU A 280 -4.57 5.94 8.28
N GLU A 281 -5.69 5.24 8.18
CA GLU A 281 -6.93 5.84 7.71
C GLU A 281 -7.99 5.70 8.79
N PRO A 282 -8.98 6.62 8.82
CA PRO A 282 -10.04 6.57 9.82
C PRO A 282 -10.77 5.23 9.86
N ARG A 283 -11.10 4.69 8.69
CA ARG A 283 -11.85 3.45 8.62
C ARG A 283 -11.09 2.24 9.17
N LEU A 284 -9.79 2.42 9.40
CA LEU A 284 -8.98 1.36 10.01
C LEU A 284 -9.34 1.17 11.48
N PHE A 285 -10.00 2.18 12.06
CA PHE A 285 -10.37 2.13 13.47
C PHE A 285 -11.87 2.01 13.67
N SER A 286 -12.60 1.77 12.57
CA SER A 286 -14.05 1.62 12.64
C SER A 286 -14.46 0.17 12.75
N PHE A 287 -15.43 -0.11 13.60
CA PHE A 287 -15.97 -1.46 13.70
C PHE A 287 -17.23 -1.63 12.86
N ASN A 288 -17.51 -0.65 11.99
CA ASN A 288 -18.56 -0.80 10.99
C ASN A 288 -17.95 -0.84 9.59
N SER A 289 -16.81 -1.50 9.50
CA SER A 289 -16.07 -1.60 8.26
C SER A 289 -15.06 -2.74 8.36
N PRO A 290 -14.94 -3.55 7.31
CA PRO A 290 -13.99 -4.67 7.27
C PRO A 290 -12.55 -4.17 7.31
N PHE A 291 -12.36 -2.88 7.08
CA PHE A 291 -11.04 -2.25 7.15
C PHE A 291 -10.56 -2.14 8.60
N GLY A 292 -11.47 -2.28 9.55
CA GLY A 292 -11.11 -2.13 10.96
C GLY A 292 -11.64 -3.23 11.86
N ALA A 293 -12.65 -3.95 11.38
CA ALA A 293 -13.33 -4.96 12.17
C ALA A 293 -12.47 -6.18 12.47
N CYS A 294 -12.65 -6.74 13.65
CA CYS A 294 -11.94 -7.93 14.09
C CYS A 294 -12.39 -9.14 13.27
N PRO A 295 -11.46 -10.06 12.98
CA PRO A 295 -11.80 -11.27 12.21
C PRO A 295 -12.68 -12.26 12.98
N ASP A 296 -12.28 -12.61 14.20
CA ASP A 296 -12.95 -13.68 14.95
C ASP A 296 -14.30 -13.30 15.53
N CYS A 297 -14.82 -12.14 15.17
CA CYS A 297 -16.13 -11.72 15.68
C CYS A 297 -16.84 -10.78 14.70
N ASP A 298 -16.11 -10.36 13.67
CA ASP A 298 -16.64 -9.41 12.67
C ASP A 298 -17.05 -8.08 13.29
N GLY A 299 -16.16 -7.49 14.07
CA GLY A 299 -16.38 -6.17 14.64
C GLY A 299 -17.61 -6.07 15.51
N LEU A 300 -17.91 -7.15 16.24
CA LEU A 300 -19.05 -7.15 17.16
C LEU A 300 -18.59 -6.89 18.59
N GLY A 301 -17.40 -7.37 18.90
CA GLY A 301 -16.84 -7.22 20.24
C GLY A 301 -17.49 -8.13 21.25
N ALA A 302 -18.57 -8.81 20.83
CA ALA A 302 -19.30 -9.69 21.72
C ALA A 302 -19.54 -11.07 21.09
N LYS A 303 -19.06 -12.10 21.76
CA LYS A 303 -19.41 -13.47 21.42
C LYS A 303 -20.79 -13.74 22.02
N LEU A 304 -21.25 -14.99 21.93
CA LEU A 304 -22.52 -15.36 22.53
C LEU A 304 -22.49 -16.83 22.95
N GLU A 305 -22.06 -17.08 24.18
CA GLU A 305 -21.91 -18.46 24.64
C GLU A 305 -22.65 -18.76 25.94
N VAL A 306 -22.82 -20.05 26.20
CA VAL A 306 -23.61 -20.51 27.34
C VAL A 306 -23.07 -20.05 28.70
N ASP A 307 -23.93 -19.43 29.48
CA ASP A 307 -23.59 -19.01 30.83
C ASP A 307 -23.89 -20.15 31.79
N LEU A 308 -22.93 -20.48 32.63
CA LEU A 308 -23.09 -21.54 33.63
C LEU A 308 -24.17 -21.17 34.65
N ASP A 309 -24.36 -19.87 34.86
CA ASP A 309 -25.30 -19.38 35.87
C ASP A 309 -26.75 -19.52 35.42
N LEU A 310 -26.97 -19.47 34.11
CA LEU A 310 -28.31 -19.56 33.55
C LEU A 310 -28.80 -21.00 33.47
N VAL A 311 -27.85 -21.93 33.31
CA VAL A 311 -28.17 -23.36 33.25
C VAL A 311 -28.76 -23.85 34.57
N ILE A 312 -28.19 -23.39 35.69
CA ILE A 312 -28.74 -23.68 37.01
C ILE A 312 -29.14 -22.39 37.73
N PRO A 313 -30.46 -22.17 37.87
CA PRO A 313 -31.04 -20.98 38.50
C PRO A 313 -30.46 -20.75 39.90
N ASN A 314 -30.63 -21.75 40.76
CA ASN A 314 -30.01 -21.74 42.07
C ASN A 314 -28.99 -22.87 42.18
N ASP A 315 -27.95 -22.64 42.97
CA ASP A 315 -26.89 -23.63 43.13
C ASP A 315 -27.30 -24.71 44.13
N GLU A 316 -28.56 -24.70 44.53
CA GLU A 316 -29.05 -25.67 45.51
C GLU A 316 -30.50 -26.08 45.22
N LEU A 317 -30.70 -26.77 44.10
CA LEU A 317 -32.01 -27.31 43.75
C LEU A 317 -31.91 -28.81 43.53
N THR A 318 -32.97 -29.53 43.88
CA THR A 318 -33.00 -30.98 43.75
C THR A 318 -32.86 -31.41 42.31
N LEU A 319 -31.82 -32.19 42.03
CA LEU A 319 -31.56 -32.69 40.68
C LEU A 319 -32.67 -33.65 40.25
N LYS A 320 -33.34 -34.22 41.23
CA LYS A 320 -34.49 -35.09 40.98
C LYS A 320 -35.66 -34.27 40.40
N GLU A 321 -35.75 -33.02 40.84
CA GLU A 321 -36.80 -32.12 40.36
C GLU A 321 -36.24 -31.08 39.38
N HIS A 322 -35.49 -31.58 38.39
CA HIS A 322 -34.92 -30.74 37.33
C HIS A 322 -34.13 -29.54 37.87
N ALA A 323 -32.93 -29.81 38.38
CA ALA A 323 -32.04 -28.75 38.85
C ALA A 323 -31.53 -27.93 37.67
N ILE A 324 -31.17 -28.60 36.59
CA ILE A 324 -30.73 -27.93 35.37
C ILE A 324 -31.93 -27.50 34.53
N ALA A 325 -32.02 -26.20 34.29
CA ALA A 325 -33.15 -25.61 33.56
C ALA A 325 -33.33 -26.04 32.09
N PRO A 326 -32.25 -26.06 31.29
CA PRO A 326 -32.44 -26.42 29.88
C PRO A 326 -33.01 -27.82 29.67
N TRP A 327 -32.51 -28.79 30.40
CA TRP A 327 -32.99 -30.16 30.29
C TRP A 327 -34.22 -30.35 31.17
N GLU A 328 -35.37 -29.92 30.64
CA GLU A 328 -36.62 -29.95 31.38
C GLU A 328 -37.76 -30.19 30.40
N PRO A 329 -38.68 -31.11 30.73
CA PRO A 329 -39.81 -31.53 29.89
C PRO A 329 -40.58 -30.37 29.26
N TYR A 334 -36.79 -37.58 26.96
CA TYR A 334 -35.48 -38.01 26.48
C TYR A 334 -34.37 -37.58 27.43
N TYR A 335 -34.15 -36.28 27.51
CA TYR A 335 -33.11 -35.70 28.37
C TYR A 335 -33.19 -36.12 29.85
N PRO A 336 -34.39 -36.08 30.47
CA PRO A 336 -34.47 -36.50 31.88
C PRO A 336 -33.97 -37.91 32.12
N GLN A 337 -34.08 -38.78 31.11
CA GLN A 337 -33.60 -40.15 31.20
C GLN A 337 -32.10 -40.25 30.89
N LEU A 338 -31.59 -39.33 30.08
CA LEU A 338 -30.15 -39.24 29.80
C LEU A 338 -29.45 -38.88 31.11
N LEU A 339 -30.05 -37.93 31.83
CA LEU A 339 -29.61 -37.57 33.17
C LEU A 339 -29.44 -38.82 34.02
N GLU A 340 -30.48 -39.66 34.00
CA GLU A 340 -30.47 -40.93 34.73
C GLU A 340 -29.35 -41.85 34.25
N ALA A 341 -29.10 -41.87 32.95
CA ALA A 341 -28.04 -42.71 32.38
C ALA A 341 -26.66 -42.31 32.90
N VAL A 342 -26.30 -41.05 32.68
CA VAL A 342 -25.00 -40.54 33.14
C VAL A 342 -24.85 -40.62 34.67
N CYS A 343 -25.92 -40.33 35.40
CA CYS A 343 -25.93 -40.44 36.86
C CYS A 343 -25.67 -41.86 37.34
N ARG A 344 -26.38 -42.82 36.75
CA ARG A 344 -26.14 -44.24 37.01
C ARG A 344 -24.66 -44.50 36.81
N HIS A 345 -24.24 -44.34 35.56
CA HIS A 345 -22.88 -44.59 35.12
C HIS A 345 -21.80 -44.05 36.07
N TYR A 346 -21.85 -42.76 36.38
CA TYR A 346 -20.81 -42.13 37.20
C TYR A 346 -21.02 -42.27 38.71
N GLY A 347 -22.21 -42.68 39.11
CA GLY A 347 -22.52 -42.80 40.52
C GLY A 347 -22.94 -41.46 41.11
N ILE A 348 -23.53 -40.62 40.27
CA ILE A 348 -24.06 -39.34 40.72
C ILE A 348 -25.46 -39.53 41.26
N PRO A 349 -25.68 -39.10 42.51
CA PRO A 349 -26.95 -39.29 43.23
C PRO A 349 -28.04 -38.36 42.72
N MET A 350 -29.27 -38.87 42.67
CA MET A 350 -30.40 -38.13 42.15
C MET A 350 -30.89 -37.06 43.13
N ASP A 351 -31.26 -37.50 44.33
CA ASP A 351 -31.75 -36.57 45.36
C ASP A 351 -30.61 -35.71 45.85
N VAL A 352 -30.45 -34.54 45.26
CA VAL A 352 -29.25 -33.75 45.48
C VAL A 352 -29.45 -32.24 45.45
N PRO A 353 -28.93 -31.54 46.47
CA PRO A 353 -28.70 -30.10 46.39
C PRO A 353 -27.32 -29.83 45.76
N VAL A 354 -27.32 -29.52 44.46
CA VAL A 354 -26.12 -29.36 43.64
C VAL A 354 -24.91 -28.76 44.36
N LYS A 355 -25.18 -27.84 45.28
CA LYS A 355 -24.15 -27.19 46.08
C LYS A 355 -23.15 -28.14 46.76
N ASP A 356 -23.64 -29.29 47.22
CA ASP A 356 -22.81 -30.22 47.98
C ASP A 356 -22.14 -31.28 47.12
N LEU A 357 -22.48 -31.30 45.84
CA LEU A 357 -21.89 -32.26 44.91
C LEU A 357 -20.39 -32.01 44.75
N PRO A 358 -19.60 -33.09 44.72
CA PRO A 358 -18.17 -33.00 44.39
C PRO A 358 -17.98 -32.38 43.00
N LYS A 359 -16.86 -31.72 42.78
CA LYS A 359 -16.66 -30.95 41.54
C LYS A 359 -16.59 -31.84 40.29
N GLU A 360 -16.13 -33.06 40.44
CA GLU A 360 -15.98 -33.97 39.30
C GLU A 360 -17.31 -34.55 38.86
N GLN A 361 -18.16 -34.87 39.82
CA GLN A 361 -19.52 -35.31 39.55
C GLN A 361 -20.24 -34.28 38.68
N LEU A 362 -19.98 -33.01 38.95
CA LEU A 362 -20.59 -31.92 38.20
C LEU A 362 -19.88 -31.69 36.86
N ASP A 363 -18.57 -31.91 36.85
CA ASP A 363 -17.77 -31.72 35.65
C ASP A 363 -18.10 -32.75 34.57
N LYS A 364 -18.41 -33.96 34.99
CA LYS A 364 -18.79 -35.01 34.04
C LYS A 364 -20.10 -34.67 33.35
N ILE A 365 -21.12 -34.36 34.15
CA ILE A 365 -22.46 -34.08 33.62
C ILE A 365 -22.49 -32.77 32.82
N LEU A 366 -21.66 -31.81 33.21
CA LEU A 366 -21.65 -30.51 32.53
C LEU A 366 -20.76 -30.44 31.29
N TYR A 367 -19.59 -31.06 31.32
CA TYR A 367 -18.60 -30.89 30.26
C TYR A 367 -18.31 -32.13 29.42
N GLY A 368 -18.84 -33.28 29.83
CA GLY A 368 -18.73 -34.48 29.02
C GLY A 368 -17.75 -35.53 29.51
N SER A 369 -17.92 -36.75 29.03
CA SER A 369 -17.09 -37.87 29.44
C SER A 369 -15.70 -37.82 28.83
N GLY A 370 -15.58 -37.08 27.73
CA GLY A 370 -14.31 -36.94 27.04
C GLY A 370 -13.95 -38.17 26.22
N GLY A 371 -14.97 -38.81 25.64
CA GLY A 371 -14.75 -39.95 24.77
C GLY A 371 -15.26 -41.25 25.34
N GLU A 372 -15.29 -41.35 26.66
CA GLU A 372 -15.70 -42.59 27.33
C GLU A 372 -17.17 -42.91 27.08
N PRO A 373 -17.43 -44.13 26.60
CA PRO A 373 -18.79 -44.59 26.28
C PRO A 373 -19.67 -44.72 27.53
N ILE A 374 -20.88 -44.18 27.45
CA ILE A 374 -21.85 -44.30 28.52
C ILE A 374 -23.03 -45.10 28.02
N TYR A 375 -23.47 -46.09 28.79
CA TYR A 375 -24.66 -46.83 28.41
C TYR A 375 -25.89 -45.97 28.63
N PHE A 376 -26.80 -46.02 27.68
CA PHE A 376 -27.97 -45.17 27.71
C PHE A 376 -29.15 -45.82 27.00
N ARG A 377 -30.10 -46.33 27.80
CA ARG A 377 -31.34 -46.87 27.27
C ARG A 377 -32.47 -45.90 27.63
N TYR A 378 -33.40 -45.74 26.71
CA TYR A 378 -34.50 -44.79 26.92
C TYR A 378 -35.80 -45.23 26.26
N THR A 379 -36.90 -44.90 26.91
CA THR A 379 -38.23 -45.19 26.36
C THR A 379 -38.72 -43.99 25.57
N ASN A 380 -39.07 -44.22 24.31
CA ASN A 380 -39.59 -43.15 23.46
C ASN A 380 -40.92 -42.64 23.98
N ASP A 381 -41.40 -41.55 23.38
CA ASP A 381 -42.71 -41.00 23.73
C ASP A 381 -43.81 -41.98 23.32
N PHE A 382 -43.43 -42.94 22.50
CA PHE A 382 -44.33 -43.96 21.97
C PHE A 382 -44.49 -45.08 22.99
N GLY A 383 -43.37 -45.56 23.50
CA GLY A 383 -43.38 -46.59 24.52
C GLY A 383 -42.30 -47.64 24.35
N GLN A 384 -41.73 -47.71 23.15
CA GLN A 384 -40.72 -48.73 22.84
C GLN A 384 -39.33 -48.33 23.33
N VAL A 385 -38.57 -49.34 23.77
CA VAL A 385 -37.22 -49.12 24.29
C VAL A 385 -36.17 -49.22 23.18
N ARG A 386 -35.12 -48.41 23.28
CA ARG A 386 -34.04 -48.42 22.29
C ARG A 386 -32.70 -48.08 22.95
N GLU A 387 -31.88 -49.11 23.19
CA GLU A 387 -30.60 -48.92 23.86
C GLU A 387 -29.52 -48.43 22.89
N GLN A 388 -28.65 -47.55 23.39
CA GLN A 388 -27.57 -47.00 22.57
C GLN A 388 -26.24 -47.12 23.30
N TYR A 389 -25.18 -46.58 22.68
CA TYR A 389 -23.83 -46.72 23.21
C TYR A 389 -23.05 -45.45 22.93
N ILE A 390 -23.63 -44.31 23.29
CA ILE A 390 -23.09 -43.01 22.91
C ILE A 390 -21.88 -42.58 23.74
N ALA A 391 -21.11 -41.64 23.18
CA ALA A 391 -20.04 -40.98 23.91
C ALA A 391 -20.55 -39.62 24.37
N PHE A 392 -21.15 -39.60 25.56
CA PHE A 392 -21.81 -38.42 26.13
C PHE A 392 -21.03 -37.11 25.96
N GLU A 393 -21.75 -36.05 25.59
CA GLU A 393 -21.13 -34.77 25.26
C GLU A 393 -21.16 -33.75 26.41
N GLY A 394 -22.18 -33.83 27.25
CA GLY A 394 -22.35 -32.88 28.33
C GLY A 394 -23.60 -32.03 28.17
N VAL A 395 -23.85 -31.16 29.14
CA VAL A 395 -25.04 -30.30 29.10
C VAL A 395 -24.76 -28.97 28.40
N ILE A 396 -23.56 -28.44 28.59
CA ILE A 396 -23.15 -27.17 27.95
C ILE A 396 -22.83 -27.31 26.44
N PRO A 397 -21.96 -28.28 26.06
CA PRO A 397 -21.72 -28.45 24.62
C PRO A 397 -22.99 -28.87 23.91
N ASN A 398 -23.93 -29.45 24.64
CA ASN A 398 -25.25 -29.75 24.11
C ASN A 398 -25.93 -28.48 23.63
N VAL A 399 -26.04 -27.51 24.54
CA VAL A 399 -26.66 -26.23 24.23
C VAL A 399 -25.94 -25.52 23.09
N GLU A 400 -24.62 -25.42 23.18
CA GLU A 400 -23.86 -24.75 22.13
C GLU A 400 -24.06 -25.41 20.77
N ARG A 401 -23.99 -26.74 20.74
CA ARG A 401 -24.15 -27.51 19.52
C ARG A 401 -25.55 -27.35 18.89
N ARG A 402 -26.58 -27.58 19.68
CA ARG A 402 -27.96 -27.49 19.19
C ARG A 402 -28.32 -26.06 18.76
N TYR A 403 -27.76 -25.07 19.45
CA TYR A 403 -27.97 -23.68 19.07
C TYR A 403 -27.24 -23.35 17.77
N ARG A 404 -26.04 -23.91 17.60
CA ARG A 404 -25.22 -23.60 16.43
C ARG A 404 -25.73 -24.26 15.16
N GLU A 405 -26.17 -25.52 15.26
CA GLU A 405 -26.53 -26.29 14.07
C GLU A 405 -27.86 -25.93 13.42
N THR A 406 -28.84 -25.48 14.22
CA THR A 406 -30.18 -25.22 13.69
C THR A 406 -30.28 -23.84 13.03
N SER A 407 -30.91 -23.80 11.86
CA SER A 407 -31.13 -22.54 11.16
C SER A 407 -32.58 -22.08 11.31
N SER A 408 -33.10 -22.18 12.53
CA SER A 408 -34.46 -21.78 12.81
C SER A 408 -34.48 -20.66 13.85
N ASP A 409 -35.24 -19.60 13.57
CA ASP A 409 -35.32 -18.46 14.48
C ASP A 409 -36.12 -18.81 15.74
N TYR A 410 -36.74 -19.98 15.75
CA TYR A 410 -37.45 -20.46 16.92
C TYR A 410 -36.54 -21.24 17.87
N ILE A 411 -35.90 -22.29 17.35
CA ILE A 411 -35.00 -23.13 18.14
C ILE A 411 -33.87 -22.30 18.75
N ARG A 412 -33.23 -21.49 17.90
CA ARG A 412 -32.22 -20.54 18.34
C ARG A 412 -32.69 -19.76 19.56
N GLU A 413 -33.81 -19.06 19.44
CA GLU A 413 -34.33 -18.25 20.54
C GLU A 413 -34.68 -19.07 21.78
N GLN A 414 -34.91 -20.36 21.60
CA GLN A 414 -35.17 -21.24 22.74
C GLN A 414 -33.87 -21.64 23.43
N MET A 415 -32.77 -21.64 22.69
CA MET A 415 -31.48 -21.99 23.28
C MET A 415 -30.67 -20.77 23.74
N GLU A 416 -31.00 -19.60 23.21
CA GLU A 416 -30.29 -18.36 23.53
C GLU A 416 -30.62 -17.91 24.93
N LYS A 417 -31.76 -18.39 25.43
CA LYS A 417 -32.22 -18.06 26.77
C LYS A 417 -31.25 -18.54 27.83
N TYR A 418 -30.46 -19.56 27.49
CA TYR A 418 -29.48 -20.12 28.41
C TYR A 418 -28.08 -19.67 28.06
N MET A 419 -28.00 -18.64 27.22
CA MET A 419 -26.71 -18.10 26.78
C MET A 419 -26.56 -16.63 27.17
N ALA A 420 -25.32 -16.16 27.17
CA ALA A 420 -25.01 -14.77 27.48
C ALA A 420 -23.90 -14.24 26.57
N GLU A 421 -23.75 -12.92 26.55
CA GLU A 421 -22.70 -12.30 25.76
C GLU A 421 -21.39 -12.24 26.55
N GLN A 422 -20.31 -12.69 25.91
CA GLN A 422 -19.00 -12.67 26.51
C GLN A 422 -17.98 -12.05 25.55
N PRO A 423 -17.20 -11.07 26.03
CA PRO A 423 -16.24 -10.30 25.25
C PRO A 423 -15.36 -11.17 24.35
N CYS A 424 -15.19 -10.73 23.11
CA CYS A 424 -14.37 -11.43 22.13
C CYS A 424 -12.94 -11.56 22.64
N PRO A 425 -12.48 -12.81 22.84
CA PRO A 425 -11.16 -13.09 23.43
C PRO A 425 -10.01 -12.60 22.56
N THR A 426 -10.23 -12.57 21.25
CA THR A 426 -9.21 -12.14 20.30
C THR A 426 -8.95 -10.64 20.38
N CYS A 427 -10.03 -9.86 20.32
CA CYS A 427 -9.91 -8.41 20.23
C CYS A 427 -10.06 -7.73 21.59
N GLN A 428 -10.17 -8.54 22.64
CA GLN A 428 -10.41 -8.05 24.00
C GLN A 428 -11.73 -7.29 24.11
N GLY A 429 -12.61 -7.49 23.13
CA GLY A 429 -13.89 -6.81 23.10
C GLY A 429 -13.80 -5.43 22.48
N TYR A 430 -12.64 -5.11 21.90
CA TYR A 430 -12.43 -3.80 21.27
C TYR A 430 -12.87 -3.75 19.82
N ARG A 431 -13.39 -4.87 19.32
CA ARG A 431 -14.01 -4.95 18.00
C ARG A 431 -13.07 -4.68 16.81
N LEU A 432 -11.88 -4.17 17.09
CA LEU A 432 -10.96 -3.79 16.02
C LEU A 432 -9.85 -4.82 15.78
N LYS A 433 -9.19 -4.71 14.63
CA LYS A 433 -8.07 -5.59 14.31
C LYS A 433 -6.97 -5.46 15.35
N LYS A 434 -6.13 -6.49 15.45
CA LYS A 434 -4.99 -6.46 16.36
C LYS A 434 -3.98 -5.38 15.93
N GLU A 435 -3.94 -5.11 14.64
CA GLU A 435 -3.05 -4.08 14.11
C GLU A 435 -3.69 -2.70 14.24
N SER A 436 -5.00 -2.67 14.37
CA SER A 436 -5.71 -1.42 14.61
C SER A 436 -5.46 -0.97 16.05
N LEU A 437 -5.35 -1.94 16.95
CA LEU A 437 -5.08 -1.68 18.36
C LEU A 437 -3.58 -1.42 18.58
N ALA A 438 -2.79 -1.67 17.54
CA ALA A 438 -1.36 -1.43 17.59
C ALA A 438 -1.06 0.07 17.62
N VAL A 439 -1.98 0.85 17.07
CA VAL A 439 -1.82 2.30 17.01
C VAL A 439 -2.25 2.92 18.34
N LEU A 440 -1.34 3.66 18.96
CA LEU A 440 -1.64 4.35 20.21
C LEU A 440 -1.27 5.83 20.13
N VAL A 441 -1.95 6.64 20.93
CA VAL A 441 -1.64 8.06 20.98
C VAL A 441 -0.83 8.43 22.22
N GLY A 442 -1.50 8.49 23.37
CA GLY A 442 -0.85 8.88 24.60
C GLY A 442 -0.37 7.68 25.38
N GLY A 443 0.17 6.69 24.67
CA GLY A 443 0.53 5.43 25.28
C GLY A 443 -0.68 4.52 25.39
N LYS A 444 -1.86 5.06 25.07
CA LYS A 444 -3.09 4.29 25.10
C LYS A 444 -3.63 4.14 23.68
N HIS A 445 -4.21 2.99 23.38
CA HIS A 445 -4.82 2.79 22.07
C HIS A 445 -6.30 3.18 22.07
N ILE A 446 -6.92 3.10 20.89
CA ILE A 446 -8.26 3.60 20.67
C ILE A 446 -9.31 2.98 21.60
N GLY A 447 -9.22 1.67 21.81
CA GLY A 447 -10.15 0.97 22.67
C GLY A 447 -10.06 1.37 24.12
N GLU A 448 -8.82 1.56 24.61
CA GLU A 448 -8.60 1.97 25.99
C GLU A 448 -9.18 3.35 26.24
N VAL A 449 -8.98 4.25 25.28
CA VAL A 449 -9.56 5.58 25.36
C VAL A 449 -11.08 5.51 25.32
N THR A 450 -11.60 4.60 24.49
CA THR A 450 -13.04 4.42 24.37
C THR A 450 -13.65 3.88 25.67
N ALA A 451 -12.88 3.03 26.37
CA ALA A 451 -13.34 2.38 27.58
C ALA A 451 -13.36 3.28 28.81
N MET A 452 -12.73 4.45 28.71
CA MET A 452 -12.71 5.37 29.84
C MET A 452 -14.08 6.00 30.01
N SER A 453 -14.30 6.62 31.17
CA SER A 453 -15.51 7.39 31.38
C SER A 453 -15.26 8.78 30.80
N VAL A 454 -16.31 9.58 30.72
CA VAL A 454 -16.20 10.92 30.17
C VAL A 454 -15.23 11.75 31.00
N THR A 455 -15.31 11.60 32.32
CA THR A 455 -14.37 12.26 33.22
C THR A 455 -12.94 11.79 32.97
N GLU A 456 -12.75 10.47 32.95
CA GLU A 456 -11.43 9.90 32.72
C GLU A 456 -10.81 10.35 31.41
N ALA A 457 -11.63 10.37 30.36
CA ALA A 457 -11.17 10.76 29.03
C ALA A 457 -10.86 12.26 28.95
N LEU A 458 -11.71 13.07 29.58
CA LEU A 458 -11.52 14.51 29.62
C LEU A 458 -10.19 14.82 30.30
N ALA A 459 -9.96 14.17 31.44
CA ALA A 459 -8.72 14.31 32.18
C ALA A 459 -7.52 13.84 31.34
N PHE A 460 -7.71 12.73 30.62
CA PHE A 460 -6.69 12.18 29.74
C PHE A 460 -6.25 13.17 28.67
N PHE A 461 -7.22 13.84 28.05
CA PHE A 461 -6.91 14.80 26.99
C PHE A 461 -6.40 16.11 27.56
N ASP A 462 -6.70 16.37 28.82
CA ASP A 462 -6.13 17.53 29.49
C ASP A 462 -4.65 17.29 29.77
N GLY A 463 -4.33 16.09 30.23
CA GLY A 463 -2.97 15.76 30.62
C GLY A 463 -2.13 15.15 29.50
N LEU A 464 -2.75 14.93 28.36
CA LEU A 464 -2.05 14.38 27.20
C LEU A 464 -0.96 15.33 26.72
N GLU A 465 0.25 14.80 26.57
CA GLU A 465 1.38 15.62 26.16
C GLU A 465 1.87 15.20 24.77
N LEU A 466 1.96 16.17 23.86
CA LEU A 466 2.29 15.88 22.48
C LEU A 466 3.49 16.69 22.01
N THR A 467 3.78 16.60 20.72
CA THR A 467 4.88 17.37 20.14
C THR A 467 4.33 18.63 19.48
N GLU A 468 5.19 19.30 18.71
CA GLU A 468 4.78 20.49 17.99
C GLU A 468 3.89 20.08 16.82
N LYS A 469 4.46 19.26 15.93
CA LYS A 469 3.77 18.80 14.74
C LYS A 469 2.46 18.07 15.06
N GLU A 470 2.50 17.16 16.02
CA GLU A 470 1.32 16.39 16.41
C GLU A 470 0.17 17.29 16.85
N ALA A 471 0.48 18.22 17.75
CA ALA A 471 -0.53 19.12 18.30
C ALA A 471 -1.03 20.09 17.24
N GLN A 472 -0.16 20.44 16.30
CA GLN A 472 -0.52 21.37 15.23
C GLN A 472 -1.41 20.69 14.20
N ILE A 473 -1.23 19.39 14.00
CA ILE A 473 -2.04 18.63 13.05
C ILE A 473 -3.43 18.35 13.63
N ALA A 474 -3.48 18.14 14.94
CA ALA A 474 -4.70 17.66 15.58
C ALA A 474 -5.35 18.67 16.52
N ARG A 475 -5.10 19.96 16.30
CA ARG A 475 -5.69 20.98 17.15
C ARG A 475 -7.21 21.02 17.01
N LEU A 476 -7.67 21.08 15.76
CA LEU A 476 -9.10 21.17 15.46
C LEU A 476 -9.88 19.94 15.91
N ILE A 477 -9.24 18.77 15.84
CA ILE A 477 -9.83 17.51 16.29
C ILE A 477 -9.91 17.46 17.82
N LEU A 478 -8.78 17.72 18.47
CA LEU A 478 -8.69 17.73 19.93
C LEU A 478 -9.67 18.70 20.59
N ARG A 479 -9.80 19.89 20.01
CA ARG A 479 -10.74 20.88 20.55
C ARG A 479 -12.17 20.36 20.47
N GLU A 480 -12.50 19.68 19.37
CA GLU A 480 -13.84 19.14 19.17
C GLU A 480 -14.13 18.03 20.18
N ILE A 481 -13.17 17.12 20.34
CA ILE A 481 -13.29 16.03 21.32
C ILE A 481 -13.51 16.58 22.73
N ARG A 482 -12.62 17.47 23.15
CA ARG A 482 -12.70 18.11 24.46
C ARG A 482 -14.05 18.78 24.66
N ASP A 483 -14.51 19.51 23.65
CA ASP A 483 -15.78 20.23 23.73
C ASP A 483 -16.96 19.28 23.89
N ARG A 484 -16.98 18.21 23.09
CA ARG A 484 -18.05 17.24 23.17
C ARG A 484 -18.09 16.54 24.53
N LEU A 485 -16.93 16.11 25.01
CA LEU A 485 -16.82 15.51 26.34
C LEU A 485 -17.34 16.47 27.40
N GLY A 486 -16.91 17.72 27.33
CA GLY A 486 -17.36 18.75 28.24
C GLY A 486 -18.86 18.97 28.19
N PHE A 487 -19.43 18.82 27.00
CA PHE A 487 -20.88 18.94 26.83
C PHE A 487 -21.58 17.80 27.55
N LEU A 488 -21.11 16.58 27.31
CA LEU A 488 -21.64 15.42 28.00
C LEU A 488 -21.54 15.60 29.52
N GLN A 489 -20.49 16.28 29.95
CA GLN A 489 -20.32 16.56 31.37
C GLN A 489 -21.36 17.56 31.84
N ASN A 490 -21.61 18.57 31.01
CA ASN A 490 -22.59 19.60 31.33
C ASN A 490 -23.99 19.00 31.48
N VAL A 491 -24.33 18.08 30.60
CA VAL A 491 -25.67 17.49 30.65
C VAL A 491 -25.74 16.45 31.77
N GLY A 492 -24.59 16.15 32.37
CA GLY A 492 -24.53 15.32 33.56
C GLY A 492 -24.28 13.85 33.27
N LEU A 493 -23.80 13.56 32.06
CA LEU A 493 -23.54 12.19 31.66
C LEU A 493 -22.06 11.85 31.72
N ASP A 494 -21.33 12.50 32.64
CA ASP A 494 -19.89 12.31 32.76
C ASP A 494 -19.50 11.02 33.47
N TYR A 495 -20.48 10.16 33.76
CA TYR A 495 -20.20 8.89 34.45
C TYR A 495 -20.08 7.71 33.48
N LEU A 496 -20.94 7.65 32.48
CA LEU A 496 -20.95 6.53 31.54
C LEU A 496 -19.74 6.56 30.61
N THR A 497 -19.40 5.40 30.04
CA THR A 497 -18.24 5.26 29.16
C THR A 497 -18.61 5.47 27.69
N LEU A 498 -17.61 5.79 26.87
CA LEU A 498 -17.82 5.97 25.44
C LEU A 498 -18.08 4.64 24.76
N SER A 499 -17.70 3.55 25.42
CA SER A 499 -17.85 2.20 24.89
C SER A 499 -19.19 1.60 25.28
N ARG A 500 -19.90 2.28 26.17
CA ARG A 500 -21.23 1.83 26.64
C ARG A 500 -22.20 1.66 25.48
N SER A 501 -22.83 0.49 25.41
CA SER A 501 -23.80 0.20 24.35
C SER A 501 -24.96 1.20 24.39
N ALA A 502 -25.40 1.62 23.21
CA ALA A 502 -26.46 2.61 23.09
C ALA A 502 -27.79 2.09 23.63
N GLY A 503 -28.06 0.81 23.40
CA GLY A 503 -29.32 0.21 23.80
C GLY A 503 -29.48 0.02 25.30
N THR A 504 -28.39 0.14 26.04
CA THR A 504 -28.41 -0.13 27.48
C THR A 504 -28.72 1.13 28.30
N LEU A 505 -28.93 2.23 27.61
CA LEU A 505 -29.18 3.51 28.27
C LEU A 505 -30.64 3.66 28.66
N SER A 506 -30.91 4.58 29.58
CA SER A 506 -32.27 4.91 29.95
C SER A 506 -32.84 5.90 28.95
N GLY A 507 -34.07 6.33 29.18
CA GLY A 507 -34.70 7.30 28.31
C GLY A 507 -34.07 8.67 28.45
N GLY A 508 -33.94 9.12 29.70
CA GLY A 508 -33.34 10.40 30.00
C GLY A 508 -31.90 10.48 29.55
N GLU A 509 -31.14 9.41 29.80
CA GLU A 509 -29.75 9.36 29.38
C GLU A 509 -29.60 9.53 27.88
N ALA A 510 -30.48 8.87 27.13
CA ALA A 510 -30.42 8.93 25.67
C ALA A 510 -30.83 10.30 25.14
N GLN A 511 -31.95 10.81 25.65
CA GLN A 511 -32.44 12.13 25.28
C GLN A 511 -31.37 13.19 25.53
N ARG A 512 -30.75 13.12 26.71
CA ARG A 512 -29.73 14.09 27.09
C ARG A 512 -28.43 13.91 26.31
N ILE A 513 -28.11 12.68 25.93
CA ILE A 513 -26.98 12.42 25.06
C ILE A 513 -27.19 13.09 23.72
N ARG A 514 -28.38 12.91 23.16
CA ARG A 514 -28.75 13.59 21.92
C ARG A 514 -28.67 15.11 22.11
N LEU A 515 -29.05 15.58 23.29
CA LEU A 515 -28.94 17.01 23.61
C LEU A 515 -27.50 17.51 23.51
N ALA A 516 -26.58 16.78 24.13
CA ALA A 516 -25.16 17.16 24.09
C ALA A 516 -24.62 17.13 22.67
N THR A 517 -24.93 16.04 21.96
CA THR A 517 -24.56 15.86 20.56
C THR A 517 -25.01 17.07 19.74
N GLN A 518 -26.23 17.52 20.02
CA GLN A 518 -26.83 18.63 19.31
C GLN A 518 -26.18 19.96 19.70
N ILE A 519 -25.75 20.07 20.95
CA ILE A 519 -24.99 21.24 21.39
C ILE A 519 -23.72 21.31 20.55
N GLY A 520 -23.12 20.15 20.31
CA GLY A 520 -21.91 20.07 19.51
C GLY A 520 -22.05 20.53 18.07
N SER A 521 -23.28 20.63 17.57
CA SER A 521 -23.53 20.99 16.18
C SER A 521 -23.30 22.48 15.90
N ARG A 522 -23.50 23.30 16.91
CA ARG A 522 -23.32 24.75 16.81
C ARG A 522 -24.19 25.39 15.73
N LEU A 523 -25.34 24.77 15.46
CA LEU A 523 -26.24 25.25 14.41
C LEU A 523 -26.85 26.62 14.74
N THR A 524 -27.22 27.37 13.70
CA THR A 524 -27.82 28.69 13.88
C THR A 524 -29.10 28.82 13.06
N GLY A 525 -30.10 29.51 13.61
CA GLY A 525 -31.37 29.70 12.92
C GLY A 525 -32.22 28.44 12.97
N VAL A 526 -31.99 27.64 14.01
CA VAL A 526 -32.68 26.38 14.16
C VAL A 526 -33.68 26.44 15.29
N LEU A 527 -34.86 25.87 15.06
CA LEU A 527 -35.91 25.80 16.07
C LEU A 527 -35.84 24.45 16.79
N TYR A 528 -35.16 24.42 17.93
CA TYR A 528 -35.10 23.20 18.72
C TYR A 528 -36.34 22.99 19.57
N VAL A 529 -36.84 21.75 19.60
CA VAL A 529 -37.99 21.40 20.42
C VAL A 529 -37.67 20.27 21.39
N LEU A 530 -37.32 20.63 22.62
CA LEU A 530 -36.98 19.64 23.65
C LEU A 530 -38.20 19.20 24.47
N ASP A 531 -38.22 17.93 24.84
CA ASP A 531 -39.28 17.40 25.70
C ASP A 531 -38.74 16.96 27.05
N GLU A 532 -38.93 17.80 28.05
CA GLU A 532 -38.55 17.51 29.43
C GLU A 532 -37.13 16.97 29.55
N PRO A 533 -36.14 17.85 29.33
CA PRO A 533 -34.74 17.43 29.36
C PRO A 533 -34.23 17.16 30.78
N SER A 534 -35.02 17.52 31.78
CA SER A 534 -34.62 17.32 33.18
C SER A 534 -35.00 15.93 33.67
N ILE A 535 -35.54 15.10 32.78
CA ILE A 535 -35.89 13.73 33.10
C ILE A 535 -34.64 12.94 33.48
N GLY A 536 -34.69 12.26 34.62
CA GLY A 536 -33.58 11.46 35.09
C GLY A 536 -32.38 12.30 35.46
N LEU A 537 -32.65 13.55 35.85
CA LEU A 537 -31.58 14.45 36.24
C LEU A 537 -31.85 14.98 37.64
N HIS A 538 -30.88 14.78 38.52
CA HIS A 538 -30.97 15.26 39.90
C HIS A 538 -31.14 16.77 39.89
N GLN A 539 -31.78 17.29 40.94
CA GLN A 539 -32.04 18.72 41.01
C GLN A 539 -30.75 19.54 41.04
N ARG A 540 -29.73 19.02 41.71
CA ARG A 540 -28.44 19.68 41.79
C ARG A 540 -27.90 20.14 40.44
N ASP A 541 -27.85 19.20 39.49
CA ASP A 541 -27.30 19.47 38.17
C ASP A 541 -28.29 20.19 37.25
N ASN A 542 -29.38 20.71 37.83
CA ASN A 542 -30.38 21.41 37.01
C ASN A 542 -29.82 22.70 36.41
N ASP A 543 -29.19 23.51 37.26
CA ASP A 543 -28.60 24.77 36.82
C ASP A 543 -27.67 24.63 35.61
N ARG A 544 -26.92 23.53 35.58
CA ARG A 544 -26.03 23.26 34.44
C ARG A 544 -26.84 23.09 33.16
N LEU A 545 -27.89 22.27 33.23
CA LEU A 545 -28.77 22.03 32.09
C LEU A 545 -29.27 23.38 31.56
N ILE A 546 -29.95 24.12 32.44
CA ILE A 546 -30.39 25.48 32.17
C ILE A 546 -29.28 26.32 31.53
N ALA A 547 -28.07 26.18 32.06
CA ALA A 547 -26.92 26.96 31.58
C ALA A 547 -26.59 26.65 30.13
N THR A 548 -26.66 25.37 29.76
CA THR A 548 -26.32 24.97 28.41
C THR A 548 -27.44 25.26 27.42
N LEU A 549 -28.68 25.07 27.86
CA LEU A 549 -29.84 25.39 27.04
C LEU A 549 -29.69 26.81 26.51
N LYS A 550 -29.56 27.75 27.45
CA LYS A 550 -29.35 29.14 27.10
C LYS A 550 -28.17 29.34 26.14
N SER A 551 -27.09 28.59 26.35
CA SER A 551 -25.93 28.69 25.47
C SER A 551 -26.38 28.37 24.06
N MET A 552 -27.07 27.24 23.92
CA MET A 552 -27.66 26.87 22.65
C MET A 552 -28.53 28.01 22.15
N ARG A 553 -29.38 28.52 23.05
CA ARG A 553 -30.27 29.64 22.73
C ARG A 553 -29.45 30.85 22.30
N ASP A 554 -28.32 31.05 22.97
CA ASP A 554 -27.47 32.21 22.71
C ASP A 554 -26.55 31.96 21.52
N LEU A 555 -26.92 30.97 20.71
CA LEU A 555 -26.19 30.69 19.49
C LEU A 555 -27.06 31.04 18.29
N GLY A 556 -28.02 31.95 18.51
CA GLY A 556 -28.88 32.42 17.45
C GLY A 556 -30.00 31.44 17.15
N ASN A 557 -30.34 30.64 18.15
CA ASN A 557 -31.38 29.63 17.99
C ASN A 557 -32.54 29.83 18.96
N THR A 558 -33.67 29.19 18.65
CA THR A 558 -34.86 29.29 19.46
C THR A 558 -35.27 27.95 20.03
N LEU A 559 -35.40 27.89 21.35
CA LEU A 559 -35.75 26.64 22.04
C LEU A 559 -37.19 26.64 22.50
N ILE A 560 -37.92 25.58 22.16
CA ILE A 560 -39.24 25.34 22.70
C ILE A 560 -39.22 24.10 23.60
N VAL A 561 -39.12 24.33 24.90
CA VAL A 561 -38.96 23.24 25.87
C VAL A 561 -40.23 22.94 26.65
N VAL A 562 -40.69 21.70 26.56
CA VAL A 562 -41.85 21.27 27.32
C VAL A 562 -41.41 20.71 28.66
N GLU A 563 -41.72 21.44 29.73
CA GLU A 563 -41.24 21.08 31.06
C GLU A 563 -42.33 21.11 32.13
N HIS A 564 -41.96 20.69 33.33
CA HIS A 564 -42.84 20.76 34.49
C HIS A 564 -42.05 21.24 35.69
N ASP A 565 -40.73 21.28 35.53
CA ASP A 565 -39.82 21.67 36.60
C ASP A 565 -39.94 23.16 36.92
N GLU A 566 -39.82 23.51 38.21
CA GLU A 566 -39.96 24.89 38.64
C GLU A 566 -38.87 25.79 38.05
N ASP A 567 -37.62 25.48 38.41
CA ASP A 567 -36.49 26.33 38.06
C ASP A 567 -36.31 26.51 36.56
N THR A 568 -36.72 25.49 35.80
CA THR A 568 -36.65 25.58 34.35
C THR A 568 -37.66 26.60 33.83
N MET A 569 -38.73 26.80 34.58
CA MET A 569 -39.76 27.74 34.18
C MET A 569 -39.47 29.14 34.72
N LEU A 570 -38.76 29.20 35.84
CA LEU A 570 -38.35 30.48 36.41
C LEU A 570 -37.24 31.14 35.61
N ALA A 571 -36.33 30.33 35.08
CA ALA A 571 -35.22 30.86 34.30
C ALA A 571 -35.63 31.10 32.85
N ALA A 572 -36.91 30.84 32.55
CA ALA A 572 -37.42 31.00 31.19
C ALA A 572 -37.69 32.46 30.84
N ASP A 573 -37.54 32.79 29.57
CA ASP A 573 -37.87 34.12 29.09
C ASP A 573 -39.38 34.25 28.97
N TYR A 574 -39.94 33.46 28.04
CA TYR A 574 -41.38 33.41 27.86
C TYR A 574 -41.88 32.15 28.53
N LEU A 575 -43.20 32.02 28.64
CA LEU A 575 -43.78 30.87 29.34
C LEU A 575 -45.26 30.75 29.02
N ILE A 576 -45.61 29.73 28.27
CA ILE A 576 -46.99 29.50 27.89
C ILE A 576 -47.60 28.36 28.69
N ASP A 577 -48.76 28.60 29.27
CA ASP A 577 -49.50 27.56 29.98
C ASP A 577 -50.66 27.10 29.10
N ILE A 578 -50.70 25.80 28.81
CA ILE A 578 -51.67 25.24 27.87
C ILE A 578 -52.86 24.54 28.51
N GLY A 579 -54.06 24.97 28.14
CA GLY A 579 -55.30 24.24 28.42
C GLY A 579 -55.66 23.94 29.86
N PRO A 580 -56.74 24.58 30.35
CA PRO A 580 -57.19 24.30 31.71
C PRO A 580 -57.78 22.88 31.78
N GLY A 581 -56.94 21.93 32.17
CA GLY A 581 -57.34 20.54 32.21
C GLY A 581 -56.76 19.77 31.04
N ALA A 582 -57.04 18.47 30.99
CA ALA A 582 -56.53 17.65 29.90
C ALA A 582 -57.66 17.26 28.95
N GLY A 583 -57.30 16.58 27.87
CA GLY A 583 -58.27 16.07 26.92
C GLY A 583 -59.10 17.16 26.28
N ILE A 584 -60.40 16.94 26.25
CA ILE A 584 -61.33 17.89 25.64
C ILE A 584 -61.47 19.13 26.52
N HIS A 585 -61.01 19.04 27.76
CA HIS A 585 -61.11 20.17 28.69
C HIS A 585 -60.00 21.20 28.46
N GLY A 586 -58.89 20.76 27.88
CA GLY A 586 -57.76 21.63 27.64
C GLY A 586 -57.69 22.13 26.21
N GLY A 587 -56.48 22.12 25.65
CA GLY A 587 -56.28 22.47 24.25
C GLY A 587 -56.37 23.96 23.98
N GLU A 588 -56.30 24.76 25.02
CA GLU A 588 -56.34 26.21 24.88
C GLU A 588 -55.10 26.84 25.50
N VAL A 589 -54.99 28.16 25.38
CA VAL A 589 -53.87 28.86 25.99
C VAL A 589 -54.33 29.73 27.14
N VAL A 590 -54.05 29.26 28.36
CA VAL A 590 -54.51 29.94 29.56
C VAL A 590 -53.80 31.26 29.77
N ALA A 591 -52.51 31.20 30.08
CA ALA A 591 -51.72 32.39 30.33
C ALA A 591 -50.43 32.34 29.52
N ALA A 592 -49.95 33.51 29.10
CA ALA A 592 -48.74 33.58 28.30
C ALA A 592 -48.04 34.92 28.47
N GLY A 593 -46.78 34.85 28.89
CA GLY A 593 -45.95 36.04 29.06
C GLY A 593 -44.63 35.67 29.72
N THR A 594 -44.14 36.55 30.58
CA THR A 594 -42.95 36.27 31.38
C THR A 594 -43.33 35.33 32.51
N PRO A 595 -42.36 34.62 33.11
CA PRO A 595 -42.69 33.77 34.26
C PRO A 595 -43.13 34.59 35.48
N GLU A 596 -43.08 35.91 35.37
CA GLU A 596 -43.54 36.79 36.43
C GLU A 596 -44.97 37.22 36.14
N GLU A 597 -45.33 37.25 34.87
CA GLU A 597 -46.67 37.61 34.44
C GLU A 597 -47.64 36.44 34.59
N VAL A 598 -47.17 35.25 34.22
CA VAL A 598 -47.98 34.05 34.36
C VAL A 598 -48.11 33.69 35.83
N MET A 599 -47.07 34.02 36.60
CA MET A 599 -47.08 33.80 38.03
C MET A 599 -48.17 34.64 38.69
N ASN A 600 -48.37 35.85 38.17
CA ASN A 600 -49.37 36.75 38.71
C ASN A 600 -50.68 36.70 37.93
N ASP A 601 -51.03 35.51 37.45
CA ASP A 601 -52.29 35.32 36.76
C ASP A 601 -53.08 34.22 37.43
N PRO A 602 -54.23 34.58 38.01
CA PRO A 602 -55.12 33.64 38.72
C PRO A 602 -55.62 32.51 37.82
N ASN A 603 -55.79 32.79 36.54
CA ASN A 603 -56.31 31.78 35.61
C ASN A 603 -55.35 30.63 35.39
N SER A 604 -54.05 30.93 35.40
CA SER A 604 -53.04 29.91 35.18
C SER A 604 -52.98 28.96 36.35
N LEU A 605 -53.30 27.69 36.09
CA LEU A 605 -53.23 26.65 37.10
C LEU A 605 -51.78 26.46 37.55
N THR A 606 -50.85 26.66 36.63
CA THR A 606 -49.43 26.49 36.92
C THR A 606 -48.90 27.61 37.80
N GLY A 607 -49.38 28.82 37.54
CA GLY A 607 -48.96 30.00 38.27
C GLY A 607 -49.34 29.92 39.73
N GLN A 608 -50.44 29.22 40.01
CA GLN A 608 -50.91 29.04 41.37
C GLN A 608 -49.93 28.19 42.18
N TYR A 609 -49.12 27.41 41.48
CA TYR A 609 -48.13 26.56 42.13
C TYR A 609 -46.79 27.27 42.29
N LEU A 610 -46.40 28.04 41.28
CA LEU A 610 -45.15 28.80 41.33
C LEU A 610 -45.24 29.89 42.37
N SER A 611 -46.37 30.58 42.40
CA SER A 611 -46.58 31.64 43.38
C SER A 611 -46.71 31.04 44.77
N GLY A 612 -47.22 29.82 44.84
CA GLY A 612 -47.35 29.12 46.11
C GLY A 612 -48.77 29.06 46.64
N LYS A 613 -49.72 29.57 45.86
CA LYS A 613 -51.14 29.56 46.23
C LYS A 613 -51.59 28.12 46.45
N LYS A 614 -51.30 27.28 45.47
CA LYS A 614 -51.55 25.85 45.60
C LYS A 614 -50.22 25.10 45.57
N PHE A 615 -50.13 24.03 46.35
CA PHE A 615 -48.90 23.26 46.44
C PHE A 615 -49.16 21.85 46.98
N ILE A 616 -48.12 21.02 46.96
CA ILE A 616 -48.20 19.67 47.52
C ILE A 616 -47.80 19.68 49.00
N PRO A 617 -48.77 19.41 49.88
CA PRO A 617 -48.59 19.47 51.34
C PRO A 617 -47.73 18.33 51.89
N ILE A 618 -46.85 18.68 52.82
CA ILE A 618 -46.03 17.70 53.54
C ILE A 618 -46.92 16.97 54.56
N PRO A 619 -46.83 15.63 54.61
CA PRO A 619 -47.60 14.82 55.55
C PRO A 619 -47.46 15.28 57.00
N ALA A 620 -48.54 15.20 57.77
CA ALA A 620 -48.50 15.60 59.17
C ALA A 620 -47.55 14.70 59.94
N GLU A 621 -47.59 13.41 59.61
CA GLU A 621 -46.68 12.44 60.20
C GLU A 621 -46.27 11.45 59.12
N ARG A 622 -45.13 10.79 59.33
CA ARG A 622 -44.63 9.82 58.38
C ARG A 622 -44.72 8.42 58.96
N ARG A 623 -45.09 7.47 58.12
CA ARG A 623 -45.24 6.08 58.54
C ARG A 623 -43.94 5.50 59.09
N ARG A 624 -43.85 5.42 60.41
CA ARG A 624 -42.70 4.79 61.06
C ARG A 624 -42.66 3.31 60.69
N PRO A 625 -41.47 2.79 60.37
CA PRO A 625 -41.32 1.40 59.95
C PRO A 625 -41.58 0.41 61.08
N ASP A 626 -42.30 -0.67 60.79
CA ASP A 626 -42.56 -1.70 61.77
C ASP A 626 -41.34 -2.61 61.95
N GLY A 627 -41.60 -3.92 62.05
CA GLY A 627 -40.53 -4.88 62.26
C GLY A 627 -40.14 -5.63 61.01
N ARG A 628 -40.71 -5.22 59.87
CA ARG A 628 -40.47 -5.89 58.61
C ARG A 628 -39.46 -5.12 57.75
N TRP A 629 -38.32 -5.74 57.46
CA TRP A 629 -37.28 -5.09 56.67
C TRP A 629 -36.71 -6.05 55.63
N LEU A 630 -36.49 -5.52 54.42
CA LEU A 630 -35.71 -6.22 53.40
C LEU A 630 -34.24 -5.88 53.65
N GLU A 631 -33.37 -6.87 53.56
CA GLU A 631 -31.95 -6.64 53.82
C GLU A 631 -31.06 -7.05 52.65
N VAL A 632 -30.71 -6.07 51.81
CA VAL A 632 -29.77 -6.31 50.73
C VAL A 632 -28.34 -6.26 51.28
N VAL A 633 -27.56 -7.29 50.99
CA VAL A 633 -26.25 -7.44 51.60
C VAL A 633 -25.17 -7.64 50.53
N GLY A 634 -24.05 -6.95 50.67
CA GLY A 634 -22.89 -7.15 49.82
C GLY A 634 -23.13 -6.94 48.34
N ALA A 635 -23.83 -5.87 48.00
CA ALA A 635 -24.10 -5.53 46.61
C ALA A 635 -22.90 -4.80 46.00
N ARG A 636 -22.33 -5.39 44.95
CA ARG A 636 -21.12 -4.85 44.31
C ARG A 636 -21.20 -4.94 42.78
N GLU A 637 -22.40 -4.82 42.23
CA GLU A 637 -22.61 -5.04 40.79
C GLU A 637 -21.78 -4.12 39.89
N HIS A 638 -22.26 -2.91 39.64
CA HIS A 638 -21.53 -1.98 38.80
C HIS A 638 -20.55 -1.14 39.62
N ASN A 639 -20.98 0.04 40.02
CA ASN A 639 -20.13 0.91 40.81
C ASN A 639 -20.53 0.90 42.28
N LEU A 640 -21.25 -0.15 42.67
CA LEU A 640 -21.68 -0.33 44.05
C LEU A 640 -20.53 -0.84 44.91
N LYS A 641 -20.36 -0.23 46.08
CA LYS A 641 -19.19 -0.49 46.93
C LYS A 641 -19.50 -1.41 48.11
N ASN A 642 -19.72 -2.69 47.84
CA ASN A 642 -20.03 -3.68 48.88
C ASN A 642 -21.18 -3.21 49.77
N VAL A 643 -22.19 -2.63 49.13
CA VAL A 643 -23.25 -1.91 49.82
C VAL A 643 -24.24 -2.85 50.53
N SER A 644 -24.67 -2.46 51.73
CA SER A 644 -25.67 -3.21 52.48
C SER A 644 -26.77 -2.28 53.02
N VAL A 645 -28.01 -2.48 52.54
CA VAL A 645 -29.11 -1.61 52.93
C VAL A 645 -30.31 -2.35 53.53
N LYS A 646 -31.11 -1.62 54.31
CA LYS A 646 -32.31 -2.12 54.94
C LYS A 646 -33.53 -1.30 54.48
N ILE A 647 -34.37 -1.90 53.64
CA ILE A 647 -35.56 -1.23 53.14
C ILE A 647 -36.78 -1.54 54.01
N PRO A 648 -37.41 -0.50 54.58
CA PRO A 648 -38.61 -0.69 55.42
C PRO A 648 -39.83 -1.03 54.57
N LEU A 649 -40.62 -2.01 55.00
CA LEU A 649 -41.80 -2.40 54.26
C LEU A 649 -43.06 -1.74 54.82
N GLY A 650 -44.13 -1.75 54.03
CA GLY A 650 -45.38 -1.15 54.43
C GLY A 650 -45.31 0.36 54.51
N THR A 651 -44.43 0.93 53.71
CA THR A 651 -44.23 2.38 53.72
C THR A 651 -43.79 2.88 52.35
N PHE A 652 -43.88 4.19 52.15
CA PHE A 652 -43.50 4.81 50.90
C PHE A 652 -41.99 5.08 50.89
N VAL A 653 -41.25 4.25 50.17
CA VAL A 653 -39.79 4.36 50.10
C VAL A 653 -39.34 5.06 48.82
N ALA A 654 -38.45 6.03 48.96
CA ALA A 654 -37.87 6.70 47.80
C ALA A 654 -36.34 6.53 47.74
N VAL A 655 -35.86 5.82 46.73
CA VAL A 655 -34.43 5.69 46.50
C VAL A 655 -33.93 6.84 45.64
N THR A 656 -33.25 7.80 46.28
CA THR A 656 -32.78 8.99 45.59
C THR A 656 -31.26 8.97 45.44
N GLY A 657 -30.73 10.01 44.81
CA GLY A 657 -29.30 10.12 44.57
C GLY A 657 -29.02 10.65 43.19
N VAL A 658 -27.82 11.21 43.00
CA VAL A 658 -27.45 11.78 41.72
C VAL A 658 -27.43 10.72 40.61
N SER A 659 -27.60 11.15 39.37
CA SER A 659 -27.53 10.24 38.24
C SER A 659 -26.12 9.69 38.08
N GLY A 660 -25.99 8.37 38.10
CA GLY A 660 -24.70 7.72 38.01
C GLY A 660 -24.35 7.02 39.30
N SER A 661 -25.11 7.33 40.35
CA SER A 661 -24.88 6.74 41.66
C SER A 661 -25.21 5.25 41.67
N GLY A 662 -25.96 4.81 40.67
CA GLY A 662 -26.28 3.40 40.53
C GLY A 662 -27.58 3.00 41.18
N LYS A 663 -28.57 3.89 41.10
CA LYS A 663 -29.90 3.63 41.67
C LYS A 663 -30.59 2.52 40.88
N SER A 664 -30.43 2.58 39.56
CA SER A 664 -30.97 1.58 38.65
C SER A 664 -30.39 0.21 38.99
N THR A 665 -29.08 0.19 39.23
CA THR A 665 -28.34 -1.01 39.55
C THR A 665 -28.82 -1.68 40.84
N LEU A 666 -28.93 -0.90 41.91
CA LEU A 666 -29.38 -1.42 43.19
C LEU A 666 -30.84 -1.87 43.12
N VAL A 667 -31.72 -0.93 42.76
CA VAL A 667 -33.16 -1.19 42.82
C VAL A 667 -33.63 -2.23 41.82
N ASN A 668 -33.16 -2.12 40.59
CA ASN A 668 -33.66 -2.99 39.53
C ASN A 668 -32.72 -4.18 39.23
N GLU A 669 -31.45 -3.89 38.99
CA GLU A 669 -30.50 -4.92 38.57
C GLU A 669 -30.17 -5.92 39.67
N VAL A 670 -30.30 -5.50 40.93
CA VAL A 670 -29.97 -6.36 42.06
C VAL A 670 -31.22 -6.83 42.80
N LEU A 671 -31.97 -5.88 43.34
CA LEU A 671 -33.12 -6.19 44.18
C LEU A 671 -34.23 -6.90 43.43
N TYR A 672 -34.75 -6.25 42.39
CA TYR A 672 -35.90 -6.77 41.66
C TYR A 672 -35.66 -8.15 41.05
N LYS A 673 -34.48 -8.37 40.48
CA LYS A 673 -34.18 -9.64 39.84
C LYS A 673 -34.05 -10.80 40.82
N ALA A 674 -33.47 -10.52 41.99
CA ALA A 674 -33.37 -11.54 43.03
C ALA A 674 -34.75 -11.87 43.60
N LEU A 675 -35.49 -10.83 43.97
CA LEU A 675 -36.85 -10.99 44.48
C LEU A 675 -37.73 -11.72 43.48
N ALA A 676 -37.46 -11.51 42.19
CA ALA A 676 -38.25 -12.13 41.13
C ALA A 676 -37.88 -13.59 40.94
N GLN A 677 -36.59 -13.89 40.94
CA GLN A 677 -36.14 -15.26 40.78
C GLN A 677 -36.54 -16.10 41.99
N LYS A 678 -36.76 -15.44 43.12
CA LYS A 678 -37.16 -16.15 44.33
C LYS A 678 -38.68 -16.31 44.44
N LEU A 679 -39.42 -15.23 44.21
CA LEU A 679 -40.87 -15.25 44.42
C LEU A 679 -41.66 -15.78 43.23
N HIS A 680 -41.15 -15.58 42.03
CA HIS A 680 -41.89 -15.99 40.83
C HIS A 680 -41.06 -16.89 39.94
N ARG A 681 -39.91 -17.33 40.46
CA ARG A 681 -39.02 -18.21 39.72
C ARG A 681 -38.60 -17.60 38.39
N ALA A 682 -38.42 -16.28 38.40
CA ALA A 682 -37.95 -15.59 37.22
C ALA A 682 -36.54 -16.05 36.88
N LYS A 683 -36.17 -15.95 35.61
CA LYS A 683 -34.90 -16.49 35.14
C LYS A 683 -33.81 -15.45 34.97
N ALA A 684 -34.16 -14.18 35.15
CA ALA A 684 -33.19 -13.10 34.98
C ALA A 684 -32.07 -13.20 36.00
N LYS A 685 -30.83 -13.20 35.52
CA LYS A 685 -29.67 -13.26 36.40
C LYS A 685 -29.52 -11.96 37.19
N PRO A 686 -29.68 -12.05 38.53
CA PRO A 686 -29.58 -10.86 39.38
C PRO A 686 -28.16 -10.34 39.45
N GLY A 687 -28.01 -9.05 39.78
CA GLY A 687 -26.71 -8.44 39.91
C GLY A 687 -25.90 -9.06 41.03
N GLU A 688 -24.59 -8.78 41.02
CA GLU A 688 -23.69 -9.31 42.03
C GLU A 688 -24.02 -8.82 43.44
N HIS A 689 -24.46 -9.74 44.30
CA HIS A 689 -24.77 -9.41 45.68
C HIS A 689 -24.59 -10.64 46.59
N ARG A 690 -24.45 -10.41 47.89
CA ARG A 690 -24.21 -11.50 48.83
C ARG A 690 -25.49 -12.26 49.13
N ASP A 691 -26.48 -11.55 49.68
CA ASP A 691 -27.75 -12.16 50.05
C ASP A 691 -28.82 -11.10 50.29
N ILE A 692 -30.09 -11.53 50.26
CA ILE A 692 -31.20 -10.63 50.55
C ILE A 692 -32.16 -11.26 51.56
N ARG A 693 -32.35 -10.59 52.69
CA ARG A 693 -33.16 -11.13 53.79
C ARG A 693 -34.52 -10.44 53.88
N GLY A 694 -35.42 -11.02 54.66
CA GLY A 694 -36.77 -10.51 54.80
C GLY A 694 -37.64 -10.91 53.62
N LEU A 695 -37.21 -11.99 52.95
CA LEU A 695 -37.89 -12.48 51.75
C LEU A 695 -39.22 -13.11 52.09
N GLU A 696 -39.41 -13.42 53.37
CA GLU A 696 -40.62 -14.06 53.85
C GLU A 696 -41.70 -13.01 54.16
N HIS A 697 -41.34 -11.74 54.02
CA HIS A 697 -42.26 -10.66 54.37
C HIS A 697 -43.19 -10.24 53.24
N LEU A 698 -43.04 -10.87 52.08
CA LEU A 698 -43.90 -10.56 50.94
C LEU A 698 -44.02 -11.72 49.95
N ASP A 699 -45.06 -11.67 49.12
CA ASP A 699 -45.37 -12.76 48.20
C ASP A 699 -45.05 -12.42 46.75
N LYS A 700 -45.31 -11.18 46.37
CA LYS A 700 -45.13 -10.78 44.98
C LYS A 700 -44.50 -9.39 44.82
N VAL A 701 -43.56 -9.29 43.89
CA VAL A 701 -42.92 -8.03 43.58
C VAL A 701 -43.27 -7.56 42.18
N ILE A 702 -44.02 -6.47 42.09
CA ILE A 702 -44.40 -5.92 40.79
C ILE A 702 -43.57 -4.69 40.43
N ASP A 703 -42.71 -4.84 39.42
CA ASP A 703 -41.98 -3.71 38.85
C ASP A 703 -42.78 -3.09 37.72
N ILE A 704 -43.39 -1.95 37.98
CA ILE A 704 -44.16 -1.26 36.96
C ILE A 704 -43.21 -0.48 36.05
N ASP A 705 -42.76 -1.16 34.99
CA ASP A 705 -41.74 -0.65 34.09
C ASP A 705 -42.19 0.62 33.37
N GLN A 706 -41.22 1.31 32.77
CA GLN A 706 -41.52 2.50 31.99
C GLN A 706 -41.34 2.19 30.50
N SER A 707 -40.99 0.95 30.20
CA SER A 707 -40.96 0.47 28.82
C SER A 707 -42.38 0.48 28.23
N PRO A 708 -42.50 0.59 26.89
CA PRO A 708 -43.82 0.66 26.25
C PRO A 708 -44.71 -0.54 26.53
N ILE A 709 -45.99 -0.38 26.21
CA ILE A 709 -46.99 -1.41 26.45
C ILE A 709 -46.89 -2.49 25.40
N GLY A 710 -47.00 -2.08 24.14
CA GLY A 710 -46.93 -3.00 23.03
C GLY A 710 -45.98 -2.46 21.96
N ARG A 711 -45.62 -3.32 21.01
CA ARG A 711 -44.70 -2.92 19.97
C ARG A 711 -45.40 -2.81 18.63
N THR A 712 -46.70 -3.11 18.64
CA THR A 712 -47.53 -3.00 17.45
C THR A 712 -48.72 -2.11 17.73
N PRO A 713 -49.38 -1.58 16.69
CA PRO A 713 -50.59 -0.80 16.93
C PRO A 713 -51.75 -1.66 17.43
N ARG A 714 -51.54 -2.97 17.49
CA ARG A 714 -52.56 -3.90 17.95
C ARG A 714 -52.80 -3.73 19.45
N SER A 715 -51.78 -3.28 20.17
CA SER A 715 -51.89 -3.06 21.61
C SER A 715 -52.31 -1.64 21.94
N ASN A 716 -53.16 -1.53 22.95
CA ASN A 716 -53.65 -0.25 23.43
C ASN A 716 -54.15 -0.44 24.85
N PRO A 717 -54.35 0.68 25.59
CA PRO A 717 -54.90 0.70 26.95
C PRO A 717 -56.01 -0.32 27.17
N ALA A 718 -56.98 -0.33 26.26
CA ALA A 718 -58.09 -1.27 26.33
C ALA A 718 -57.61 -2.72 26.29
N THR A 719 -56.61 -2.98 25.46
CA THR A 719 -56.08 -4.33 25.32
C THR A 719 -55.23 -4.72 26.52
N TYR A 720 -54.32 -3.83 26.91
CA TYR A 720 -53.41 -4.10 28.01
C TYR A 720 -54.13 -4.27 29.34
N THR A 721 -55.20 -3.50 29.55
CA THR A 721 -55.98 -3.60 30.78
C THR A 721 -56.92 -4.81 30.78
N GLY A 722 -57.33 -5.24 29.59
CA GLY A 722 -58.21 -6.37 29.46
C GLY A 722 -59.65 -5.95 29.25
N VAL A 723 -59.86 -4.64 29.20
CA VAL A 723 -61.18 -4.05 29.00
C VAL A 723 -61.75 -4.45 27.64
N PHE A 724 -60.88 -4.42 26.64
CA PHE A 724 -61.30 -4.72 25.28
C PHE A 724 -61.80 -6.16 25.13
N ASP A 725 -61.38 -7.03 26.06
CA ASP A 725 -61.84 -8.41 26.03
C ASP A 725 -63.32 -8.48 26.39
N ASP A 726 -63.69 -7.79 27.46
CA ASP A 726 -65.08 -7.75 27.92
C ASP A 726 -65.93 -6.93 26.96
N ILE A 727 -65.32 -5.90 26.37
CA ILE A 727 -66.04 -4.98 25.52
C ILE A 727 -66.50 -5.64 24.23
N ARG A 728 -65.92 -6.80 23.92
CA ARG A 728 -66.34 -7.57 22.76
C ARG A 728 -67.49 -8.48 23.14
N ASP A 729 -67.60 -8.77 24.44
CA ASP A 729 -68.62 -9.68 24.92
C ASP A 729 -70.00 -9.04 24.86
N VAL A 730 -70.04 -7.73 25.06
CA VAL A 730 -71.30 -7.00 25.02
C VAL A 730 -71.79 -6.83 23.57
N PHE A 731 -70.85 -6.69 22.64
CA PHE A 731 -71.20 -6.60 21.24
C PHE A 731 -71.64 -7.96 20.74
N ALA A 732 -71.01 -9.01 21.26
CA ALA A 732 -71.35 -10.37 20.87
C ALA A 732 -72.72 -10.78 21.39
N SER A 733 -73.22 -10.03 22.37
CA SER A 733 -74.44 -10.38 23.07
C SER A 733 -75.59 -9.47 22.68
N THR A 734 -75.31 -8.51 21.80
CA THR A 734 -76.34 -7.59 21.35
C THR A 734 -77.26 -8.27 20.35
N ASN A 735 -78.45 -7.69 20.17
CA ASN A 735 -79.47 -8.27 19.32
C ASN A 735 -79.03 -8.58 17.89
N GLU A 736 -78.40 -7.61 17.24
CA GLU A 736 -77.99 -7.79 15.85
C GLU A 736 -76.91 -8.87 15.71
N ALA A 737 -76.02 -8.96 16.68
CA ALA A 737 -74.95 -9.94 16.63
C ALA A 737 -75.49 -11.35 16.79
N LYS A 738 -76.53 -11.48 17.60
CA LYS A 738 -77.19 -12.76 17.81
C LYS A 738 -77.79 -13.25 16.50
N VAL A 739 -78.46 -12.35 15.79
CA VAL A 739 -79.09 -12.69 14.52
C VAL A 739 -78.06 -12.70 13.39
N ARG A 740 -76.85 -12.22 13.67
CA ARG A 740 -75.78 -12.26 12.68
C ARG A 740 -74.70 -13.26 13.10
N GLY A 741 -74.88 -13.88 14.26
CA GLY A 741 -73.97 -14.90 14.74
C GLY A 741 -72.55 -14.43 15.02
N TYR A 742 -72.36 -13.12 15.12
CA TYR A 742 -71.06 -12.59 15.49
C TYR A 742 -70.82 -12.95 16.94
N LYS A 743 -69.59 -13.32 17.27
CA LYS A 743 -69.24 -13.62 18.65
C LYS A 743 -68.07 -12.77 19.09
N LYS A 744 -67.44 -13.15 20.19
CA LYS A 744 -66.31 -12.39 20.72
C LYS A 744 -65.03 -12.62 19.90
N GLY A 745 -65.21 -12.71 18.58
CA GLY A 745 -64.11 -12.90 17.65
C GLY A 745 -64.35 -12.11 16.37
N ARG A 746 -65.63 -11.94 16.02
CA ARG A 746 -65.97 -11.11 14.87
C ARG A 746 -65.62 -9.66 15.16
N PHE A 747 -65.77 -9.28 16.42
CA PHE A 747 -65.41 -7.94 16.87
C PHE A 747 -63.99 -7.89 17.38
N SER A 748 -63.26 -8.99 17.20
CA SER A 748 -61.87 -9.05 17.66
C SER A 748 -60.93 -8.31 16.71
N PHE A 749 -60.08 -7.47 17.30
CA PHE A 749 -59.17 -6.58 16.58
C PHE A 749 -58.18 -7.30 15.65
N ASN A 750 -57.76 -8.49 16.04
CA ASN A 750 -56.69 -9.20 15.35
C ASN A 750 -57.19 -10.47 14.67
N VAL A 751 -58.50 -10.51 14.42
CA VAL A 751 -59.15 -11.69 13.88
C VAL A 751 -59.80 -11.40 12.53
N LYS A 752 -59.44 -12.19 11.52
CA LYS A 752 -59.90 -11.99 10.14
C LYS A 752 -61.42 -11.83 10.01
N GLY A 753 -62.16 -12.44 10.93
CA GLY A 753 -63.60 -12.47 10.87
C GLY A 753 -64.29 -11.17 10.48
N GLY A 754 -63.83 -10.06 11.03
CA GLY A 754 -64.48 -8.77 10.82
C GLY A 754 -63.57 -7.56 10.61
N ARG A 755 -62.28 -7.72 10.91
CA ARG A 755 -61.34 -6.61 10.77
C ARG A 755 -61.08 -6.24 9.31
N CYS A 756 -60.57 -5.04 9.08
CA CYS A 756 -60.24 -4.56 7.74
C CYS A 756 -59.14 -5.41 7.11
N GLU A 757 -59.51 -6.21 6.12
CA GLU A 757 -58.57 -7.12 5.47
C GLU A 757 -57.44 -6.39 4.75
N ALA A 758 -57.65 -5.11 4.47
CA ALA A 758 -56.63 -4.30 3.81
C ALA A 758 -55.47 -4.02 4.77
N CYS A 759 -55.78 -3.42 5.91
CA CYS A 759 -54.76 -3.10 6.90
C CYS A 759 -54.44 -4.29 7.79
N HIS A 760 -55.12 -5.41 7.56
CA HIS A 760 -54.96 -6.62 8.37
C HIS A 760 -55.22 -6.35 9.85
N GLY A 761 -56.11 -5.40 10.13
CA GLY A 761 -56.51 -5.10 11.49
C GLY A 761 -55.61 -4.14 12.23
N ASP A 762 -54.70 -3.51 11.48
CA ASP A 762 -53.81 -2.51 12.05
C ASP A 762 -54.51 -1.16 12.13
N GLY A 763 -55.27 -0.85 11.08
CA GLY A 763 -55.99 0.41 11.01
C GLY A 763 -55.11 1.50 10.43
N ILE A 764 -53.82 1.43 10.73
CA ILE A 764 -52.85 2.39 10.22
C ILE A 764 -51.72 1.68 9.48
N ILE A 765 -51.49 2.08 8.23
CA ILE A 765 -50.40 1.55 7.42
C ILE A 765 -49.10 2.29 7.76
N LYS A 766 -48.02 1.54 8.01
CA LYS A 766 -46.73 2.18 8.32
C LYS A 766 -45.93 2.44 7.05
N ILE A 767 -45.69 3.71 6.76
CA ILE A 767 -44.95 4.07 5.56
C ILE A 767 -43.45 4.04 5.84
N GLU A 768 -42.65 3.83 4.80
CA GLU A 768 -41.21 3.71 4.96
C GLU A 768 -40.50 5.04 4.71
N MET A 769 -40.08 5.69 5.80
CA MET A 769 -39.26 6.88 5.73
C MET A 769 -37.80 6.49 5.95
N HIS A 770 -36.97 6.73 4.93
CA HIS A 770 -35.59 6.26 4.91
C HIS A 770 -34.69 6.89 5.97
N PHE A 771 -34.44 8.19 5.85
CA PHE A 771 -33.62 8.90 6.82
C PHE A 771 -34.46 9.55 7.91
N LEU A 772 -35.71 9.88 7.57
CA LEU A 772 -36.66 10.39 8.55
C LEU A 772 -37.23 9.22 9.33
N PRO A 773 -37.80 9.48 10.52
CA PRO A 773 -38.48 8.40 11.24
C PRO A 773 -39.75 7.96 10.51
N ASP A 774 -40.11 6.68 10.64
CA ASP A 774 -41.27 6.13 9.96
C ASP A 774 -42.58 6.78 10.41
N VAL A 775 -43.51 6.92 9.48
CA VAL A 775 -44.78 7.61 9.74
C VAL A 775 -45.98 6.68 9.57
N TYR A 776 -46.99 6.85 10.43
CA TYR A 776 -48.22 6.07 10.33
C TYR A 776 -49.30 6.81 9.54
N VAL A 777 -49.61 6.30 8.35
CA VAL A 777 -50.66 6.86 7.49
C VAL A 777 -51.91 5.98 7.52
N PRO A 778 -53.07 6.59 7.84
CA PRO A 778 -54.34 5.87 8.00
C PRO A 778 -54.70 4.97 6.81
N CYS A 779 -55.22 3.78 7.10
CA CYS A 779 -55.68 2.85 6.06
C CYS A 779 -56.79 3.49 5.23
N GLU A 780 -56.56 3.59 3.92
CA GLU A 780 -57.52 4.27 3.04
C GLU A 780 -58.79 3.46 2.73
N VAL A 781 -58.83 2.21 3.19
CA VAL A 781 -59.98 1.32 2.97
C VAL A 781 -60.98 1.37 4.13
N CYS A 782 -60.47 1.39 5.35
CA CYS A 782 -61.35 1.44 6.53
C CYS A 782 -61.33 2.83 7.17
N HIS A 783 -60.55 3.74 6.59
CA HIS A 783 -60.40 5.11 7.09
C HIS A 783 -59.91 5.14 8.54
N GLY A 784 -59.24 4.07 8.97
CA GLY A 784 -58.70 4.00 10.31
C GLY A 784 -59.65 3.37 11.32
N LYS A 785 -60.84 3.00 10.87
CA LYS A 785 -61.86 2.42 11.75
C LYS A 785 -61.47 1.02 12.24
N ARG A 786 -60.50 0.42 11.56
CA ARG A 786 -59.90 -0.87 11.96
C ARG A 786 -60.78 -2.10 11.76
N TYR A 787 -62.02 -1.89 11.35
CA TYR A 787 -62.93 -2.99 11.02
C TYR A 787 -63.62 -2.74 9.68
N ASN A 788 -64.12 -3.81 9.06
CA ASN A 788 -64.84 -3.67 7.79
C ASN A 788 -66.20 -3.02 7.96
N ARG A 789 -66.90 -2.78 6.85
CA ARG A 789 -68.18 -2.07 6.87
C ARG A 789 -69.25 -2.78 7.70
N GLU A 790 -69.36 -4.08 7.52
CA GLU A 790 -70.45 -4.85 8.10
C GLU A 790 -70.26 -5.09 9.59
N THR A 791 -69.01 -5.17 10.02
CA THR A 791 -68.72 -5.38 11.43
C THR A 791 -69.18 -4.18 12.26
N LEU A 792 -69.07 -2.98 11.70
CA LEU A 792 -69.45 -1.77 12.42
C LEU A 792 -70.91 -1.39 12.20
N GLU A 793 -71.66 -2.29 11.60
CA GLU A 793 -73.10 -2.12 11.45
C GLU A 793 -73.80 -2.51 12.75
N VAL A 794 -73.17 -3.39 13.52
CA VAL A 794 -73.66 -3.80 14.83
C VAL A 794 -73.48 -2.68 15.84
N THR A 795 -74.57 -2.24 16.45
CA THR A 795 -74.54 -1.09 17.33
C THR A 795 -74.80 -1.41 18.80
N TYR A 796 -74.21 -0.60 19.68
CA TYR A 796 -74.41 -0.69 21.12
C TYR A 796 -74.69 0.70 21.67
N LYS A 797 -75.94 0.96 22.03
CA LYS A 797 -76.35 2.27 22.53
C LYS A 797 -75.99 3.41 21.59
N GLY A 798 -76.17 3.19 20.29
CA GLY A 798 -75.97 4.23 19.29
C GLY A 798 -74.54 4.39 18.80
N LYS A 799 -73.65 3.53 19.28
CA LYS A 799 -72.24 3.59 18.92
C LYS A 799 -71.70 2.21 18.57
N ASN A 800 -70.87 2.11 17.54
CA ASN A 800 -70.26 0.84 17.17
C ASN A 800 -68.89 0.64 17.81
N ILE A 801 -68.27 -0.50 17.54
CA ILE A 801 -67.00 -0.86 18.17
C ILE A 801 -65.85 0.09 17.80
N ALA A 802 -65.86 0.61 16.58
CA ALA A 802 -64.85 1.57 16.15
C ALA A 802 -65.08 2.86 16.91
N GLU A 803 -66.34 3.18 17.13
CA GLU A 803 -66.70 4.42 17.80
C GLU A 803 -66.36 4.34 19.28
N VAL A 804 -66.63 3.20 19.89
CA VAL A 804 -66.35 3.02 21.31
C VAL A 804 -64.85 2.88 21.55
N LEU A 805 -64.12 2.38 20.55
CA LEU A 805 -62.67 2.27 20.66
C LEU A 805 -62.03 3.65 20.54
N ASP A 806 -62.79 4.57 19.97
CA ASP A 806 -62.33 5.95 19.77
C ASP A 806 -62.67 6.81 20.98
N MET A 807 -63.53 6.29 21.85
CA MET A 807 -63.97 7.06 23.01
C MET A 807 -62.87 7.28 24.02
N THR A 808 -63.01 8.36 24.78
CA THR A 808 -62.08 8.69 25.82
C THR A 808 -62.40 7.85 27.04
N VAL A 809 -61.38 7.53 27.82
CA VAL A 809 -61.53 6.72 29.02
C VAL A 809 -62.60 7.29 29.95
N GLU A 810 -62.57 8.60 30.14
CA GLU A 810 -63.59 9.32 30.92
C GLU A 810 -64.97 9.09 30.30
N ASP A 811 -65.12 9.50 29.04
CA ASP A 811 -66.35 9.27 28.28
C ASP A 811 -66.71 7.79 28.24
N ALA A 812 -65.71 6.91 28.29
CA ALA A 812 -65.95 5.47 28.30
C ALA A 812 -66.63 4.99 29.58
N LEU A 813 -66.06 5.35 30.73
CA LEU A 813 -66.65 4.96 32.01
C LEU A 813 -67.99 5.67 32.21
N ASP A 814 -68.16 6.82 31.59
CA ASP A 814 -69.45 7.48 31.64
C ASP A 814 -70.44 6.74 30.75
N PHE A 815 -69.90 6.06 29.74
CA PHE A 815 -70.71 5.31 28.80
C PHE A 815 -70.96 3.91 29.33
N PHE A 816 -70.02 3.41 30.12
CA PHE A 816 -70.11 2.06 30.67
C PHE A 816 -70.32 2.08 32.19
N ALA A 817 -71.02 3.10 32.69
CA ALA A 817 -71.50 3.06 34.07
C ALA A 817 -72.40 1.82 34.19
N SER A 818 -72.98 1.40 33.07
CA SER A 818 -73.74 0.18 32.98
C SER A 818 -73.03 -1.03 33.58
N ILE A 819 -72.12 -1.62 32.81
CA ILE A 819 -71.43 -2.84 33.24
C ILE A 819 -70.39 -2.50 34.29
N PRO A 820 -70.56 -3.07 35.49
CA PRO A 820 -69.64 -2.83 36.61
C PRO A 820 -68.24 -3.35 36.34
N LYS A 821 -68.12 -4.42 35.55
CA LYS A 821 -66.81 -5.02 35.31
C LYS A 821 -65.96 -4.19 34.35
N ILE A 822 -66.61 -3.55 33.38
CA ILE A 822 -65.93 -2.60 32.50
C ILE A 822 -65.56 -1.36 33.32
N LYS A 823 -66.53 -0.93 34.13
CA LYS A 823 -66.42 0.28 34.92
C LYS A 823 -65.24 0.25 35.88
N ARG A 824 -65.13 -0.83 36.66
CA ARG A 824 -64.08 -0.93 37.66
C ARG A 824 -62.68 -0.99 37.06
N LYS A 825 -62.62 -1.30 35.77
CA LYS A 825 -61.35 -1.33 35.05
C LYS A 825 -61.01 0.04 34.45
N LEU A 826 -62.01 0.70 33.88
CA LEU A 826 -61.80 2.05 33.34
C LEU A 826 -61.46 3.04 34.46
N GLU A 827 -62.09 2.81 35.62
CA GLU A 827 -61.86 3.64 36.81
C GLU A 827 -60.39 3.64 37.22
N THR A 828 -59.70 2.54 36.97
CA THR A 828 -58.28 2.44 37.29
C THR A 828 -57.49 3.39 36.41
N LEU A 829 -57.79 3.36 35.11
CA LEU A 829 -57.18 4.27 34.15
C LEU A 829 -57.46 5.72 34.50
N TYR A 830 -58.64 5.98 35.08
CA TYR A 830 -58.99 7.34 35.49
C TYR A 830 -58.19 7.79 36.71
N ASP A 831 -58.16 6.96 37.75
CA ASP A 831 -57.46 7.28 38.99
C ASP A 831 -55.97 7.45 38.76
N VAL A 832 -55.49 6.77 37.72
CA VAL A 832 -54.06 6.73 37.41
C VAL A 832 -53.50 8.10 37.02
N GLY A 833 -54.27 8.87 36.26
CA GLY A 833 -53.84 10.19 35.84
C GLY A 833 -54.25 10.44 34.40
N LEU A 834 -54.53 9.36 33.69
CA LEU A 834 -55.00 9.45 32.32
C LEU A 834 -56.47 9.80 32.29
N GLY A 835 -57.20 9.20 31.35
CA GLY A 835 -58.61 9.47 31.22
C GLY A 835 -58.86 10.57 30.19
N TYR A 836 -57.77 11.07 29.61
CA TYR A 836 -57.86 12.01 28.51
C TYR A 836 -57.54 11.28 27.21
N MET A 837 -56.95 10.10 27.32
CA MET A 837 -56.53 9.34 26.16
C MET A 837 -57.56 8.29 25.77
N LYS A 838 -57.60 7.95 24.49
CA LYS A 838 -58.61 7.06 23.95
C LYS A 838 -58.29 5.58 24.22
N LEU A 839 -59.31 4.74 24.13
CA LEU A 839 -59.16 3.31 24.40
C LEU A 839 -58.30 2.62 23.33
N GLY A 840 -58.39 3.13 22.11
CA GLY A 840 -57.74 2.48 20.98
C GLY A 840 -56.50 3.19 20.44
N GLN A 841 -55.95 4.10 21.24
CA GLN A 841 -54.71 4.76 20.87
C GLN A 841 -53.56 3.78 20.96
N PRO A 842 -52.97 3.43 19.81
CA PRO A 842 -51.91 2.42 19.65
C PRO A 842 -50.75 2.65 20.61
N ALA A 843 -50.24 1.56 21.17
CA ALA A 843 -49.23 1.61 22.23
C ALA A 843 -47.92 2.21 21.76
N THR A 844 -47.65 2.13 20.46
CA THR A 844 -46.43 2.67 19.88
C THR A 844 -46.40 4.20 19.92
N THR A 845 -47.53 4.82 20.26
CA THR A 845 -47.64 6.27 20.25
C THR A 845 -47.78 6.82 21.66
N LEU A 846 -47.58 5.96 22.65
CA LEU A 846 -47.72 6.36 24.05
C LEU A 846 -46.39 6.81 24.64
N SER A 847 -46.45 7.90 25.41
CA SER A 847 -45.29 8.37 26.14
C SER A 847 -44.88 7.31 27.16
N GLY A 848 -43.59 7.30 27.51
CA GLY A 848 -43.05 6.36 28.47
C GLY A 848 -43.79 6.41 29.79
N GLY A 849 -44.00 7.63 30.26
CA GLY A 849 -44.76 7.84 31.49
C GLY A 849 -46.19 7.37 31.33
N GLU A 850 -46.78 7.62 30.17
CA GLU A 850 -48.14 7.17 29.91
C GLU A 850 -48.25 5.66 29.98
N ALA A 851 -47.30 4.97 29.35
CA ALA A 851 -47.22 3.52 29.40
C ALA A 851 -47.09 3.01 30.84
N GLN A 852 -46.11 3.55 31.56
CA GLN A 852 -45.89 3.20 32.95
C GLN A 852 -47.18 3.35 33.74
N ARG A 853 -47.92 4.41 33.44
CA ARG A 853 -49.17 4.69 34.10
C ARG A 853 -50.30 3.74 33.71
N VAL A 854 -50.29 3.25 32.47
CA VAL A 854 -51.29 2.26 32.05
C VAL A 854 -51.00 0.94 32.76
N LYS A 855 -49.72 0.67 33.02
CA LYS A 855 -49.37 -0.51 33.82
C LYS A 855 -49.82 -0.31 35.27
N LEU A 856 -49.60 0.90 35.80
CA LEU A 856 -50.04 1.26 37.15
C LEU A 856 -51.54 1.08 37.25
N ALA A 857 -52.24 1.27 36.13
CA ALA A 857 -53.68 1.02 36.06
C ALA A 857 -53.99 -0.47 36.20
N ALA A 858 -53.16 -1.32 35.60
CA ALA A 858 -53.35 -2.76 35.72
C ALA A 858 -53.16 -3.22 37.16
N GLU A 859 -52.06 -2.79 37.80
CA GLU A 859 -51.81 -3.21 39.18
C GLU A 859 -52.62 -2.46 40.25
N LEU A 860 -53.29 -1.38 39.85
CA LEU A 860 -53.99 -0.49 40.77
C LEU A 860 -55.01 -1.22 41.64
N HIS A 861 -56.00 -1.81 41.00
CA HIS A 861 -57.08 -2.46 41.72
C HIS A 861 -56.88 -3.97 41.78
N ARG A 862 -56.32 -4.42 42.91
CA ARG A 862 -56.16 -5.83 43.21
C ARG A 862 -56.41 -6.03 44.70
N ARG A 863 -56.96 -7.19 45.07
CA ARG A 863 -57.13 -7.51 46.48
C ARG A 863 -55.78 -7.68 47.15
N SER A 864 -55.34 -6.64 47.87
CA SER A 864 -54.04 -6.63 48.50
C SER A 864 -54.05 -7.37 49.83
N ASN A 865 -53.13 -8.31 49.98
CA ASN A 865 -52.98 -9.02 51.24
C ASN A 865 -51.97 -8.33 52.13
N GLY A 866 -51.52 -7.16 51.69
CA GLY A 866 -50.55 -6.38 52.43
C GLY A 866 -49.14 -6.93 52.34
N ARG A 867 -48.94 -7.92 51.49
CA ARG A 867 -47.61 -8.54 51.37
C ARG A 867 -47.09 -8.52 49.93
N THR A 868 -47.15 -7.36 49.30
CA THR A 868 -46.60 -7.20 47.95
C THR A 868 -45.84 -5.89 47.82
N LEU A 869 -44.78 -5.92 47.00
CA LEU A 869 -43.92 -4.75 46.85
C LEU A 869 -43.93 -4.21 45.42
N TYR A 870 -44.27 -2.93 45.29
CA TYR A 870 -44.27 -2.27 43.99
C TYR A 870 -42.98 -1.50 43.76
N ILE A 871 -42.51 -1.47 42.52
CA ILE A 871 -41.32 -0.71 42.16
C ILE A 871 -41.57 0.14 40.92
N LEU A 872 -41.54 1.46 41.10
CA LEU A 872 -41.81 2.41 40.04
C LEU A 872 -40.58 3.23 39.70
N ASP A 873 -40.18 3.25 38.42
CA ASP A 873 -39.05 4.05 37.99
C ASP A 873 -39.54 5.40 37.47
N GLU A 874 -39.23 6.46 38.21
CA GLU A 874 -39.60 7.85 37.87
C GLU A 874 -41.01 8.00 37.30
N PRO A 875 -42.05 7.69 38.09
CA PRO A 875 -43.43 7.81 37.61
C PRO A 875 -43.86 9.25 37.42
N THR A 876 -42.99 10.19 37.82
CA THR A 876 -43.23 11.61 37.60
C THR A 876 -43.17 11.97 36.12
N THR A 877 -42.24 11.36 35.39
CA THR A 877 -41.97 11.70 33.99
C THR A 877 -43.23 11.99 33.14
N GLY A 878 -43.34 13.24 32.69
CA GLY A 878 -44.44 13.65 31.84
C GLY A 878 -45.67 14.07 32.61
N LEU A 879 -45.48 14.50 33.86
CA LEU A 879 -46.59 14.93 34.70
C LEU A 879 -46.38 16.32 35.28
N HIS A 880 -47.47 17.05 35.40
CA HIS A 880 -47.47 18.34 36.08
C HIS A 880 -47.48 18.09 37.58
N VAL A 881 -47.08 19.08 38.36
CA VAL A 881 -47.07 18.95 39.82
C VAL A 881 -48.48 18.59 40.34
N ASP A 882 -49.48 19.24 39.76
CA ASP A 882 -50.88 18.99 40.11
C ASP A 882 -51.26 17.53 39.85
N ASP A 883 -50.64 16.92 38.86
CA ASP A 883 -50.87 15.50 38.56
C ASP A 883 -50.09 14.64 39.54
N ILE A 884 -48.91 15.10 39.92
CA ILE A 884 -48.08 14.44 40.93
C ILE A 884 -48.88 14.28 42.21
N ALA A 885 -49.70 15.28 42.53
CA ALA A 885 -50.58 15.20 43.69
C ALA A 885 -51.48 13.96 43.64
N ARG A 886 -52.31 13.86 42.60
CA ARG A 886 -53.24 12.75 42.46
C ARG A 886 -52.52 11.41 42.43
N LEU A 887 -51.44 11.34 41.66
CA LEU A 887 -50.68 10.11 41.59
C LEU A 887 -50.17 9.69 42.97
N LEU A 888 -49.69 10.66 43.75
CA LEU A 888 -49.24 10.39 45.10
C LEU A 888 -50.39 9.94 46.00
N ASP A 889 -51.59 10.46 45.75
CA ASP A 889 -52.78 9.99 46.44
C ASP A 889 -52.96 8.49 46.17
N VAL A 890 -52.86 8.12 44.91
CA VAL A 890 -53.00 6.71 44.52
C VAL A 890 -51.95 5.81 45.18
N LEU A 891 -50.68 6.17 45.01
CA LEU A 891 -49.58 5.39 45.58
C LEU A 891 -49.67 5.25 47.10
N HIS A 892 -49.98 6.36 47.76
CA HIS A 892 -50.12 6.34 49.22
C HIS A 892 -51.37 5.56 49.64
N ARG A 893 -52.33 5.43 48.73
CA ARG A 893 -53.45 4.54 48.99
C ARG A 893 -52.97 3.10 48.91
N LEU A 894 -52.05 2.82 47.98
CA LEU A 894 -51.46 1.48 47.90
C LEU A 894 -50.66 1.15 49.16
N VAL A 895 -49.96 2.15 49.69
CA VAL A 895 -49.22 1.97 50.93
C VAL A 895 -50.18 1.80 52.11
N ASP A 896 -51.28 2.53 52.10
CA ASP A 896 -52.27 2.48 53.18
C ASP A 896 -52.84 1.09 53.40
N ASN A 897 -53.02 0.34 52.30
CA ASN A 897 -53.60 -1.00 52.37
C ASN A 897 -52.59 -2.09 52.75
N GLY A 898 -51.42 -1.68 53.20
CA GLY A 898 -50.43 -2.60 53.73
C GLY A 898 -49.25 -2.85 52.81
N ASP A 899 -49.44 -2.57 51.53
CA ASP A 899 -48.39 -2.82 50.55
C ASP A 899 -47.24 -1.85 50.69
N THR A 900 -46.13 -2.16 50.03
CA THR A 900 -44.96 -1.31 50.05
C THR A 900 -44.68 -0.75 48.66
N VAL A 901 -44.50 0.56 48.58
CA VAL A 901 -44.20 1.20 47.31
C VAL A 901 -42.78 1.77 47.29
N LEU A 902 -41.95 1.24 46.40
CA LEU A 902 -40.59 1.75 46.22
C LEU A 902 -40.49 2.56 44.93
N VAL A 903 -39.78 3.69 44.99
CA VAL A 903 -39.72 4.61 43.85
C VAL A 903 -38.35 5.28 43.64
N ILE A 904 -37.84 5.19 42.41
CA ILE A 904 -36.61 5.86 42.03
C ILE A 904 -36.94 7.23 41.47
N GLU A 905 -36.62 8.27 42.23
CA GLU A 905 -37.04 9.62 41.85
C GLU A 905 -36.00 10.70 42.09
N HIS A 906 -36.10 11.77 41.31
CA HIS A 906 -35.31 12.97 41.51
C HIS A 906 -36.25 14.11 41.89
N ASN A 907 -37.53 13.95 41.56
CA ASN A 907 -38.53 14.98 41.84
C ASN A 907 -38.74 15.17 43.33
N LEU A 908 -38.41 16.35 43.83
CA LEU A 908 -38.41 16.63 45.26
C LEU A 908 -39.82 16.64 45.87
N ASP A 909 -40.83 16.91 45.05
CA ASP A 909 -42.20 16.93 45.54
C ASP A 909 -42.69 15.54 45.94
N VAL A 910 -42.02 14.52 45.42
CA VAL A 910 -42.33 13.14 45.78
C VAL A 910 -41.44 12.67 46.92
N ILE A 911 -40.16 13.04 46.84
CA ILE A 911 -39.18 12.67 47.85
C ILE A 911 -39.58 13.17 49.23
N LYS A 912 -40.09 14.40 49.29
CA LYS A 912 -40.51 15.00 50.55
C LYS A 912 -41.72 14.28 51.11
N THR A 913 -42.54 13.69 50.25
CA THR A 913 -43.77 13.03 50.65
C THR A 913 -43.47 11.64 51.22
N ALA A 914 -42.38 11.05 50.75
CA ALA A 914 -41.96 9.71 51.17
C ALA A 914 -41.75 9.64 52.68
N ASP A 915 -41.97 8.47 53.25
CA ASP A 915 -41.83 8.29 54.69
C ASP A 915 -40.42 7.83 55.02
N TYR A 916 -39.71 7.34 54.00
CA TYR A 916 -38.39 6.82 54.19
C TYR A 916 -37.62 6.96 52.88
N ILE A 917 -36.42 7.55 52.94
CA ILE A 917 -35.61 7.72 51.74
C ILE A 917 -34.19 7.18 51.91
N ILE A 918 -33.69 6.54 50.85
CA ILE A 918 -32.35 5.97 50.85
C ILE A 918 -31.47 6.63 49.79
N ASP A 919 -30.63 7.56 50.21
CA ASP A 919 -29.80 8.33 49.29
C ASP A 919 -28.52 7.59 48.90
N LEU A 920 -28.23 7.56 47.61
CA LEU A 920 -27.10 6.81 47.07
C LEU A 920 -25.91 7.68 46.67
N GLY A 921 -24.73 7.04 46.61
CA GLY A 921 -23.49 7.63 46.12
C GLY A 921 -23.26 9.13 46.04
N PRO A 922 -22.32 9.64 46.85
CA PRO A 922 -21.90 11.04 46.72
C PRO A 922 -21.21 11.20 45.37
N GLU A 923 -21.77 12.04 44.50
CA GLU A 923 -21.39 12.14 43.09
C GLU A 923 -21.68 10.83 42.32
N GLY A 924 -21.45 10.84 41.01
CA GLY A 924 -21.70 9.68 40.18
C GLY A 924 -20.44 8.97 39.75
N GLY A 925 -20.58 7.99 38.85
CA GLY A 925 -19.44 7.24 38.35
C GLY A 925 -18.82 6.34 39.41
N ASP A 926 -17.49 6.22 39.40
CA ASP A 926 -16.79 5.43 40.40
C ASP A 926 -16.72 6.20 41.72
N ARG A 927 -16.89 7.52 41.63
CA ARG A 927 -17.06 8.35 42.80
C ARG A 927 -18.50 8.21 43.28
N GLY A 928 -18.81 7.09 43.92
CA GLY A 928 -20.16 6.83 44.38
C GLY A 928 -20.46 5.34 44.53
N GLY A 929 -21.73 4.98 44.40
CA GLY A 929 -22.14 3.60 44.59
C GLY A 929 -22.00 3.18 46.03
N GLN A 930 -22.46 4.05 46.93
CA GLN A 930 -22.38 3.81 48.37
C GLN A 930 -23.43 4.67 49.06
N ILE A 931 -23.95 4.19 50.18
CA ILE A 931 -25.03 4.89 50.86
C ILE A 931 -24.54 6.20 51.48
N VAL A 932 -25.23 7.29 51.14
CA VAL A 932 -24.90 8.59 51.72
C VAL A 932 -25.68 8.81 53.01
N ALA A 933 -26.97 8.48 52.97
CA ALA A 933 -27.85 8.64 54.13
C ALA A 933 -29.14 7.86 53.96
N VAL A 934 -29.63 7.32 55.07
CA VAL A 934 -30.92 6.64 55.09
C VAL A 934 -31.81 7.29 56.14
N GLY A 935 -33.11 6.93 56.12
CA GLY A 935 -34.04 7.43 57.11
C GLY A 935 -35.11 8.34 56.56
N THR A 936 -35.78 9.06 57.46
CA THR A 936 -36.86 9.96 57.10
C THR A 936 -36.30 11.15 56.33
N PRO A 937 -37.14 11.81 55.50
CA PRO A 937 -36.73 12.98 54.72
C PRO A 937 -36.00 14.04 55.55
N GLU A 938 -36.44 14.26 56.79
CA GLU A 938 -35.78 15.23 57.65
C GLU A 938 -34.41 14.73 58.12
N GLU A 939 -34.31 13.42 58.36
CA GLU A 939 -33.06 12.83 58.81
C GLU A 939 -31.98 12.86 57.73
N VAL A 940 -32.42 12.86 56.48
CA VAL A 940 -31.51 12.93 55.36
C VAL A 940 -31.25 14.39 54.98
N ALA A 941 -32.22 15.25 55.24
CA ALA A 941 -32.07 16.68 54.99
C ALA A 941 -30.98 17.29 55.86
N GLU A 942 -30.78 16.73 57.04
CA GLU A 942 -29.76 17.23 57.96
C GLU A 942 -28.41 16.52 57.75
N VAL A 943 -28.28 15.82 56.63
CA VAL A 943 -27.01 15.23 56.24
C VAL A 943 -26.33 16.13 55.20
N LYS A 944 -25.24 16.79 55.61
CA LYS A 944 -24.54 17.75 54.77
C LYS A 944 -23.89 17.10 53.55
N GLU A 945 -23.52 15.84 53.70
CA GLU A 945 -22.81 15.12 52.65
C GLU A 945 -23.75 14.61 51.56
N SER A 946 -25.04 14.84 51.73
CA SER A 946 -26.01 14.41 50.72
C SER A 946 -26.51 15.60 49.90
N HIS A 947 -26.31 15.54 48.60
CA HIS A 947 -26.82 16.58 47.71
C HIS A 947 -28.35 16.61 47.77
N THR A 948 -28.94 15.42 47.87
CA THR A 948 -30.39 15.27 47.95
C THR A 948 -30.97 16.10 49.08
N GLY A 949 -30.44 15.89 50.29
CA GLY A 949 -30.91 16.61 51.46
C GLY A 949 -30.48 18.06 51.46
N ARG A 950 -29.39 18.34 50.76
CA ARG A 950 -28.90 19.70 50.57
C ARG A 950 -29.89 20.50 49.72
N TYR A 951 -30.65 19.80 48.88
CA TYR A 951 -31.67 20.45 48.06
C TYR A 951 -33.08 20.23 48.59
N LEU A 952 -33.20 19.36 49.60
CA LEU A 952 -34.49 18.97 50.15
C LEU A 952 -34.84 19.79 51.38
N LYS A 953 -33.81 20.06 52.19
CA LYS A 953 -33.96 20.85 53.42
C LYS A 953 -34.67 22.21 53.22
N PRO A 954 -34.30 22.97 52.17
CA PRO A 954 -35.04 24.23 52.02
C PRO A 954 -36.46 24.04 51.49
N ILE A 955 -36.74 22.91 50.84
CA ILE A 955 -38.10 22.64 50.36
C ILE A 955 -38.98 22.20 51.52
N LEU A 956 -38.39 21.43 52.43
CA LEU A 956 -39.07 21.03 53.65
C LEU A 956 -39.46 22.26 54.47
N GLU A 957 -38.53 23.20 54.60
CA GLU A 957 -38.77 24.40 55.40
C GLU A 957 -39.67 25.42 54.68
N ARG A 958 -39.67 25.40 53.35
CA ARG A 958 -40.50 26.30 52.56
C ARG A 958 -41.98 25.96 52.72
N ASP A 959 -42.34 24.73 52.37
CA ASP A 959 -43.73 24.30 52.39
C ASP A 959 -44.26 24.14 53.81
N ARG A 960 -43.35 23.94 54.76
CA ARG A 960 -43.73 23.83 56.16
C ARG A 960 -44.23 25.17 56.68
N ALA A 961 -43.68 26.24 56.11
CA ALA A 961 -44.07 27.59 56.49
C ALA A 961 -45.32 28.00 55.73
N ARG A 962 -45.48 27.46 54.53
CA ARG A 962 -46.65 27.72 53.70
C ARG A 962 -47.90 27.16 54.38
N MET A 963 -47.74 26.02 55.03
CA MET A 963 -48.85 25.39 55.74
C MET A 963 -49.22 26.16 57.00
N GLN A 964 -48.20 26.64 57.72
CA GLN A 964 -48.43 27.38 58.95
C GLN A 964 -49.02 28.76 58.66
N ALA A 965 -48.71 29.28 57.48
CA ALA A 965 -49.28 30.54 57.02
C ALA A 965 -50.77 30.37 56.71
N ARG A 966 -51.10 29.21 56.14
CA ARG A 966 -52.48 28.89 55.81
C ARG A 966 -53.27 28.53 57.06
N TYR A 967 -52.62 27.78 57.96
CA TYR A 967 -53.26 27.30 59.18
C TYR A 967 -53.56 28.45 60.14
N GLU A 968 -52.72 29.48 60.13
CA GLU A 968 -52.92 30.61 61.02
C GLU A 968 -54.05 31.52 60.56
N ALA A 969 -54.42 31.41 59.29
CA ALA A 969 -55.48 32.26 58.75
C ALA A 969 -56.76 31.48 58.49
N VAL B 26 65.19 -0.80 -16.64
CA VAL B 26 65.12 -2.08 -17.33
C VAL B 26 63.86 -2.15 -18.17
N GLU B 27 64.02 -2.56 -19.43
CA GLU B 27 62.93 -2.52 -20.39
C GLU B 27 62.27 -3.89 -20.58
N GLY B 28 60.99 -3.88 -20.94
CA GLY B 28 60.29 -5.09 -21.31
C GLY B 28 60.57 -5.38 -22.78
N ARG B 29 61.26 -6.47 -23.04
CA ARG B 29 61.71 -6.77 -24.40
C ARG B 29 60.99 -7.96 -25.02
N PHE B 30 61.09 -8.08 -26.33
CA PHE B 30 60.47 -9.17 -27.07
C PHE B 30 61.18 -10.49 -26.81
N GLN B 31 60.39 -11.54 -26.63
CA GLN B 31 60.93 -12.89 -26.51
C GLN B 31 60.30 -13.80 -27.55
N LEU B 32 60.97 -13.92 -28.69
CA LEU B 32 60.48 -14.73 -29.80
C LEU B 32 60.41 -16.21 -29.41
N VAL B 33 59.20 -16.76 -29.44
CA VAL B 33 58.99 -18.16 -29.12
C VAL B 33 58.69 -18.94 -30.39
N SER B 34 59.66 -19.73 -30.82
CA SER B 34 59.49 -20.52 -32.03
C SER B 34 60.10 -21.90 -31.84
N PRO B 35 59.35 -22.92 -32.23
CA PRO B 35 59.83 -24.30 -32.15
C PRO B 35 61.00 -24.55 -33.10
N TYR B 36 61.15 -23.75 -34.14
CA TYR B 36 62.24 -23.95 -35.09
C TYR B 36 63.29 -22.84 -35.07
N GLU B 37 64.25 -22.95 -35.98
CA GLU B 37 65.31 -21.97 -36.13
C GLU B 37 65.22 -21.37 -37.53
N PRO B 38 65.85 -20.20 -37.75
CA PRO B 38 65.87 -19.69 -39.12
C PRO B 38 66.65 -20.61 -40.05
N GLN B 39 66.08 -20.95 -41.20
CA GLN B 39 66.79 -21.79 -42.17
C GLN B 39 66.54 -21.31 -43.60
N GLY B 40 67.38 -21.80 -44.50
CA GLY B 40 67.35 -21.36 -45.88
C GLY B 40 68.27 -20.17 -46.05
N ASP B 41 67.83 -19.18 -46.82
CA ASP B 41 68.53 -17.91 -46.88
C ASP B 41 67.95 -16.93 -45.86
N GLN B 42 67.20 -17.46 -44.90
CA GLN B 42 66.63 -16.66 -43.82
C GLN B 42 67.66 -15.93 -42.94
N PRO B 43 68.70 -16.63 -42.45
CA PRO B 43 69.62 -15.95 -41.53
C PRO B 43 70.32 -14.75 -42.17
N GLN B 44 70.69 -14.89 -43.43
CA GLN B 44 71.31 -13.81 -44.17
C GLN B 44 70.38 -12.60 -44.31
N ALA B 45 69.11 -12.86 -44.57
CA ALA B 45 68.13 -11.78 -44.71
C ALA B 45 67.89 -11.08 -43.37
N ILE B 46 67.72 -11.87 -42.32
CA ILE B 46 67.56 -11.34 -40.97
C ILE B 46 68.75 -10.45 -40.60
N ALA B 47 69.95 -10.97 -40.85
CA ALA B 47 71.17 -10.22 -40.57
C ALA B 47 71.20 -8.92 -41.36
N LYS B 48 70.78 -8.98 -42.62
CA LYS B 48 70.76 -7.80 -43.48
C LYS B 48 69.79 -6.72 -43.02
N LEU B 49 68.54 -7.10 -42.75
CA LEU B 49 67.53 -6.13 -42.33
C LEU B 49 67.82 -5.56 -40.95
N VAL B 50 68.33 -6.40 -40.05
CA VAL B 50 68.71 -5.94 -38.71
C VAL B 50 69.86 -4.95 -38.80
N ASP B 51 70.87 -5.32 -39.58
CA ASP B 51 72.01 -4.46 -39.80
C ASP B 51 71.57 -3.14 -40.43
N GLY B 52 70.55 -3.20 -41.29
CA GLY B 52 70.01 -2.02 -41.93
C GLY B 52 69.32 -1.08 -40.95
N LEU B 53 68.46 -1.66 -40.10
CA LEU B 53 67.76 -0.89 -39.08
C LEU B 53 68.72 -0.28 -38.07
N ARG B 54 69.84 -0.96 -37.83
CA ARG B 54 70.83 -0.47 -36.88
C ARG B 54 71.77 0.58 -37.48
N LEU B 55 72.02 0.47 -38.77
CA LEU B 55 72.86 1.45 -39.47
C LEU B 55 72.12 2.77 -39.64
N GLY B 56 70.81 2.71 -39.83
CA GLY B 56 69.99 3.91 -39.88
C GLY B 56 69.29 4.16 -41.19
N VAL B 57 69.12 3.09 -41.98
CA VAL B 57 68.43 3.19 -43.26
C VAL B 57 66.94 3.45 -43.03
N LYS B 58 66.36 4.34 -43.82
CA LYS B 58 64.95 4.69 -43.68
C LYS B 58 64.04 3.75 -44.44
N HIS B 59 64.47 3.33 -45.63
CA HIS B 59 63.68 2.43 -46.46
C HIS B 59 64.42 1.13 -46.75
N GLN B 60 63.76 0.01 -46.51
CA GLN B 60 64.32 -1.29 -46.88
C GLN B 60 63.24 -2.19 -47.50
N THR B 61 63.65 -3.15 -48.31
CA THR B 61 62.69 -4.02 -49.00
C THR B 61 63.07 -5.49 -48.98
N LEU B 62 62.24 -6.30 -48.33
CA LEU B 62 62.38 -7.74 -48.35
C LEU B 62 61.57 -8.33 -49.51
N LEU B 63 62.29 -8.73 -50.55
CA LEU B 63 61.71 -9.51 -51.63
C LEU B 63 61.73 -10.97 -51.19
N GLY B 64 60.61 -11.43 -50.64
CA GLY B 64 60.53 -12.81 -50.20
C GLY B 64 59.58 -13.61 -51.06
N ALA B 65 60.04 -14.75 -51.56
CA ALA B 65 59.19 -15.63 -52.34
C ALA B 65 58.09 -16.20 -51.43
N THR B 66 56.99 -16.64 -52.02
CA THR B 66 55.96 -17.31 -51.24
C THR B 66 56.51 -18.68 -50.83
N GLY B 67 56.17 -19.12 -49.62
CA GLY B 67 56.64 -20.39 -49.12
C GLY B 67 57.76 -20.29 -48.09
N THR B 68 58.42 -19.14 -48.03
CA THR B 68 59.43 -18.92 -47.01
C THR B 68 58.82 -18.15 -45.83
N GLY B 69 59.42 -18.31 -44.66
CA GLY B 69 58.86 -17.74 -43.44
C GLY B 69 59.05 -16.23 -43.36
N LYS B 70 58.26 -15.51 -44.14
CA LYS B 70 58.28 -14.05 -44.13
C LYS B 70 57.99 -13.52 -42.73
N THR B 71 56.85 -13.94 -42.20
CA THR B 71 56.37 -13.48 -40.90
C THR B 71 57.41 -13.78 -39.83
N PHE B 72 58.03 -14.95 -39.94
CA PHE B 72 59.02 -15.39 -38.98
C PHE B 72 60.30 -14.58 -39.07
N THR B 73 60.75 -14.31 -40.29
CA THR B 73 61.94 -13.49 -40.53
C THR B 73 61.78 -12.09 -39.93
N ILE B 74 60.67 -11.43 -40.26
CA ILE B 74 60.37 -10.12 -39.71
C ILE B 74 60.21 -10.18 -38.20
N SER B 75 59.71 -11.31 -37.71
CA SER B 75 59.58 -11.51 -36.28
C SER B 75 60.97 -11.51 -35.66
N ASN B 76 61.92 -12.14 -36.34
CA ASN B 76 63.31 -12.14 -35.89
C ASN B 76 63.90 -10.74 -35.87
N VAL B 77 63.66 -9.98 -36.93
CA VAL B 77 64.09 -8.59 -37.00
C VAL B 77 63.58 -7.77 -35.81
N ILE B 78 62.27 -7.78 -35.63
CA ILE B 78 61.63 -7.02 -34.55
C ILE B 78 62.13 -7.46 -33.18
N ALA B 79 62.24 -8.77 -32.98
CA ALA B 79 62.74 -9.34 -31.75
C ALA B 79 64.17 -8.89 -31.45
N GLN B 80 64.95 -8.70 -32.51
CA GLN B 80 66.35 -8.33 -32.34
C GLN B 80 66.54 -6.84 -32.11
N VAL B 81 65.67 -6.02 -32.71
CA VAL B 81 65.85 -4.57 -32.62
C VAL B 81 65.14 -3.91 -31.43
N ASN B 82 64.11 -4.56 -30.89
CA ASN B 82 63.35 -4.05 -29.74
C ASN B 82 62.78 -2.64 -29.90
N LYS B 83 61.89 -2.47 -30.88
CA LYS B 83 61.22 -1.20 -31.08
C LYS B 83 59.72 -1.42 -31.16
N PRO B 84 58.92 -0.43 -30.70
CA PRO B 84 57.48 -0.46 -30.92
C PRO B 84 57.19 -0.51 -32.42
N THR B 85 56.49 -1.55 -32.88
CA THR B 85 56.29 -1.74 -34.31
C THR B 85 54.83 -1.71 -34.74
N LEU B 86 54.57 -0.96 -35.80
CA LEU B 86 53.30 -1.04 -36.52
C LEU B 86 53.49 -1.86 -37.78
N VAL B 87 52.63 -2.87 -37.98
CA VAL B 87 52.67 -3.67 -39.20
C VAL B 87 51.32 -3.59 -39.91
N ILE B 88 51.34 -3.16 -41.17
CA ILE B 88 50.09 -2.87 -41.87
C ILE B 88 49.75 -3.90 -42.94
N ALA B 89 48.52 -4.39 -42.91
CA ALA B 89 48.04 -5.29 -43.95
C ALA B 89 46.91 -4.62 -44.70
N HIS B 90 46.48 -5.22 -45.79
CA HIS B 90 45.49 -4.55 -46.64
C HIS B 90 44.08 -5.13 -46.58
N ASN B 91 43.81 -6.01 -45.61
CA ASN B 91 42.45 -6.47 -45.35
C ASN B 91 42.25 -7.19 -44.01
N LYS B 92 40.99 -7.39 -43.64
CA LYS B 92 40.65 -7.99 -42.35
C LYS B 92 41.27 -9.37 -42.19
N THR B 93 41.27 -10.14 -43.28
CA THR B 93 41.76 -11.52 -43.25
C THR B 93 43.25 -11.60 -43.03
N LEU B 94 44.01 -10.93 -43.90
CA LEU B 94 45.47 -10.92 -43.81
C LEU B 94 45.93 -10.38 -42.46
N ALA B 95 45.23 -9.33 -42.02
CA ALA B 95 45.46 -8.77 -40.71
C ALA B 95 45.34 -9.88 -39.69
N GLY B 96 44.12 -10.39 -39.51
CA GLY B 96 43.84 -11.45 -38.54
C GLY B 96 44.84 -12.60 -38.54
N GLN B 97 45.26 -13.02 -39.73
CA GLN B 97 46.29 -14.05 -39.83
C GLN B 97 47.59 -13.58 -39.20
N LEU B 98 48.00 -12.37 -39.54
CA LEU B 98 49.24 -11.81 -38.97
C LEU B 98 49.16 -11.67 -37.45
N HIS B 99 47.97 -11.34 -36.95
CA HIS B 99 47.75 -11.20 -35.52
C HIS B 99 47.94 -12.50 -34.82
N SER B 100 47.32 -13.52 -35.39
CA SER B 100 47.40 -14.85 -34.82
C SER B 100 48.85 -15.30 -34.80
N GLU B 101 49.54 -15.17 -35.93
CA GLU B 101 50.93 -15.59 -36.03
C GLU B 101 51.81 -14.88 -35.01
N LEU B 102 51.72 -13.57 -34.96
CA LEU B 102 52.56 -12.78 -34.05
C LEU B 102 52.21 -13.02 -32.59
N LYS B 103 50.96 -13.41 -32.34
CA LYS B 103 50.54 -13.72 -30.98
C LYS B 103 51.08 -15.08 -30.58
N GLU B 104 51.31 -15.94 -31.57
CA GLU B 104 51.96 -17.21 -31.31
C GLU B 104 53.47 -17.01 -31.10
N PHE B 105 54.06 -16.14 -31.91
CA PHE B 105 55.50 -15.89 -31.85
C PHE B 105 55.87 -15.03 -30.64
N PHE B 106 54.96 -14.15 -30.22
CA PHE B 106 55.20 -13.31 -29.06
C PHE B 106 54.06 -13.42 -28.04
N PRO B 107 53.94 -14.58 -27.37
CA PRO B 107 52.83 -14.74 -26.43
C PRO B 107 53.05 -13.93 -25.15
N HIS B 108 54.30 -13.63 -24.81
CA HIS B 108 54.62 -12.90 -23.60
C HIS B 108 54.69 -11.41 -23.86
N ASN B 109 54.31 -11.01 -25.06
CA ASN B 109 54.34 -9.61 -25.45
C ASN B 109 53.01 -9.14 -26.00
N ALA B 110 52.78 -7.84 -25.95
CA ALA B 110 51.52 -7.25 -26.38
C ALA B 110 51.34 -7.29 -27.89
N VAL B 111 50.60 -8.30 -28.36
CA VAL B 111 50.22 -8.37 -29.77
C VAL B 111 48.84 -7.79 -29.97
N GLU B 112 48.78 -6.64 -30.63
CA GLU B 112 47.60 -5.80 -30.67
C GLU B 112 46.89 -5.73 -32.04
N TYR B 113 45.57 -5.55 -31.99
CA TYR B 113 44.68 -5.56 -33.15
C TYR B 113 44.04 -4.21 -33.40
N PHE B 114 44.51 -3.46 -34.39
CA PHE B 114 43.92 -2.14 -34.62
C PHE B 114 43.26 -1.97 -35.99
N VAL B 115 41.97 -2.28 -36.05
CA VAL B 115 41.17 -1.96 -37.23
C VAL B 115 40.17 -0.91 -36.80
N SER B 116 39.15 -0.67 -37.63
CA SER B 116 38.09 0.24 -37.23
C SER B 116 36.78 -0.11 -37.91
N TYR B 117 35.96 0.92 -38.10
CA TYR B 117 34.69 0.82 -38.80
C TYR B 117 34.91 0.11 -40.13
N TYR B 118 35.86 0.63 -40.90
CA TYR B 118 36.10 0.21 -42.27
C TYR B 118 36.14 -1.30 -42.52
N ASP B 119 36.43 -2.09 -41.49
CA ASP B 119 36.62 -3.53 -41.66
C ASP B 119 35.41 -4.23 -42.30
N TYR B 120 34.20 -3.83 -41.90
CA TYR B 120 32.97 -4.40 -42.47
C TYR B 120 31.77 -3.47 -42.24
N TYR B 121 32.06 -2.20 -41.94
CA TYR B 121 31.00 -1.22 -41.71
C TYR B 121 30.99 -0.12 -42.77
N GLN B 122 29.83 0.54 -42.90
CA GLN B 122 29.70 1.65 -43.83
C GLN B 122 29.88 3.00 -43.12
N PRO B 123 30.52 3.97 -43.81
CA PRO B 123 30.74 5.31 -43.27
C PRO B 123 29.60 6.27 -43.61
N GLU B 124 29.60 7.43 -42.98
CA GLU B 124 28.62 8.48 -43.25
C GLU B 124 28.72 8.94 -44.71
N ALA B 125 27.60 8.90 -45.43
CA ALA B 125 27.61 9.24 -46.85
C ALA B 125 26.29 9.82 -47.34
N TYR B 126 26.28 10.34 -48.56
CA TYR B 126 25.07 10.88 -49.17
C TYR B 126 25.01 10.61 -50.66
N VAL B 127 23.80 10.30 -51.14
CA VAL B 127 23.59 10.08 -52.56
C VAL B 127 22.60 11.10 -53.09
N PRO B 128 23.12 12.14 -53.79
CA PRO B 128 22.32 13.25 -54.31
C PRO B 128 21.25 12.82 -55.33
N GLN B 129 21.22 11.54 -55.67
CA GLN B 129 20.31 11.04 -56.69
C GLN B 129 19.02 10.48 -56.08
N THR B 130 19.17 9.50 -55.18
CA THR B 130 18.02 8.88 -54.53
C THR B 130 17.66 9.61 -53.23
N ASP B 131 18.39 10.68 -52.96
CA ASP B 131 18.19 11.49 -51.76
C ASP B 131 18.16 10.65 -50.48
N THR B 132 19.28 10.00 -50.18
CA THR B 132 19.35 9.15 -49.00
C THR B 132 20.64 9.37 -48.21
N TYR B 133 20.50 9.78 -46.96
CA TYR B 133 21.65 10.01 -46.09
C TYR B 133 22.03 8.75 -45.31
N ILE B 134 23.10 8.10 -45.74
CA ILE B 134 23.57 6.90 -45.06
C ILE B 134 24.30 7.27 -43.77
N GLU B 135 23.65 7.03 -42.63
CA GLU B 135 24.21 7.38 -41.33
C GLU B 135 25.45 6.57 -41.01
N LYS B 136 26.21 7.05 -40.03
CA LYS B 136 27.33 6.29 -39.48
C LYS B 136 26.78 5.32 -38.43
N ASP B 137 25.47 5.38 -38.22
CA ASP B 137 24.71 4.63 -37.22
C ASP B 137 25.32 3.37 -36.61
N ALA B 138 25.71 2.45 -37.48
CA ALA B 138 26.15 1.10 -37.11
C ALA B 138 26.99 1.06 -35.86
N LYS B 139 26.37 0.64 -34.76
CA LYS B 139 26.99 0.63 -33.42
C LYS B 139 28.44 0.20 -33.41
N ILE B 140 29.26 0.96 -32.70
CA ILE B 140 30.68 0.70 -32.63
C ILE B 140 30.93 -0.66 -32.02
N ASN B 141 31.15 -1.62 -32.91
CA ASN B 141 31.32 -3.02 -32.54
C ASN B 141 32.29 -3.21 -31.37
N ASP B 142 31.77 -3.79 -30.29
CA ASP B 142 32.45 -3.80 -29.00
C ASP B 142 33.86 -4.40 -29.03
N GLU B 143 34.00 -5.56 -29.67
CA GLU B 143 35.29 -6.24 -29.77
C GLU B 143 36.35 -5.35 -30.42
N ILE B 144 36.01 -4.81 -31.59
CA ILE B 144 36.92 -3.96 -32.34
C ILE B 144 37.33 -2.70 -31.57
N ASP B 145 36.35 -2.02 -31.00
CA ASP B 145 36.60 -0.81 -30.21
C ASP B 145 37.53 -1.12 -29.06
N LYS B 146 37.18 -2.15 -28.31
CA LYS B 146 37.99 -2.68 -27.22
C LYS B 146 39.43 -2.90 -27.66
N LEU B 147 39.61 -3.54 -28.81
CA LEU B 147 40.96 -3.82 -29.33
C LEU B 147 41.71 -2.54 -29.68
N ARG B 148 40.99 -1.55 -30.19
CA ARG B 148 41.57 -0.25 -30.52
C ARG B 148 42.14 0.39 -29.27
N HIS B 149 41.31 0.42 -28.23
CA HIS B 149 41.74 1.01 -26.96
C HIS B 149 42.87 0.23 -26.32
N SER B 150 42.81 -1.10 -26.43
CA SER B 150 43.89 -1.95 -25.92
C SER B 150 45.19 -1.57 -26.60
N ALA B 151 45.13 -1.35 -27.92
CA ALA B 151 46.31 -0.98 -28.69
C ALA B 151 46.89 0.36 -28.25
N THR B 152 46.07 1.40 -28.35
CA THR B 152 46.53 2.75 -28.03
C THR B 152 47.04 2.87 -26.58
N SER B 153 46.37 2.17 -25.67
CA SER B 153 46.80 2.17 -24.27
C SER B 153 48.11 1.41 -24.07
N ALA B 154 48.23 0.28 -24.75
CA ALA B 154 49.48 -0.51 -24.71
C ALA B 154 50.64 0.30 -25.26
N LEU B 155 50.36 1.18 -26.21
CA LEU B 155 51.38 2.04 -26.79
C LEU B 155 52.05 2.95 -25.76
N PHE B 156 51.29 3.39 -24.76
CA PHE B 156 51.83 4.25 -23.72
C PHE B 156 52.29 3.47 -22.49
N GLU B 157 51.69 2.32 -22.27
CA GLU B 157 51.96 1.54 -21.06
C GLU B 157 53.31 0.81 -21.10
N ARG B 158 53.52 -0.02 -22.13
CA ARG B 158 54.73 -0.83 -22.20
C ARG B 158 55.47 -0.64 -23.52
N ARG B 159 56.69 -1.18 -23.58
CA ARG B 159 57.52 -1.10 -24.77
C ARG B 159 57.26 -2.24 -25.76
N ASP B 160 57.25 -3.46 -25.26
CA ASP B 160 57.11 -4.64 -26.11
C ASP B 160 55.73 -4.75 -26.76
N VAL B 161 55.44 -3.83 -27.67
CA VAL B 161 54.15 -3.79 -28.33
C VAL B 161 54.26 -3.90 -29.85
N ILE B 162 53.56 -4.88 -30.40
CA ILE B 162 53.40 -4.97 -31.84
C ILE B 162 51.94 -4.69 -32.12
N ILE B 163 51.66 -3.91 -33.15
CA ILE B 163 50.28 -3.62 -33.52
C ILE B 163 50.06 -3.88 -34.98
N VAL B 164 49.33 -4.93 -35.31
CA VAL B 164 48.97 -5.13 -36.71
C VAL B 164 47.68 -4.36 -36.97
N ALA B 165 47.56 -3.81 -38.18
CA ALA B 165 46.47 -2.90 -38.47
C ALA B 165 46.12 -2.92 -39.94
N SER B 166 44.87 -2.58 -40.24
CA SER B 166 44.48 -2.31 -41.61
C SER B 166 44.95 -0.91 -41.94
N VAL B 167 44.57 -0.42 -43.11
CA VAL B 167 44.94 0.93 -43.54
C VAL B 167 44.39 1.99 -42.58
N SER B 168 43.32 1.63 -41.86
CA SER B 168 42.67 2.49 -40.88
C SER B 168 43.63 3.22 -39.94
N CYS B 169 44.87 2.74 -39.87
CA CYS B 169 45.90 3.34 -39.03
C CYS B 169 46.33 4.72 -39.50
N ILE B 170 45.77 5.19 -40.61
CA ILE B 170 46.02 6.57 -41.04
C ILE B 170 44.78 7.46 -40.93
N TYR B 171 43.70 6.91 -40.38
CA TYR B 171 42.45 7.66 -40.22
C TYR B 171 42.60 8.77 -39.20
N GLY B 172 41.62 9.66 -39.17
CA GLY B 172 41.60 10.74 -38.19
C GLY B 172 41.44 10.21 -36.78
N LEU B 173 42.39 10.59 -35.92
CA LEU B 173 42.39 10.18 -34.53
C LEU B 173 42.81 11.37 -33.66
N GLY B 174 42.13 11.55 -32.53
CA GLY B 174 42.40 12.68 -31.65
C GLY B 174 43.83 12.76 -31.17
N SER B 175 44.25 13.96 -30.77
CA SER B 175 45.61 14.23 -30.33
C SER B 175 46.10 13.25 -29.27
N PRO B 176 47.40 12.91 -29.32
CA PRO B 176 48.01 12.02 -28.32
C PRO B 176 48.23 12.73 -26.99
N GLU B 177 48.58 14.01 -27.02
CA GLU B 177 48.86 14.76 -25.81
C GLU B 177 47.61 14.96 -24.95
N GLU B 178 46.47 15.13 -25.62
CA GLU B 178 45.21 15.28 -24.91
C GLU B 178 44.82 13.95 -24.29
N TYR B 179 44.96 12.89 -25.08
CA TYR B 179 44.70 11.53 -24.61
C TYR B 179 45.60 11.16 -23.44
N ARG B 180 46.78 11.78 -23.39
CA ARG B 180 47.75 11.51 -22.34
C ARG B 180 47.42 12.30 -21.06
N GLU B 181 47.49 13.63 -21.15
CA GLU B 181 47.34 14.49 -19.98
C GLU B 181 45.99 14.37 -19.26
N LEU B 182 44.97 13.88 -19.96
CA LEU B 182 43.64 13.75 -19.39
C LEU B 182 43.50 12.54 -18.47
N VAL B 183 44.52 11.68 -18.48
CA VAL B 183 44.46 10.43 -17.73
C VAL B 183 44.30 10.65 -16.22
N VAL B 184 43.48 9.79 -15.61
CA VAL B 184 43.35 9.77 -14.16
C VAL B 184 44.48 8.93 -13.59
N SER B 185 45.52 9.62 -13.13
CA SER B 185 46.71 8.96 -12.59
C SER B 185 46.60 8.67 -11.10
N LEU B 186 46.21 7.44 -10.76
CA LEU B 186 46.02 7.04 -9.37
C LEU B 186 47.28 6.49 -8.72
N ARG B 187 47.43 6.77 -7.43
CA ARG B 187 48.47 6.16 -6.62
C ARG B 187 47.87 5.84 -5.25
N VAL B 188 48.44 4.85 -4.57
CA VAL B 188 47.93 4.42 -3.27
C VAL B 188 48.03 5.54 -2.23
N GLY B 189 46.90 5.80 -1.56
CA GLY B 189 46.87 6.79 -0.50
C GLY B 189 47.04 8.23 -0.97
N MET B 190 46.38 8.58 -2.06
CA MET B 190 46.42 9.95 -2.54
C MET B 190 45.27 10.80 -2.00
N GLU B 191 45.45 12.10 -2.02
CA GLU B 191 44.51 13.05 -1.41
C GLU B 191 43.29 13.29 -2.29
N ILE B 192 42.57 12.23 -2.64
CA ILE B 192 41.45 12.35 -3.57
C ILE B 192 40.11 12.00 -2.92
N GLU B 193 39.04 12.55 -3.47
CA GLU B 193 37.68 12.30 -2.99
C GLU B 193 36.96 11.31 -3.91
N ARG B 194 35.94 10.64 -3.38
CA ARG B 194 35.19 9.66 -4.16
C ARG B 194 34.40 10.29 -5.30
N ASN B 195 33.53 11.23 -4.96
CA ASN B 195 32.68 11.89 -5.96
C ASN B 195 33.50 12.65 -6.99
N ALA B 196 34.63 13.21 -6.56
CA ALA B 196 35.55 13.87 -7.47
C ALA B 196 35.98 12.89 -8.56
N LEU B 197 36.50 11.74 -8.14
CA LEU B 197 36.90 10.67 -9.04
C LEU B 197 35.76 10.24 -9.97
N LEU B 198 34.58 10.06 -9.39
CA LEU B 198 33.42 9.62 -10.16
C LEU B 198 32.96 10.70 -11.13
N ARG B 199 33.45 11.92 -10.94
CA ARG B 199 33.17 12.99 -11.89
C ARG B 199 34.26 13.01 -12.96
N ARG B 200 35.48 12.69 -12.56
CA ARG B 200 36.61 12.65 -13.48
C ARG B 200 36.48 11.52 -14.50
N LEU B 201 35.92 10.39 -14.06
CA LEU B 201 35.68 9.27 -14.95
C LEU B 201 34.69 9.68 -16.04
N VAL B 202 33.75 10.52 -15.66
CA VAL B 202 32.70 10.99 -16.57
C VAL B 202 33.24 12.04 -17.53
N ASP B 203 34.14 12.89 -17.05
CA ASP B 203 34.77 13.87 -17.91
C ASP B 203 35.50 13.18 -19.05
N ILE B 204 35.90 11.94 -18.79
CA ILE B 204 36.73 11.19 -19.72
C ILE B 204 35.89 10.27 -20.59
N GLN B 205 34.57 10.28 -20.33
CA GLN B 205 33.53 9.61 -21.13
C GLN B 205 33.24 8.16 -20.72
N TYR B 206 33.31 7.90 -19.42
CA TYR B 206 32.83 6.64 -18.87
C TYR B 206 31.37 6.82 -18.44
N ASP B 207 30.65 5.70 -18.36
CA ASP B 207 29.26 5.71 -17.94
C ASP B 207 29.11 4.83 -16.71
N ARG B 208 28.21 5.18 -15.81
CA ARG B 208 27.90 4.27 -14.72
C ARG B 208 26.86 3.26 -15.17
N ASN B 209 27.09 2.00 -14.82
CA ASN B 209 26.19 0.94 -15.21
C ASN B 209 26.27 -0.22 -14.23
N ASP B 210 25.81 0.01 -13.00
CA ASP B 210 25.85 -1.00 -11.95
C ASP B 210 24.94 -2.17 -12.30
N ILE B 211 23.92 -1.88 -13.10
CA ILE B 211 22.91 -2.88 -13.41
C ILE B 211 23.31 -3.72 -14.63
N ASP B 212 24.40 -3.32 -15.30
CA ASP B 212 24.97 -4.11 -16.39
C ASP B 212 26.43 -3.75 -16.61
N PHE B 213 27.32 -4.45 -15.91
CA PHE B 213 28.74 -4.13 -15.95
C PHE B 213 29.40 -4.65 -17.22
N ARG B 214 29.72 -3.73 -18.12
CA ARG B 214 30.41 -4.09 -19.35
C ARG B 214 31.66 -3.25 -19.49
N ARG B 215 32.38 -3.43 -20.60
CA ARG B 215 33.57 -2.64 -20.85
C ARG B 215 33.23 -1.16 -21.01
N GLY B 216 34.08 -0.30 -20.47
CA GLY B 216 33.89 1.14 -20.59
C GLY B 216 32.83 1.63 -19.64
N THR B 217 32.79 1.03 -18.45
CA THR B 217 31.75 1.30 -17.49
C THR B 217 32.30 1.30 -16.07
N PHE B 218 31.84 2.22 -15.24
CA PHE B 218 32.15 2.17 -13.84
C PHE B 218 30.91 1.85 -13.00
N ARG B 219 31.13 1.29 -11.82
CA ARG B 219 30.06 0.85 -10.95
C ARG B 219 30.36 1.24 -9.51
N VAL B 220 29.43 1.97 -8.90
CA VAL B 220 29.57 2.39 -7.52
C VAL B 220 28.73 1.52 -6.59
N ARG B 221 29.29 1.24 -5.42
CA ARG B 221 28.58 0.47 -4.42
C ARG B 221 28.88 1.07 -3.05
N GLY B 222 28.62 2.36 -2.93
CA GLY B 222 28.88 3.09 -1.70
C GLY B 222 30.33 3.50 -1.57
N ASP B 223 31.17 2.58 -1.16
CA ASP B 223 32.60 2.86 -1.01
C ASP B 223 33.42 1.98 -1.93
N VAL B 224 32.75 1.13 -2.68
CA VAL B 224 33.39 0.25 -3.63
C VAL B 224 33.25 0.82 -5.03
N VAL B 225 34.36 1.17 -5.67
CA VAL B 225 34.30 1.70 -7.02
C VAL B 225 35.02 0.80 -8.01
N GLU B 226 34.25 0.17 -8.89
CA GLU B 226 34.84 -0.72 -9.88
C GLU B 226 34.85 -0.07 -11.25
N ILE B 227 36.02 -0.01 -11.88
CA ILE B 227 36.14 0.62 -13.20
C ILE B 227 36.55 -0.39 -14.28
N PHE B 228 35.82 -0.38 -15.39
CA PHE B 228 36.10 -1.27 -16.51
C PHE B 228 36.81 -0.54 -17.63
N PRO B 229 38.14 -0.65 -17.68
CA PRO B 229 38.97 0.06 -18.67
C PRO B 229 38.55 -0.27 -20.10
N ALA B 230 38.65 0.70 -20.99
CA ALA B 230 38.25 0.53 -22.38
C ALA B 230 39.15 -0.44 -23.12
N SER B 231 40.26 -0.81 -22.49
CA SER B 231 41.29 -1.63 -23.12
C SER B 231 41.19 -3.11 -22.74
N ARG B 232 40.38 -3.42 -21.74
CA ARG B 232 40.41 -4.73 -21.10
C ARG B 232 39.26 -5.66 -21.49
N ASP B 233 39.46 -6.96 -21.25
CA ASP B 233 38.47 -7.97 -21.52
C ASP B 233 37.74 -8.36 -20.23
N GLU B 234 38.48 -9.00 -19.33
CA GLU B 234 37.91 -9.56 -18.12
C GLU B 234 38.54 -8.90 -16.90
N HIS B 235 39.68 -8.27 -17.11
CA HIS B 235 40.43 -7.66 -16.02
C HIS B 235 39.96 -6.24 -15.75
N CYS B 236 39.27 -6.04 -14.63
CA CYS B 236 38.80 -4.71 -14.27
C CYS B 236 39.45 -4.17 -13.00
N ILE B 237 39.46 -2.86 -12.86
CA ILE B 237 40.12 -2.18 -11.74
C ILE B 237 39.15 -2.00 -10.58
N ARG B 238 39.66 -2.01 -9.36
CA ARG B 238 38.83 -1.87 -8.17
C ARG B 238 39.48 -0.93 -7.16
N VAL B 239 38.90 0.25 -7.00
CA VAL B 239 39.41 1.25 -6.07
C VAL B 239 38.41 1.57 -4.95
N GLU B 240 38.94 1.92 -3.79
CA GLU B 240 38.12 2.16 -2.61
C GLU B 240 38.72 3.24 -1.73
N PHE B 241 38.01 3.57 -0.65
CA PHE B 241 38.38 4.68 0.21
C PHE B 241 38.27 4.34 1.70
N PHE B 242 39.04 5.07 2.51
CA PHE B 242 38.90 5.02 3.96
C PHE B 242 39.04 6.46 4.47
N GLY B 243 38.01 7.26 4.19
CA GLY B 243 38.09 8.69 4.41
C GLY B 243 38.24 9.37 3.07
N ASP B 244 39.07 10.39 2.99
CA ASP B 244 39.35 11.04 1.73
C ASP B 244 40.69 10.58 1.15
N GLU B 245 40.97 9.29 1.30
CA GLU B 245 42.21 8.75 0.78
C GLU B 245 42.05 7.30 0.34
N ILE B 246 42.45 7.04 -0.90
CA ILE B 246 42.36 5.71 -1.49
C ILE B 246 43.17 4.69 -0.70
N GLU B 247 42.54 3.59 -0.34
CA GLU B 247 43.24 2.51 0.35
C GLU B 247 43.83 1.48 -0.60
N ARG B 248 43.01 0.56 -1.08
CA ARG B 248 43.51 -0.54 -1.90
C ARG B 248 42.99 -0.51 -3.33
N ILE B 249 43.86 -0.90 -4.25
CA ILE B 249 43.54 -0.92 -5.67
C ILE B 249 43.88 -2.29 -6.24
N ARG B 250 42.88 -3.01 -6.73
CA ARG B 250 43.10 -4.39 -7.16
C ARG B 250 42.60 -4.67 -8.57
N GLU B 251 43.04 -5.78 -9.15
CA GLU B 251 42.52 -6.23 -10.44
C GLU B 251 41.57 -7.40 -10.23
N VAL B 252 40.27 -7.13 -10.35
CA VAL B 252 39.24 -8.15 -10.20
C VAL B 252 38.72 -8.69 -11.52
N ASP B 253 38.46 -9.99 -11.55
CA ASP B 253 37.83 -10.62 -12.69
C ASP B 253 36.37 -10.23 -12.66
N ALA B 254 35.91 -9.58 -13.73
CA ALA B 254 34.55 -9.03 -13.79
C ALA B 254 33.50 -10.09 -13.50
N LEU B 255 32.41 -9.67 -12.88
CA LEU B 255 31.31 -10.56 -12.47
C LEU B 255 31.76 -11.87 -11.82
N THR B 256 32.82 -11.77 -11.02
CA THR B 256 33.36 -12.92 -10.29
C THR B 256 33.94 -12.47 -8.95
N GLY B 257 34.72 -11.41 -8.98
CA GLY B 257 35.33 -10.86 -7.78
C GLY B 257 36.64 -11.53 -7.43
N GLU B 258 37.07 -12.47 -8.27
CA GLU B 258 38.32 -13.17 -8.06
C GLU B 258 39.51 -12.23 -8.17
N VAL B 259 40.12 -11.91 -7.04
CA VAL B 259 41.26 -11.00 -6.99
C VAL B 259 42.45 -11.56 -7.75
N LEU B 260 42.92 -10.82 -8.75
CA LEU B 260 44.07 -11.24 -9.54
C LEU B 260 45.29 -10.35 -9.30
N GLY B 261 45.07 -9.05 -9.31
CA GLY B 261 46.16 -8.10 -9.20
C GLY B 261 46.34 -7.50 -7.82
N GLU B 262 47.31 -6.60 -7.70
CA GLU B 262 47.62 -5.94 -6.43
C GLU B 262 48.47 -4.70 -6.70
N ARG B 263 48.03 -3.90 -7.66
CA ARG B 263 48.80 -2.73 -8.10
C ARG B 263 48.78 -1.59 -7.09
N GLU B 264 49.83 -0.77 -7.13
CA GLU B 264 49.89 0.43 -6.30
C GLU B 264 49.61 1.67 -7.14
N HIS B 265 50.04 1.64 -8.40
CA HIS B 265 49.75 2.72 -9.33
C HIS B 265 48.87 2.19 -10.46
N VAL B 266 47.96 3.04 -10.94
CA VAL B 266 47.09 2.68 -12.05
C VAL B 266 46.59 3.91 -12.78
N ALA B 267 46.62 3.87 -14.10
CA ALA B 267 46.20 4.98 -14.93
C ALA B 267 45.03 4.56 -15.82
N ILE B 268 43.93 5.29 -15.73
CA ILE B 268 42.75 4.98 -16.52
C ILE B 268 42.61 5.96 -17.67
N PHE B 269 42.76 5.43 -18.87
CA PHE B 269 42.76 6.22 -20.10
C PHE B 269 41.34 6.40 -20.65
N PRO B 270 41.08 7.55 -21.30
CA PRO B 270 39.79 7.92 -21.89
C PRO B 270 39.17 6.81 -22.72
N ALA B 271 37.84 6.75 -22.71
CA ALA B 271 37.09 5.68 -23.36
C ALA B 271 36.85 6.03 -24.81
N SER B 272 37.16 7.26 -25.16
CA SER B 272 37.09 7.72 -26.54
C SER B 272 38.39 8.40 -26.90
N HIS B 273 38.73 8.33 -28.19
CA HIS B 273 39.93 8.99 -28.69
C HIS B 273 39.61 10.39 -29.22
N PHE B 274 38.54 11.00 -28.72
CA PHE B 274 38.20 12.36 -29.10
C PHE B 274 37.72 13.21 -27.93
N VAL B 275 38.34 13.03 -26.77
CA VAL B 275 37.97 13.79 -25.58
C VAL B 275 38.83 15.04 -25.41
N THR B 276 38.27 16.06 -24.77
CA THR B 276 38.90 17.37 -24.79
C THR B 276 38.82 18.13 -23.47
N ARG B 277 39.85 18.92 -23.20
CA ARG B 277 39.88 19.87 -22.09
C ARG B 277 38.68 20.80 -22.11
N GLU B 278 38.32 21.33 -20.94
CA GLU B 278 37.13 22.16 -20.83
C GLU B 278 37.32 23.53 -21.45
N GLU B 279 38.49 24.12 -21.27
CA GLU B 279 38.78 25.45 -21.80
C GLU B 279 38.87 25.41 -23.32
N LYS B 280 39.69 24.48 -23.81
CA LYS B 280 39.85 24.24 -25.24
C LYS B 280 38.50 23.93 -25.88
N MET B 281 37.64 23.24 -25.14
CA MET B 281 36.29 22.98 -25.60
C MET B 281 35.49 24.27 -25.69
N ARG B 282 35.61 25.11 -24.66
CA ARG B 282 34.89 26.39 -24.62
C ARG B 282 35.23 27.24 -25.83
N LEU B 283 36.51 27.28 -26.17
CA LEU B 283 36.97 28.05 -27.33
C LEU B 283 36.51 27.41 -28.65
N ALA B 284 36.73 26.10 -28.76
CA ALA B 284 36.40 25.35 -29.96
C ALA B 284 34.93 25.51 -30.33
N ILE B 285 34.07 25.50 -29.33
CA ILE B 285 32.63 25.67 -29.53
C ILE B 285 32.33 27.00 -30.22
N GLN B 286 32.95 28.08 -29.72
CA GLN B 286 32.80 29.41 -30.30
C GLN B 286 33.26 29.42 -31.76
N ASN B 287 34.44 28.84 -31.99
CA ASN B 287 34.96 28.72 -33.35
C ASN B 287 33.98 28.00 -34.30
N ILE B 288 33.36 26.94 -33.79
CA ILE B 288 32.39 26.16 -34.55
C ILE B 288 31.13 26.98 -34.85
N GLU B 289 30.72 27.78 -33.88
CA GLU B 289 29.60 28.69 -34.05
C GLU B 289 29.89 29.67 -35.18
N GLN B 290 31.13 30.16 -35.19
CA GLN B 290 31.56 31.11 -36.22
C GLN B 290 31.55 30.48 -37.62
N GLU B 291 32.18 29.30 -37.76
CA GLU B 291 32.19 28.60 -39.04
C GLU B 291 30.79 28.28 -39.52
N LEU B 292 29.92 27.91 -38.57
CA LEU B 292 28.54 27.60 -38.89
C LEU B 292 27.86 28.83 -39.46
N GLU B 293 27.99 29.95 -38.76
CA GLU B 293 27.42 31.21 -39.22
C GLU B 293 27.90 31.55 -40.64
N GLU B 294 29.21 31.41 -40.87
CA GLU B 294 29.78 31.73 -42.18
C GLU B 294 29.25 30.83 -43.31
N ARG B 295 29.33 29.52 -43.13
CA ARG B 295 28.81 28.58 -44.12
C ARG B 295 27.30 28.77 -44.34
N LEU B 296 26.58 29.11 -43.28
CA LEU B 296 25.16 29.38 -43.38
C LEU B 296 24.90 30.60 -44.26
N ALA B 297 25.59 31.70 -43.97
CA ALA B 297 25.52 32.93 -44.76
C ALA B 297 25.82 32.66 -46.23
N GLU B 298 26.85 31.84 -46.47
CA GLU B 298 27.26 31.44 -47.82
C GLU B 298 26.18 30.62 -48.54
N LEU B 299 25.58 29.66 -47.83
CA LEU B 299 24.55 28.80 -48.40
C LEU B 299 23.30 29.58 -48.77
N ARG B 300 22.91 30.49 -47.89
CA ARG B 300 21.71 31.29 -48.12
C ARG B 300 21.97 32.37 -49.17
N ALA B 301 23.23 32.73 -49.33
CA ALA B 301 23.62 33.71 -50.35
C ALA B 301 23.43 33.14 -51.75
N GLN B 302 23.75 31.86 -51.94
CA GLN B 302 23.67 31.24 -53.25
C GLN B 302 22.38 30.46 -53.45
N GLY B 303 21.39 30.75 -52.62
CA GLY B 303 20.06 30.20 -52.78
C GLY B 303 19.88 28.78 -52.27
N LYS B 304 20.92 28.23 -51.65
CA LYS B 304 20.84 26.88 -51.09
C LYS B 304 20.29 26.94 -49.68
N LEU B 305 18.99 27.23 -49.57
CA LEU B 305 18.34 27.45 -48.28
C LEU B 305 18.01 26.15 -47.56
N LEU B 306 17.58 25.15 -48.32
CA LEU B 306 17.34 23.80 -47.83
C LEU B 306 18.55 23.29 -47.05
N GLU B 307 19.70 23.34 -47.69
CA GLU B 307 20.97 22.90 -47.12
C GLU B 307 21.28 23.65 -45.83
N ALA B 308 21.00 24.95 -45.85
CA ALA B 308 21.20 25.82 -44.70
C ALA B 308 20.34 25.39 -43.51
N GLN B 309 19.09 25.02 -43.81
CA GLN B 309 18.16 24.55 -42.80
C GLN B 309 18.69 23.25 -42.17
N ARG B 310 18.99 22.28 -43.02
CA ARG B 310 19.55 20.99 -42.59
C ARG B 310 20.76 21.18 -41.68
N LEU B 311 21.73 21.91 -42.22
CA LEU B 311 23.00 22.19 -41.53
C LEU B 311 22.78 22.86 -40.19
N GLU B 312 21.89 23.86 -40.16
CA GLU B 312 21.60 24.56 -38.92
C GLU B 312 21.02 23.61 -37.87
N GLN B 313 19.99 22.85 -38.24
CA GLN B 313 19.41 21.88 -37.31
C GLN B 313 20.48 20.98 -36.69
N ARG B 314 21.15 20.21 -37.54
CA ARG B 314 22.14 19.24 -37.05
C ARG B 314 23.27 19.89 -36.23
N THR B 315 23.86 20.96 -36.77
CA THR B 315 24.98 21.62 -36.11
C THR B 315 24.59 22.18 -34.75
N ARG B 316 23.40 22.76 -34.68
CA ARG B 316 22.93 23.32 -33.42
C ARG B 316 22.76 22.21 -32.39
N TYR B 317 22.14 21.11 -32.80
CA TYR B 317 22.01 19.93 -31.95
C TYR B 317 23.35 19.47 -31.36
N ASP B 318 24.31 19.22 -32.25
CA ASP B 318 25.64 18.79 -31.82
C ASP B 318 26.27 19.80 -30.86
N LEU B 319 26.15 21.08 -31.20
CA LEU B 319 26.68 22.17 -30.40
C LEU B 319 26.14 22.17 -28.97
N GLU B 320 24.84 21.93 -28.83
CA GLU B 320 24.23 21.88 -27.51
C GLU B 320 24.65 20.64 -26.73
N MET B 321 24.76 19.51 -27.41
CA MET B 321 25.24 18.31 -26.72
C MET B 321 26.66 18.51 -26.20
N MET B 322 27.49 19.20 -26.98
CA MET B 322 28.86 19.56 -26.61
C MET B 322 28.92 20.58 -25.46
N ARG B 323 28.04 21.58 -25.49
CA ARG B 323 27.96 22.55 -24.40
C ARG B 323 27.56 21.85 -23.12
N GLU B 324 26.75 20.80 -23.27
CA GLU B 324 26.23 20.11 -22.10
C GLU B 324 27.21 19.14 -21.47
N MET B 325 27.69 18.19 -22.26
CA MET B 325 28.50 17.11 -21.70
C MET B 325 29.85 16.94 -22.39
N GLY B 326 30.28 17.98 -23.09
CA GLY B 326 31.60 18.00 -23.69
C GLY B 326 31.82 17.00 -24.80
N PHE B 327 30.73 16.40 -25.29
CA PHE B 327 30.82 15.50 -26.43
C PHE B 327 29.44 15.20 -27.02
N CYS B 328 29.44 14.51 -28.16
CA CYS B 328 28.23 14.04 -28.82
C CYS B 328 28.55 12.87 -29.74
N SER B 329 27.57 12.47 -30.56
CA SER B 329 27.76 11.40 -31.53
C SER B 329 28.30 11.98 -32.84
N GLY B 330 29.31 11.32 -33.41
CA GLY B 330 29.96 11.83 -34.59
C GLY B 330 30.85 13.03 -34.28
N ILE B 331 31.42 13.04 -33.08
CA ILE B 331 32.27 14.12 -32.61
C ILE B 331 33.54 14.23 -33.46
N GLU B 332 33.88 13.13 -34.13
CA GLU B 332 35.03 13.06 -35.01
C GLU B 332 35.03 14.20 -36.01
N ASN B 333 33.86 14.49 -36.58
CA ASN B 333 33.71 15.53 -37.58
C ASN B 333 34.08 16.94 -37.10
N TYR B 334 34.38 17.10 -35.81
CA TYR B 334 34.77 18.41 -35.29
C TYR B 334 36.21 18.41 -34.78
N SER B 335 36.89 17.29 -34.97
CA SER B 335 38.22 17.05 -34.41
C SER B 335 39.17 18.24 -34.51
N ARG B 336 39.34 18.74 -35.73
CA ARG B 336 40.20 19.90 -35.98
C ARG B 336 39.86 21.04 -35.04
N HIS B 337 38.60 21.45 -35.02
CA HIS B 337 38.15 22.52 -34.13
C HIS B 337 38.48 22.21 -32.68
N LEU B 338 38.28 20.95 -32.29
CA LEU B 338 38.55 20.51 -30.92
C LEU B 338 40.05 20.55 -30.61
N ALA B 339 40.87 20.33 -31.64
CA ALA B 339 42.32 20.38 -31.52
C ALA B 339 42.83 21.82 -31.58
N LEU B 340 41.93 22.75 -31.88
CA LEU B 340 42.27 24.16 -32.06
C LEU B 340 43.41 24.37 -33.05
N ARG B 341 43.28 23.72 -34.21
CA ARG B 341 44.33 23.74 -35.21
C ARG B 341 43.88 24.52 -36.44
N PRO B 342 44.83 25.00 -37.25
CA PRO B 342 44.50 25.72 -38.47
C PRO B 342 43.68 24.87 -39.44
N PRO B 343 42.76 25.50 -40.19
CA PRO B 343 41.97 24.81 -41.22
C PRO B 343 42.87 24.21 -42.29
N GLY B 344 42.66 22.94 -42.61
CA GLY B 344 43.47 22.25 -43.58
C GLY B 344 44.65 21.54 -42.94
N SER B 345 44.66 21.48 -41.61
CA SER B 345 45.76 20.88 -40.88
C SER B 345 45.86 19.37 -41.12
N THR B 346 47.10 18.89 -41.24
CA THR B 346 47.36 17.45 -41.36
C THR B 346 46.97 16.76 -40.07
N PRO B 347 45.95 15.89 -40.12
CA PRO B 347 45.38 15.26 -38.93
C PRO B 347 46.38 14.39 -38.15
N TYR B 348 46.17 14.27 -36.84
CA TYR B 348 46.95 13.34 -36.03
C TYR B 348 46.38 11.94 -36.23
N THR B 349 47.25 10.93 -36.28
CA THR B 349 46.79 9.55 -36.46
C THR B 349 47.42 8.62 -35.44
N LEU B 350 47.21 7.32 -35.65
CA LEU B 350 47.73 6.29 -34.76
C LEU B 350 49.26 6.30 -34.80
N LEU B 351 49.81 6.77 -35.91
CA LEU B 351 51.26 6.85 -36.10
C LEU B 351 51.90 7.74 -35.04
N ASP B 352 51.20 8.78 -34.64
CA ASP B 352 51.71 9.74 -33.68
C ASP B 352 51.72 9.15 -32.27
N TYR B 353 50.87 8.17 -32.03
CA TYR B 353 50.78 7.54 -30.70
C TYR B 353 52.02 6.72 -30.38
N PHE B 354 52.61 6.13 -31.41
CA PHE B 354 53.89 5.42 -31.29
C PHE B 354 54.97 6.41 -30.90
N PRO B 355 56.06 5.92 -30.30
CA PRO B 355 57.22 6.78 -30.02
C PRO B 355 57.86 7.26 -31.32
N ASP B 356 58.88 8.11 -31.20
CA ASP B 356 59.54 8.66 -32.38
C ASP B 356 60.26 7.55 -33.14
N ASP B 357 60.96 6.69 -32.43
CA ASP B 357 61.83 5.70 -33.04
C ASP B 357 61.13 4.39 -33.40
N PHE B 358 59.84 4.47 -33.70
CA PHE B 358 59.07 3.27 -33.98
C PHE B 358 59.38 2.70 -35.36
N LEU B 359 58.93 1.47 -35.59
CA LEU B 359 59.24 0.76 -36.84
C LEU B 359 57.98 0.36 -37.58
N ILE B 360 58.00 0.51 -38.90
CA ILE B 360 56.86 0.14 -39.72
C ILE B 360 57.14 -1.04 -40.64
N ILE B 361 56.23 -2.01 -40.63
CA ILE B 361 56.29 -3.15 -41.55
C ILE B 361 55.08 -3.15 -42.46
N VAL B 362 55.30 -3.16 -43.78
CA VAL B 362 54.19 -3.17 -44.73
C VAL B 362 54.11 -4.48 -45.49
N ASP B 363 53.18 -5.35 -45.08
CA ASP B 363 53.02 -6.65 -45.70
C ASP B 363 52.24 -6.57 -47.01
N GLU B 364 52.68 -7.37 -47.99
CA GLU B 364 52.14 -7.32 -49.35
C GLU B 364 52.13 -5.89 -49.86
N SER B 365 53.30 -5.27 -49.84
CA SER B 365 53.44 -3.84 -50.10
C SER B 365 52.87 -3.38 -51.44
N HIS B 366 53.01 -4.22 -52.46
CA HIS B 366 52.64 -3.85 -53.83
C HIS B 366 51.13 -3.61 -54.01
N VAL B 367 50.36 -3.91 -52.97
CA VAL B 367 48.93 -3.64 -52.97
C VAL B 367 48.54 -2.76 -51.76
N THR B 368 49.19 -3.00 -50.63
CA THR B 368 48.94 -2.22 -49.42
C THR B 368 49.30 -0.75 -49.61
N LEU B 369 50.43 -0.48 -50.25
CA LEU B 369 50.87 0.90 -50.49
C LEU B 369 49.93 1.71 -51.40
N PRO B 370 49.50 1.13 -52.55
CA PRO B 370 48.50 1.84 -53.36
C PRO B 370 47.15 2.00 -52.66
N GLN B 371 46.77 1.02 -51.84
CA GLN B 371 45.51 1.09 -51.11
C GLN B 371 45.55 2.25 -50.12
N LEU B 372 46.70 2.42 -49.47
CA LEU B 372 46.94 3.52 -48.56
C LEU B 372 46.78 4.84 -49.33
N ARG B 373 47.33 4.86 -50.54
CA ARG B 373 47.35 6.04 -51.41
C ARG B 373 45.95 6.49 -51.84
N GLY B 374 45.04 5.53 -52.02
CA GLY B 374 43.70 5.84 -52.48
C GLY B 374 42.75 6.32 -51.39
N MET B 375 43.11 6.05 -50.13
CA MET B 375 42.24 6.35 -48.99
C MET B 375 41.84 7.81 -48.88
N TYR B 376 42.70 8.71 -49.36
CA TYR B 376 42.43 10.13 -49.25
C TYR B 376 41.33 10.61 -50.22
N ASN B 377 41.37 10.11 -51.46
CA ASN B 377 40.42 10.53 -52.49
C ASN B 377 39.00 10.03 -52.27
N GLY B 378 38.87 8.78 -51.82
CA GLY B 378 37.57 8.20 -51.55
C GLY B 378 36.88 8.88 -50.40
N ASP B 379 37.66 9.23 -49.39
CA ASP B 379 37.11 9.88 -48.20
C ASP B 379 36.72 11.33 -48.49
N ARG B 380 37.58 12.06 -49.19
CA ARG B 380 37.30 13.45 -49.52
C ARG B 380 36.05 13.60 -50.39
N ALA B 381 35.90 12.71 -51.36
CA ALA B 381 34.72 12.70 -52.23
C ALA B 381 33.45 12.46 -51.41
N ARG B 382 33.51 11.47 -50.53
CA ARG B 382 32.39 11.11 -49.67
C ARG B 382 31.99 12.23 -48.72
N LYS B 383 32.98 12.97 -48.23
CA LYS B 383 32.72 14.04 -47.28
C LYS B 383 32.33 15.35 -47.97
N GLN B 384 32.80 15.53 -49.19
CA GLN B 384 32.52 16.76 -49.94
C GLN B 384 31.04 16.85 -50.32
N VAL B 385 30.47 15.70 -50.69
CA VAL B 385 29.05 15.59 -51.01
C VAL B 385 28.22 15.95 -49.78
N LEU B 386 28.69 15.49 -48.62
CA LEU B 386 28.05 15.78 -47.35
C LEU B 386 28.10 17.27 -46.99
N VAL B 387 29.17 17.94 -47.38
CA VAL B 387 29.32 19.38 -47.12
C VAL B 387 28.49 20.20 -48.10
N ASP B 388 28.43 19.71 -49.34
CA ASP B 388 27.64 20.36 -50.39
C ASP B 388 26.16 20.41 -50.05
N HIS B 389 25.62 19.29 -49.58
CA HIS B 389 24.19 19.22 -49.29
C HIS B 389 23.87 19.63 -47.85
N GLY B 390 24.88 20.12 -47.14
CA GLY B 390 24.69 20.70 -45.83
C GLY B 390 24.65 19.74 -44.66
N PHE B 391 25.16 18.53 -44.84
CA PHE B 391 25.16 17.57 -43.75
C PHE B 391 26.29 17.83 -42.78
N ARG B 392 27.31 18.55 -43.23
CA ARG B 392 28.48 18.82 -42.42
C ARG B 392 29.03 20.21 -42.63
N LEU B 393 29.83 20.67 -41.68
CA LEU B 393 30.61 21.88 -41.86
C LEU B 393 31.81 21.52 -42.72
N PRO B 394 32.36 22.50 -43.45
CA PRO B 394 33.53 22.23 -44.30
C PRO B 394 34.72 21.69 -43.50
N SER B 395 34.80 22.05 -42.22
CA SER B 395 35.88 21.60 -41.34
C SER B 395 35.91 20.09 -41.16
N ALA B 396 34.82 19.42 -41.54
CA ALA B 396 34.72 17.98 -41.45
C ALA B 396 35.64 17.33 -42.47
N LEU B 397 36.07 18.13 -43.44
CA LEU B 397 37.05 17.67 -44.43
C LEU B 397 38.42 17.54 -43.79
N ASP B 398 38.63 18.21 -42.65
CA ASP B 398 39.91 18.16 -41.97
C ASP B 398 40.03 16.97 -41.03
N ASN B 399 38.92 16.26 -40.86
CA ASN B 399 38.98 14.95 -40.21
C ASN B 399 39.00 13.87 -41.29
N ARG B 400 40.21 13.46 -41.64
CA ARG B 400 40.41 12.63 -42.83
C ARG B 400 41.61 11.71 -42.66
N PRO B 401 41.70 10.67 -43.50
CA PRO B 401 42.94 9.89 -43.55
C PRO B 401 44.08 10.71 -44.16
N LEU B 402 45.32 10.30 -43.91
CA LEU B 402 46.46 11.05 -44.42
C LEU B 402 46.56 10.91 -45.93
N THR B 403 47.21 11.88 -46.56
CA THR B 403 47.64 11.71 -47.93
C THR B 403 48.96 10.96 -47.87
N PHE B 404 49.39 10.42 -49.01
CA PHE B 404 50.55 9.56 -49.01
C PHE B 404 51.82 10.29 -48.56
N GLU B 405 51.88 11.58 -48.84
CA GLU B 405 53.04 12.40 -48.50
C GLU B 405 53.19 12.57 -47.01
N GLU B 406 52.09 12.87 -46.33
CA GLU B 406 52.09 13.02 -44.89
C GLU B 406 52.53 11.72 -44.24
N PHE B 407 52.07 10.59 -44.81
CA PHE B 407 52.49 9.27 -44.37
C PHE B 407 54.00 9.10 -44.54
N GLU B 408 54.52 9.53 -45.69
CA GLU B 408 55.96 9.51 -45.94
C GLU B 408 56.72 10.29 -44.86
N GLN B 409 56.27 11.50 -44.56
CA GLN B 409 56.90 12.33 -43.54
C GLN B 409 56.81 11.69 -42.15
N LYS B 410 55.74 10.93 -41.93
CA LYS B 410 55.50 10.32 -40.63
C LYS B 410 56.48 9.17 -40.34
N ILE B 411 57.18 8.70 -41.36
CA ILE B 411 57.99 7.49 -41.21
C ILE B 411 59.34 7.72 -40.56
N ASN B 412 59.65 6.89 -39.56
CA ASN B 412 60.99 6.85 -39.00
C ASN B 412 61.86 5.87 -39.77
N GLN B 413 61.50 4.60 -39.70
CA GLN B 413 62.14 3.57 -40.51
C GLN B 413 61.05 2.68 -41.09
N ILE B 414 61.36 1.98 -42.17
CA ILE B 414 60.35 1.15 -42.83
C ILE B 414 60.92 -0.05 -43.57
N ILE B 415 60.19 -1.16 -43.52
CA ILE B 415 60.55 -2.37 -44.24
C ILE B 415 59.35 -2.90 -45.00
N TYR B 416 59.44 -2.89 -46.34
CA TYR B 416 58.39 -3.43 -47.18
C TYR B 416 58.59 -4.94 -47.37
N ILE B 417 57.49 -5.67 -47.53
CA ILE B 417 57.58 -7.12 -47.74
C ILE B 417 56.75 -7.55 -48.94
N SER B 418 57.39 -8.19 -49.92
CA SER B 418 56.63 -8.68 -51.07
C SER B 418 57.39 -9.72 -51.89
N ALA B 419 56.63 -10.61 -52.55
CA ALA B 419 57.20 -11.50 -53.54
C ALA B 419 57.50 -10.70 -54.79
N THR B 420 56.66 -9.70 -55.02
CA THR B 420 56.79 -8.82 -56.17
C THR B 420 56.68 -7.35 -55.74
N PRO B 421 57.77 -6.78 -55.22
CA PRO B 421 57.81 -5.39 -54.76
C PRO B 421 57.40 -4.40 -55.85
N GLY B 422 56.56 -3.44 -55.50
CA GLY B 422 56.10 -2.44 -56.44
C GLY B 422 57.16 -1.42 -56.77
N PRO B 423 56.83 -0.47 -57.66
CA PRO B 423 57.70 0.60 -58.13
C PRO B 423 58.28 1.44 -57.00
N TYR B 424 57.40 1.91 -56.10
CA TYR B 424 57.80 2.79 -55.02
C TYR B 424 58.86 2.15 -54.12
N GLU B 425 58.57 0.93 -53.66
CA GLU B 425 59.47 0.18 -52.78
C GLU B 425 60.87 0.07 -53.35
N LEU B 426 60.97 -0.46 -54.57
CA LEU B 426 62.24 -0.61 -55.28
C LEU B 426 62.93 0.73 -55.47
N GLU B 427 62.14 1.76 -55.74
CA GLU B 427 62.67 3.09 -56.01
C GLU B 427 63.34 3.72 -54.79
N HIS B 428 62.72 3.58 -53.61
CA HIS B 428 63.22 4.23 -52.41
C HIS B 428 64.18 3.37 -51.57
N SER B 429 64.31 2.10 -51.94
CA SER B 429 65.15 1.19 -51.17
C SER B 429 66.51 0.97 -51.84
N PRO B 430 67.54 0.72 -51.02
CA PRO B 430 68.88 0.37 -51.50
C PRO B 430 68.88 -1.06 -52.04
N GLY B 431 68.25 -1.26 -53.19
CA GLY B 431 68.10 -2.58 -53.76
C GLY B 431 67.13 -3.41 -52.93
N VAL B 432 67.27 -4.72 -52.99
CA VAL B 432 66.39 -5.60 -52.24
C VAL B 432 67.17 -6.62 -51.42
N VAL B 433 66.55 -7.11 -50.35
CA VAL B 433 67.08 -8.23 -49.60
C VAL B 433 66.30 -9.48 -50.01
N GLU B 434 66.99 -10.46 -50.60
CA GLU B 434 66.33 -11.64 -51.14
C GLU B 434 66.19 -12.80 -50.16
N GLN B 435 65.02 -13.42 -50.20
CA GLN B 435 64.72 -14.61 -49.41
C GLN B 435 63.93 -15.55 -50.31
N ILE B 436 64.63 -16.52 -50.91
CA ILE B 436 64.05 -17.33 -51.97
C ILE B 436 63.99 -18.83 -51.61
N ILE B 437 64.88 -19.26 -50.70
CA ILE B 437 64.94 -20.65 -50.28
C ILE B 437 63.92 -21.00 -49.17
N ARG B 438 63.08 -22.00 -49.45
CA ARG B 438 62.04 -22.45 -48.54
C ARG B 438 62.58 -23.53 -47.58
N PRO B 439 61.99 -23.63 -46.37
CA PRO B 439 62.48 -24.59 -45.38
C PRO B 439 62.28 -26.06 -45.77
N THR B 440 61.45 -26.32 -46.79
CA THR B 440 61.18 -27.68 -47.22
C THR B 440 61.89 -28.02 -48.53
N GLY B 441 62.61 -27.06 -49.07
CA GLY B 441 63.34 -27.25 -50.31
C GLY B 441 62.45 -27.18 -51.53
N LEU B 442 61.22 -26.74 -51.33
CA LEU B 442 60.26 -26.56 -52.42
C LEU B 442 60.76 -25.55 -53.45
N LEU B 443 60.58 -25.87 -54.73
CA LEU B 443 61.08 -25.03 -55.82
C LEU B 443 59.97 -24.20 -56.46
N ASP B 444 60.33 -23.04 -57.02
CA ASP B 444 59.40 -22.32 -57.88
C ASP B 444 59.11 -23.21 -59.08
N PRO B 445 57.85 -23.26 -59.52
CA PRO B 445 57.43 -24.22 -60.54
C PRO B 445 58.04 -24.00 -61.92
N THR B 446 57.92 -25.00 -62.79
CA THR B 446 58.30 -24.85 -64.18
C THR B 446 57.15 -24.19 -64.93
N ILE B 447 57.44 -23.56 -66.06
CA ILE B 447 56.43 -22.81 -66.78
C ILE B 447 56.31 -23.21 -68.25
N ASP B 448 55.13 -23.68 -68.63
CA ASP B 448 54.83 -23.96 -70.03
C ASP B 448 53.93 -22.87 -70.61
N VAL B 449 54.33 -22.30 -71.74
CA VAL B 449 53.47 -21.36 -72.47
C VAL B 449 52.98 -21.98 -73.78
N ARG B 450 51.67 -22.16 -73.90
CA ARG B 450 51.07 -22.89 -75.00
C ARG B 450 50.09 -22.05 -75.82
N PRO B 451 49.91 -22.39 -77.11
CA PRO B 451 49.00 -21.61 -77.97
C PRO B 451 47.56 -21.66 -77.48
N THR B 452 46.75 -20.68 -77.89
CA THR B 452 45.36 -20.59 -77.47
C THR B 452 44.45 -21.58 -78.19
N LYS B 453 44.78 -21.94 -79.42
CA LYS B 453 43.97 -22.88 -80.18
C LYS B 453 44.02 -24.27 -79.55
N GLY B 454 42.87 -24.76 -79.08
CA GLY B 454 42.79 -26.07 -78.46
C GLY B 454 43.28 -26.06 -77.02
N GLN B 455 43.13 -24.91 -76.37
CA GLN B 455 43.54 -24.72 -74.98
C GLN B 455 42.67 -25.50 -73.98
N ILE B 456 41.36 -25.58 -74.26
CA ILE B 456 40.41 -26.23 -73.36
C ILE B 456 40.64 -27.73 -73.24
N ASP B 457 40.85 -28.38 -74.37
CA ASP B 457 41.12 -29.81 -74.42
C ASP B 457 42.50 -30.14 -73.84
N ASP B 458 43.47 -29.28 -74.12
CA ASP B 458 44.83 -29.41 -73.58
C ASP B 458 44.79 -29.40 -72.05
N LEU B 459 44.21 -28.33 -71.51
CA LEU B 459 44.01 -28.16 -70.08
C LEU B 459 43.20 -29.30 -69.47
N ILE B 460 42.21 -29.78 -70.22
CA ILE B 460 41.42 -30.93 -69.83
C ILE B 460 42.28 -32.19 -69.64
N GLY B 461 43.13 -32.51 -70.62
CA GLY B 461 44.05 -33.62 -70.52
C GLY B 461 45.01 -33.52 -69.34
N GLU B 462 45.64 -32.36 -69.20
CA GLU B 462 46.51 -32.08 -68.06
C GLU B 462 45.79 -32.28 -66.73
N ILE B 463 44.56 -31.78 -66.65
CA ILE B 463 43.70 -31.93 -65.49
C ILE B 463 43.42 -33.39 -65.18
N HIS B 464 43.17 -34.19 -66.22
CA HIS B 464 42.91 -35.62 -66.04
C HIS B 464 44.14 -36.30 -65.44
N GLU B 465 45.31 -35.94 -65.98
CA GLU B 465 46.58 -36.43 -65.44
C GLU B 465 46.80 -36.04 -63.97
N ARG B 466 46.42 -34.82 -63.61
CA ARG B 466 46.49 -34.39 -62.22
C ARG B 466 45.55 -35.22 -61.34
N VAL B 467 44.33 -35.42 -61.83
CA VAL B 467 43.32 -36.19 -61.11
C VAL B 467 43.79 -37.61 -60.83
N GLU B 468 44.42 -38.22 -61.84
CA GLU B 468 45.01 -39.54 -61.69
C GLU B 468 46.09 -39.56 -60.60
N ARG B 469 46.82 -38.45 -60.49
CA ARG B 469 47.90 -38.34 -59.51
C ARG B 469 47.47 -37.79 -58.15
N ASN B 470 46.15 -37.70 -57.94
CA ASN B 470 45.59 -37.18 -56.70
C ASN B 470 46.08 -35.76 -56.38
N GLU B 471 45.91 -34.86 -57.33
CA GLU B 471 46.43 -33.50 -57.21
C GLU B 471 45.41 -32.47 -57.72
N ARG B 472 45.56 -31.22 -57.27
CA ARG B 472 44.57 -30.20 -57.58
C ARG B 472 45.07 -29.20 -58.64
N THR B 473 44.12 -28.48 -59.24
CA THR B 473 44.41 -27.53 -60.31
C THR B 473 43.69 -26.19 -60.11
N LEU B 474 44.41 -25.10 -60.33
CA LEU B 474 43.84 -23.75 -60.30
C LEU B 474 43.85 -23.16 -61.70
N VAL B 475 42.71 -22.61 -62.12
CA VAL B 475 42.60 -22.01 -63.45
C VAL B 475 42.09 -20.59 -63.38
N THR B 476 42.81 -19.68 -64.03
CA THR B 476 42.39 -18.28 -64.04
C THR B 476 42.13 -17.79 -65.46
N THR B 477 40.97 -17.20 -65.66
CA THR B 477 40.60 -16.62 -66.95
C THR B 477 40.44 -15.10 -66.80
N LEU B 478 40.55 -14.39 -67.92
CA LEU B 478 40.52 -12.94 -67.89
C LEU B 478 39.13 -12.39 -67.59
N THR B 479 38.11 -13.06 -68.12
CA THR B 479 36.73 -12.57 -67.98
C THR B 479 35.80 -13.56 -67.29
N LYS B 480 34.76 -13.03 -66.66
CA LYS B 480 33.76 -13.82 -65.95
C LYS B 480 33.05 -14.81 -66.88
N LYS B 481 32.66 -14.32 -68.06
CA LYS B 481 31.97 -15.12 -69.06
C LYS B 481 32.78 -16.35 -69.44
N MET B 482 34.05 -16.14 -69.74
CA MET B 482 34.96 -17.24 -70.07
C MET B 482 35.11 -18.21 -68.89
N ALA B 483 35.04 -17.68 -67.68
CA ALA B 483 35.13 -18.51 -66.48
C ALA B 483 33.94 -19.46 -66.37
N GLU B 484 32.74 -18.92 -66.55
CA GLU B 484 31.52 -19.74 -66.48
C GLU B 484 31.45 -20.74 -67.63
N ASP B 485 31.77 -20.29 -68.83
CA ASP B 485 31.83 -21.15 -70.01
C ASP B 485 32.80 -22.31 -69.80
N LEU B 486 33.95 -22.02 -69.21
CA LEU B 486 34.95 -23.03 -68.94
C LEU B 486 34.49 -24.01 -67.87
N THR B 487 33.83 -23.49 -66.83
CA THR B 487 33.28 -24.35 -65.79
C THR B 487 32.29 -25.34 -66.38
N ASP B 488 31.42 -24.83 -67.26
CA ASP B 488 30.48 -25.68 -67.97
C ASP B 488 31.21 -26.71 -68.82
N TYR B 489 32.23 -26.27 -69.55
CA TYR B 489 32.99 -27.14 -70.45
C TYR B 489 33.71 -28.24 -69.68
N LEU B 490 34.03 -27.96 -68.41
CA LEU B 490 34.75 -28.89 -67.56
C LEU B 490 33.83 -29.89 -66.88
N LYS B 491 32.65 -29.41 -66.47
CA LYS B 491 31.65 -30.30 -65.87
C LYS B 491 31.21 -31.39 -66.85
N GLU B 492 31.16 -31.03 -68.13
CA GLU B 492 30.73 -31.94 -69.18
C GLU B 492 31.79 -33.00 -69.50
N ALA B 493 33.05 -32.69 -69.18
CA ALA B 493 34.13 -33.65 -69.39
C ALA B 493 34.18 -34.70 -68.28
N GLY B 494 33.43 -34.44 -67.21
CA GLY B 494 33.37 -35.34 -66.07
C GLY B 494 34.32 -34.91 -64.96
N ILE B 495 34.71 -33.65 -64.97
CA ILE B 495 35.68 -33.12 -64.01
C ILE B 495 35.03 -32.42 -62.83
N LYS B 496 35.46 -32.75 -61.61
CA LYS B 496 34.97 -32.11 -60.40
C LYS B 496 35.51 -30.68 -60.30
N VAL B 497 34.70 -29.72 -60.69
CA VAL B 497 35.12 -28.32 -60.76
C VAL B 497 34.14 -27.40 -60.03
N ALA B 498 34.66 -26.51 -59.19
CA ALA B 498 33.84 -25.48 -58.54
C ALA B 498 34.21 -24.10 -59.07
N TYR B 499 33.23 -23.22 -59.18
CA TYR B 499 33.46 -21.86 -59.67
C TYR B 499 33.46 -20.83 -58.54
N LEU B 500 34.62 -20.22 -58.31
CA LEU B 500 34.78 -19.19 -57.29
C LEU B 500 34.31 -17.84 -57.83
N HIS B 501 33.03 -17.54 -57.61
CA HIS B 501 32.41 -16.32 -58.15
C HIS B 501 33.18 -15.10 -57.66
N SER B 502 33.28 -14.09 -58.52
CA SER B 502 34.07 -12.89 -58.25
C SER B 502 33.63 -12.15 -57.00
N GLU B 503 32.37 -12.37 -56.60
CA GLU B 503 31.86 -11.83 -55.35
C GLU B 503 31.00 -12.87 -54.61
N ILE B 504 31.66 -13.82 -53.94
CA ILE B 504 30.95 -14.83 -53.18
C ILE B 504 31.19 -14.66 -51.68
N LYS B 505 30.26 -15.15 -50.87
CA LYS B 505 30.29 -14.99 -49.41
C LYS B 505 31.64 -15.42 -48.80
N THR B 506 32.16 -14.59 -47.91
CA THR B 506 33.51 -14.75 -47.38
C THR B 506 33.68 -16.07 -46.60
N LEU B 507 32.57 -16.54 -46.03
CA LEU B 507 32.56 -17.80 -45.29
C LEU B 507 32.42 -19.02 -46.20
N GLU B 508 31.83 -18.81 -47.39
CA GLU B 508 31.66 -19.88 -48.37
C GLU B 508 32.96 -20.12 -49.14
N ARG B 509 33.75 -19.05 -49.25
CA ARG B 509 35.10 -19.10 -49.78
C ARG B 509 35.88 -20.24 -49.11
N ILE B 510 35.95 -20.16 -47.78
CA ILE B 510 36.63 -21.14 -46.95
C ILE B 510 36.09 -22.54 -47.17
N GLU B 511 34.77 -22.65 -47.30
CA GLU B 511 34.11 -23.93 -47.53
C GLU B 511 34.54 -24.58 -48.84
N ILE B 512 34.43 -23.84 -49.93
CA ILE B 512 34.75 -24.35 -51.26
C ILE B 512 36.23 -24.70 -51.37
N ILE B 513 37.09 -23.84 -50.83
CA ILE B 513 38.54 -24.10 -50.84
C ILE B 513 38.91 -25.35 -50.04
N ARG B 514 38.38 -25.43 -48.82
CA ARG B 514 38.56 -26.61 -47.97
C ARG B 514 38.07 -27.87 -48.67
N ASP B 515 36.96 -27.75 -49.40
CA ASP B 515 36.40 -28.86 -50.14
C ASP B 515 37.28 -29.24 -51.34
N LEU B 516 38.02 -28.25 -51.86
CA LEU B 516 39.00 -28.53 -52.90
C LEU B 516 40.15 -29.33 -52.28
N ARG B 517 40.53 -28.95 -51.07
CA ARG B 517 41.58 -29.64 -50.33
C ARG B 517 41.19 -31.08 -50.01
N LEU B 518 39.92 -31.29 -49.68
CA LEU B 518 39.42 -32.64 -49.38
C LEU B 518 39.26 -33.46 -50.65
N GLY B 519 39.10 -32.80 -51.78
CA GLY B 519 39.00 -33.48 -53.06
C GLY B 519 37.59 -33.67 -53.57
N LYS B 520 36.63 -32.96 -52.96
CA LYS B 520 35.27 -32.91 -53.50
C LYS B 520 35.31 -32.23 -54.87
N TYR B 521 36.26 -31.30 -55.04
CA TYR B 521 36.56 -30.74 -56.34
C TYR B 521 37.99 -31.11 -56.71
N ASP B 522 38.26 -31.23 -58.00
CA ASP B 522 39.62 -31.48 -58.48
C ASP B 522 40.22 -30.21 -59.07
N VAL B 523 39.35 -29.34 -59.59
CA VAL B 523 39.79 -28.06 -60.16
C VAL B 523 38.99 -26.91 -59.54
N LEU B 524 39.57 -25.71 -59.55
CA LEU B 524 38.87 -24.51 -59.09
C LEU B 524 39.09 -23.37 -60.09
N VAL B 525 37.98 -22.82 -60.59
CA VAL B 525 38.04 -21.76 -61.60
C VAL B 525 37.65 -20.40 -61.02
N GLY B 526 38.49 -19.40 -61.25
CA GLY B 526 38.25 -18.05 -60.77
C GLY B 526 38.98 -17.03 -61.60
N ILE B 527 38.63 -15.76 -61.42
CA ILE B 527 39.26 -14.67 -62.16
C ILE B 527 40.52 -14.19 -61.43
N ASN B 528 40.35 -13.88 -60.15
CA ASN B 528 41.46 -13.45 -59.31
C ASN B 528 41.92 -14.56 -58.37
N LEU B 529 43.16 -14.99 -58.53
CA LEU B 529 43.74 -16.03 -57.69
C LEU B 529 44.65 -15.45 -56.63
N LEU B 530 44.71 -14.13 -56.57
CA LEU B 530 45.61 -13.46 -55.64
C LEU B 530 44.93 -13.28 -54.28
N ARG B 531 43.60 -13.39 -54.26
CA ARG B 531 42.85 -13.31 -53.00
C ARG B 531 43.22 -14.49 -52.09
N GLU B 532 43.44 -14.17 -50.82
CA GLU B 532 44.03 -15.10 -49.86
C GLU B 532 43.23 -16.38 -49.65
N GLY B 533 43.88 -17.38 -49.08
CA GLY B 533 43.26 -18.67 -48.82
C GLY B 533 43.53 -19.66 -49.93
N LEU B 534 44.18 -19.20 -50.98
CA LEU B 534 44.45 -20.04 -52.14
C LEU B 534 45.85 -20.64 -52.15
N ASP B 535 46.51 -20.62 -50.99
CA ASP B 535 47.77 -21.33 -50.83
C ASP B 535 47.49 -22.78 -50.43
N ILE B 536 47.36 -23.63 -51.43
CA ILE B 536 46.96 -25.03 -51.23
C ILE B 536 48.06 -25.99 -51.64
N PRO B 537 48.59 -26.77 -50.69
CA PRO B 537 49.62 -27.78 -50.92
C PRO B 537 49.17 -28.86 -51.90
N GLU B 538 47.86 -29.07 -51.99
CA GLU B 538 47.29 -30.06 -52.90
C GLU B 538 47.29 -29.62 -54.36
N VAL B 539 47.46 -28.32 -54.61
CA VAL B 539 47.48 -27.78 -55.97
C VAL B 539 48.86 -27.97 -56.59
N SER B 540 48.91 -28.71 -57.71
CA SER B 540 50.18 -28.98 -58.38
C SER B 540 50.22 -28.33 -59.76
N LEU B 541 49.10 -27.79 -60.21
CA LEU B 541 49.01 -27.18 -61.52
C LEU B 541 48.18 -25.90 -61.49
N VAL B 542 48.70 -24.85 -62.11
CA VAL B 542 47.96 -23.60 -62.28
C VAL B 542 47.95 -23.19 -63.75
N ALA B 543 46.75 -23.08 -64.32
CA ALA B 543 46.59 -22.71 -65.72
C ALA B 543 46.20 -21.24 -65.88
N ILE B 544 46.99 -20.50 -66.67
CA ILE B 544 46.71 -19.08 -66.90
C ILE B 544 46.33 -18.81 -68.36
N LEU B 545 45.02 -18.84 -68.63
CA LEU B 545 44.53 -18.48 -69.96
C LEU B 545 44.63 -16.98 -70.13
N ASP B 546 44.67 -16.54 -71.39
CA ASP B 546 44.78 -15.11 -71.72
C ASP B 546 45.97 -14.45 -71.02
N ALA B 547 47.08 -15.19 -70.95
CA ALA B 547 48.27 -14.72 -70.25
C ALA B 547 48.89 -13.48 -70.89
N ASP B 548 48.57 -13.27 -72.16
CA ASP B 548 49.17 -12.18 -72.93
C ASP B 548 48.28 -10.94 -73.01
N LYS B 549 47.08 -11.04 -72.47
CA LYS B 549 46.09 -9.97 -72.61
C LYS B 549 46.34 -8.79 -71.69
N GLU B 550 45.66 -7.67 -71.98
CA GLU B 550 45.79 -6.47 -71.17
C GLU B 550 44.91 -6.56 -69.93
N GLY B 551 45.46 -6.14 -68.79
CA GLY B 551 44.74 -6.21 -67.53
C GLY B 551 45.70 -6.26 -66.36
N PHE B 552 45.23 -5.85 -65.19
CA PHE B 552 46.06 -5.79 -63.99
C PHE B 552 46.55 -7.17 -63.56
N LEU B 553 45.75 -8.19 -63.85
CA LEU B 553 46.04 -9.55 -63.39
C LEU B 553 46.98 -10.31 -64.32
N ARG B 554 47.41 -9.65 -65.39
CA ARG B 554 48.36 -10.24 -66.32
C ARG B 554 49.66 -9.46 -66.31
N SER B 555 49.83 -8.63 -65.29
CA SER B 555 51.06 -7.85 -65.16
C SER B 555 52.18 -8.71 -64.58
N GLU B 556 53.42 -8.32 -64.91
CA GLU B 556 54.65 -8.85 -64.32
C GLU B 556 54.47 -9.38 -62.90
N ARG B 557 54.18 -8.48 -61.98
CA ARG B 557 54.00 -8.79 -60.56
C ARG B 557 52.81 -9.72 -60.28
N SER B 558 51.69 -9.44 -60.93
CA SER B 558 50.48 -10.25 -60.80
C SER B 558 50.73 -11.66 -61.31
N LEU B 559 51.52 -11.74 -62.38
CA LEU B 559 51.88 -13.00 -62.99
C LEU B 559 52.80 -13.82 -62.09
N ILE B 560 53.80 -13.18 -61.49
CA ILE B 560 54.67 -13.87 -60.55
C ILE B 560 53.89 -14.35 -59.31
N GLN B 561 53.03 -13.48 -58.78
CA GLN B 561 52.19 -13.82 -57.62
C GLN B 561 51.29 -15.02 -57.89
N THR B 562 50.71 -15.04 -59.09
CA THR B 562 49.89 -16.17 -59.53
C THR B 562 50.71 -17.43 -59.69
N ILE B 563 51.91 -17.30 -60.25
CA ILE B 563 52.84 -18.41 -60.40
C ILE B 563 53.17 -19.01 -59.02
N GLY B 564 53.23 -18.15 -58.01
CA GLY B 564 53.52 -18.59 -56.65
C GLY B 564 52.48 -19.49 -56.00
N ARG B 565 51.42 -19.80 -56.73
CA ARG B 565 50.36 -20.65 -56.20
C ARG B 565 50.67 -22.14 -56.33
N ALA B 566 51.62 -22.47 -57.22
CA ALA B 566 52.00 -23.85 -57.48
C ALA B 566 53.31 -24.22 -56.78
N ALA B 567 53.82 -23.28 -55.98
CA ALA B 567 55.10 -23.46 -55.30
C ALA B 567 54.92 -24.21 -53.99
N ARG B 568 53.67 -24.51 -53.65
CA ARG B 568 53.35 -25.21 -52.42
C ARG B 568 53.37 -26.73 -52.62
N ASN B 569 53.55 -27.16 -53.86
CA ASN B 569 53.64 -28.59 -54.18
C ASN B 569 54.99 -28.95 -54.80
N ALA B 570 55.44 -30.18 -54.58
CA ALA B 570 56.74 -30.62 -55.06
C ALA B 570 56.77 -30.78 -56.58
N ASN B 571 55.60 -31.05 -57.16
CA ASN B 571 55.48 -31.21 -58.61
C ASN B 571 54.79 -30.03 -59.27
N GLY B 572 54.84 -28.88 -58.60
CA GLY B 572 54.18 -27.68 -59.08
C GLY B 572 54.56 -27.28 -60.50
N HIS B 573 53.54 -26.98 -61.31
CA HIS B 573 53.74 -26.60 -62.70
C HIS B 573 52.76 -25.51 -63.12
N VAL B 574 53.24 -24.59 -63.97
CA VAL B 574 52.39 -23.50 -64.46
C VAL B 574 52.21 -23.56 -65.97
N ILE B 575 50.97 -23.49 -66.44
CA ILE B 575 50.70 -23.44 -67.87
C ILE B 575 50.02 -22.13 -68.26
N MET B 576 50.74 -21.29 -69.00
CA MET B 576 50.17 -20.05 -69.51
C MET B 576 49.67 -20.24 -70.94
N TYR B 577 48.42 -19.88 -71.18
CA TYR B 577 47.88 -19.97 -72.54
C TYR B 577 47.88 -18.62 -73.24
N ALA B 578 48.74 -18.50 -74.25
CA ALA B 578 48.90 -17.26 -75.00
C ALA B 578 49.33 -17.51 -76.44
N ASP B 579 49.21 -16.46 -77.25
CA ASP B 579 49.58 -16.48 -78.67
C ASP B 579 50.87 -15.68 -78.88
N THR B 580 51.16 -14.78 -77.95
CA THR B 580 52.37 -13.96 -78.00
C THR B 580 53.09 -13.96 -76.64
N ILE B 581 54.32 -13.44 -76.61
CA ILE B 581 55.08 -13.34 -75.38
C ILE B 581 55.28 -11.87 -75.00
N THR B 582 54.43 -11.37 -74.11
CA THR B 582 54.49 -9.98 -73.67
C THR B 582 55.71 -9.76 -72.77
N LYS B 583 55.99 -8.50 -72.46
CA LYS B 583 57.13 -8.16 -71.62
C LYS B 583 56.92 -8.72 -70.21
N SER B 584 55.68 -8.63 -69.74
CA SER B 584 55.31 -9.13 -68.42
C SER B 584 55.57 -10.63 -68.27
N MET B 585 55.12 -11.41 -69.25
CA MET B 585 55.35 -12.84 -69.31
C MET B 585 56.85 -13.15 -69.33
N GLU B 586 57.59 -12.41 -70.14
CA GLU B 586 59.04 -12.49 -70.19
C GLU B 586 59.66 -12.37 -68.80
N ILE B 587 59.39 -11.24 -68.14
CA ILE B 587 59.97 -10.95 -66.83
C ILE B 587 59.59 -12.00 -65.77
N ALA B 588 58.32 -12.40 -65.77
CA ALA B 588 57.82 -13.39 -64.82
C ALA B 588 58.51 -14.74 -64.98
N ILE B 589 58.49 -15.24 -66.21
CA ILE B 589 59.14 -16.50 -66.54
C ILE B 589 60.62 -16.48 -66.15
N GLN B 590 61.31 -15.38 -66.48
CA GLN B 590 62.75 -15.26 -66.21
C GLN B 590 63.07 -15.24 -64.72
N GLU B 591 62.31 -14.46 -63.97
CA GLU B 591 62.43 -14.41 -62.51
C GLU B 591 62.21 -15.80 -61.90
N THR B 592 61.12 -16.46 -62.27
CA THR B 592 60.81 -17.80 -61.78
C THR B 592 61.95 -18.77 -62.07
N LYS B 593 62.50 -18.66 -63.28
CA LYS B 593 63.62 -19.47 -63.71
C LYS B 593 64.83 -19.26 -62.77
N ARG B 594 65.14 -17.99 -62.49
CA ARG B 594 66.27 -17.63 -61.64
C ARG B 594 66.11 -18.22 -60.24
N ARG B 595 64.97 -17.90 -59.62
CA ARG B 595 64.66 -18.41 -58.29
C ARG B 595 64.74 -19.94 -58.21
N ARG B 596 64.20 -20.60 -59.23
CA ARG B 596 64.21 -22.06 -59.28
C ARG B 596 65.64 -22.61 -59.37
N ALA B 597 66.47 -21.97 -60.20
CA ALA B 597 67.86 -22.36 -60.36
C ALA B 597 68.64 -22.25 -59.05
N ILE B 598 68.48 -21.11 -58.38
CA ILE B 598 69.11 -20.88 -57.08
C ILE B 598 68.63 -21.88 -56.01
N GLN B 599 67.33 -22.16 -56.01
CA GLN B 599 66.77 -23.11 -55.05
C GLN B 599 67.30 -24.53 -55.24
N GLU B 600 67.42 -24.97 -56.50
CA GLU B 600 68.02 -26.28 -56.80
C GLU B 600 69.52 -26.32 -56.47
N GLU B 601 70.19 -25.17 -56.62
CA GLU B 601 71.58 -25.03 -56.18
C GLU B 601 71.67 -25.28 -54.68
N TYR B 602 70.79 -24.62 -53.92
CA TYR B 602 70.71 -24.79 -52.47
C TYR B 602 70.48 -26.25 -52.08
N ASN B 603 69.41 -26.83 -52.63
CA ASN B 603 69.05 -28.22 -52.35
C ASN B 603 70.16 -29.21 -52.69
N ARG B 604 70.86 -28.96 -53.79
CA ARG B 604 72.01 -29.75 -54.17
C ARG B 604 73.12 -29.62 -53.12
N LYS B 605 73.34 -28.39 -52.67
CA LYS B 605 74.40 -28.09 -51.71
C LYS B 605 74.13 -28.61 -50.28
N HIS B 606 72.86 -28.88 -49.97
CA HIS B 606 72.49 -29.39 -48.64
C HIS B 606 72.03 -30.84 -48.63
N GLY B 607 71.76 -31.40 -49.81
CA GLY B 607 71.19 -32.73 -49.89
C GLY B 607 69.75 -32.74 -49.45
N ILE B 608 68.97 -31.80 -50.00
CA ILE B 608 67.55 -31.72 -49.69
C ILE B 608 66.72 -32.24 -50.85
N VAL B 609 65.74 -33.08 -50.53
CA VAL B 609 64.75 -33.49 -51.52
C VAL B 609 63.44 -32.77 -51.23
N PRO B 610 62.95 -31.99 -52.20
CA PRO B 610 61.72 -31.22 -52.05
C PRO B 610 60.51 -32.13 -51.83
N ARG B 611 59.67 -31.78 -50.86
CA ARG B 611 58.44 -32.54 -50.61
C ARG B 611 57.33 -31.67 -50.04
N THR B 612 56.11 -31.94 -50.47
CA THR B 612 54.95 -31.10 -50.17
C THR B 612 54.68 -30.94 -48.67
N VAL B 613 54.52 -29.69 -48.24
CA VAL B 613 54.17 -29.38 -46.86
C VAL B 613 52.75 -29.81 -46.56
N LYS B 614 52.60 -30.78 -45.66
CA LYS B 614 51.27 -31.24 -45.28
C LYS B 614 50.64 -30.27 -44.29
N LYS B 615 49.33 -30.08 -44.41
CA LYS B 615 48.59 -29.23 -43.48
C LYS B 615 47.24 -29.85 -43.12
N GLU B 616 46.90 -29.82 -41.83
CA GLU B 616 45.61 -30.32 -41.37
C GLU B 616 44.49 -29.43 -41.91
N ILE B 617 43.31 -30.01 -42.09
CA ILE B 617 42.18 -29.27 -42.66
C ILE B 617 41.18 -28.88 -41.57
N ARG B 618 40.72 -27.64 -41.60
CA ARG B 618 39.91 -27.10 -40.50
C ARG B 618 38.42 -27.39 -40.67
N ASP B 619 37.64 -27.00 -39.67
CA ASP B 619 36.19 -27.21 -39.71
C ASP B 619 35.42 -25.94 -39.35
N VAL B 620 34.53 -26.07 -38.37
CA VAL B 620 33.68 -24.97 -37.94
C VAL B 620 34.48 -23.96 -37.12
#